data_8GZM
# 
_entry.id   8GZM 
# 
_audit_conform.dict_name       mmcif_pdbx.dic 
_audit_conform.dict_version    5.392 
_audit_conform.dict_location   http://mmcif.pdb.org/dictionaries/ascii/mmcif_pdbx.dic 
# 
loop_
_database_2.database_id 
_database_2.database_code 
_database_2.pdbx_database_accession 
_database_2.pdbx_DOI 
PDB   8GZM         pdb_00008gzm 10.2210/pdb8gzm/pdb 
WWPDB D_1300032516 ?            ?                   
# 
loop_
_pdbx_audit_revision_history.ordinal 
_pdbx_audit_revision_history.data_content_type 
_pdbx_audit_revision_history.major_revision 
_pdbx_audit_revision_history.minor_revision 
_pdbx_audit_revision_history.revision_date 
1 'Structure model' 1 0 2023-08-09 
2 'Structure model' 1 1 2024-05-29 
# 
_pdbx_audit_revision_details.ordinal             1 
_pdbx_audit_revision_details.revision_ordinal    1 
_pdbx_audit_revision_details.data_content_type   'Structure model' 
_pdbx_audit_revision_details.provider            repository 
_pdbx_audit_revision_details.type                'Initial release' 
_pdbx_audit_revision_details.description         ? 
_pdbx_audit_revision_details.details             ? 
# 
_pdbx_audit_revision_group.ordinal             1 
_pdbx_audit_revision_group.revision_ordinal    2 
_pdbx_audit_revision_group.data_content_type   'Structure model' 
_pdbx_audit_revision_group.group               'Data collection' 
# 
loop_
_pdbx_audit_revision_category.ordinal 
_pdbx_audit_revision_category.revision_ordinal 
_pdbx_audit_revision_category.data_content_type 
_pdbx_audit_revision_category.category 
1 2 'Structure model' chem_comp_atom 
2 2 'Structure model' chem_comp_bond 
# 
_pdbx_database_status.status_code                     REL 
_pdbx_database_status.status_code_sf                  REL 
_pdbx_database_status.status_code_mr                  ? 
_pdbx_database_status.entry_id                        8GZM 
_pdbx_database_status.recvd_initial_deposition_date   2022-09-27 
_pdbx_database_status.SG_entry                        N 
_pdbx_database_status.deposit_site                    PDBJ 
_pdbx_database_status.process_site                    PDBC 
_pdbx_database_status.status_code_cs                  ? 
_pdbx_database_status.status_code_nmr_data            ? 
_pdbx_database_status.methods_development_category    ? 
_pdbx_database_status.pdb_format_compatible           Y 
# 
_pdbx_contact_author.id                 2 
_pdbx_contact_author.email              ganjhh@fudan.edu.cn 
_pdbx_contact_author.name_first         Jianhua 
_pdbx_contact_author.name_last          Gan 
_pdbx_contact_author.name_mi            ? 
_pdbx_contact_author.role               'principal investigator/group leader' 
_pdbx_contact_author.identifier_ORCID   0000-0002-8438-8852 
# 
loop_
_audit_author.name 
_audit_author.pdbx_ordinal 
_audit_author.identifier_ORCID 
'Gan, J.H.' 1 0000-0002-8438-8852 
'Liu, H.H.' 2 0000-0001-5633-1333 
'Gao, Y.Q.' 3 0000-0002-0989-0631 
# 
_citation.abstract                  ? 
_citation.abstract_id_CAS           ? 
_citation.book_id_ISBN              ? 
_citation.book_publisher            ? 
_citation.book_publisher_city       ? 
_citation.book_title                ? 
_citation.coordinate_linkage        ? 
_citation.country                   UK 
_citation.database_id_Medline       ? 
_citation.details                   ? 
_citation.id                        primary 
_citation.journal_abbrev            'Nucleic Acids Res.' 
_citation.journal_id_ASTM           NARHAD 
_citation.journal_id_CSD            0389 
_citation.journal_id_ISSN           1362-4962 
_citation.journal_full              ? 
_citation.journal_issue             ? 
_citation.journal_volume            51 
_citation.language                  ? 
_citation.page_first                4625 
_citation.page_last                 4636 
_citation.title                     'Crystal structures and identification of novel Cd2+-specific DNA aptamer.' 
_citation.year                      2023 
_citation.database_id_CSD           ? 
_citation.pdbx_database_id_DOI      10.1093/nar/gkad239 
_citation.pdbx_database_id_PubMed   37013991 
_citation.pdbx_database_id_patent   ? 
_citation.unpublished_flag          ? 
# 
loop_
_citation_author.citation_id 
_citation_author.name 
_citation_author.ordinal 
_citation_author.identifier_ORCID 
primary 'Liu, H.'         1  ?                   
primary 'Gao, Y.'         2  ?                   
primary 'Mathivanan, J.'  3  ?                   
primary 'Armour-Garb, Z.' 4  ?                   
primary 'Shao, Z.'        5  ?                   
primary 'Zhang, Y.'       6  ?                   
primary 'Zhao, X.'        7  ?                   
primary 'Shao, Q.'        8  ?                   
primary 'Zhang, W.'       9  ?                   
primary 'Yang, J.'        10 ?                   
primary 'Cao, C.'         11 ?                   
primary 'Li, H.'          12 ?                   
primary 'Sheng, J.'       13 0000-0001-6198-390X 
primary 'Gan, J.'         14 0000-0002-8438-8852 
# 
loop_
_entity.id 
_entity.type 
_entity.src_method 
_entity.pdbx_description 
_entity.formula_weight 
_entity.pdbx_number_of_molecules 
_entity.pdbx_ec 
_entity.pdbx_mutation 
_entity.pdbx_fragment 
_entity.details 
1 polymer     syn '25-mer DNA'  7676.922 1 ? T22C ? ? 
2 non-polymer syn 'CADMIUM ION' 112.411  2 ? ?    ? ? 
3 non-polymer syn 'BARIUM ION'  137.327  3 ? ?    ? ? 
4 water       nat water         18.015   5 ? ?    ? ? 
# 
_entity_poly.entity_id                      1 
_entity_poly.type                           polydeoxyribonucleotide 
_entity_poly.nstd_linkage                   no 
_entity_poly.nstd_monomer                   no 
_entity_poly.pdbx_seq_one_letter_code       
;(DG)(DC)(DC)(DG)(DA)(DC)(DG)(DG)(DG)(DT)(DT)(DC)(DA)(DC)(DA)(DG)(DT)(DC)(DC)(DG)
(DT)(DC)(DG)(DG)(DC)
;
_entity_poly.pdbx_seq_one_letter_code_can   GCCGACGGGTTCACAGTCCGTCGGC 
_entity_poly.pdbx_strand_id                 A 
_entity_poly.pdbx_target_identifier         ? 
# 
loop_
_pdbx_entity_nonpoly.entity_id 
_pdbx_entity_nonpoly.name 
_pdbx_entity_nonpoly.comp_id 
2 'CADMIUM ION' CD  
3 'BARIUM ION'  BA  
4 water         HOH 
# 
loop_
_entity_poly_seq.entity_id 
_entity_poly_seq.num 
_entity_poly_seq.mon_id 
_entity_poly_seq.hetero 
1 1  DG n 
1 2  DC n 
1 3  DC n 
1 4  DG n 
1 5  DA n 
1 6  DC n 
1 7  DG n 
1 8  DG n 
1 9  DG n 
1 10 DT n 
1 11 DT n 
1 12 DC n 
1 13 DA n 
1 14 DC n 
1 15 DA n 
1 16 DG n 
1 17 DT n 
1 18 DC n 
1 19 DC n 
1 20 DG n 
1 21 DT n 
1 22 DC n 
1 23 DG n 
1 24 DG n 
1 25 DC n 
# 
_pdbx_entity_src_syn.entity_id              1 
_pdbx_entity_src_syn.pdbx_src_id            1 
_pdbx_entity_src_syn.pdbx_alt_source_flag   sample 
_pdbx_entity_src_syn.pdbx_beg_seq_num       1 
_pdbx_entity_src_syn.pdbx_end_seq_num       25 
_pdbx_entity_src_syn.organism_scientific    'synthetic construct' 
_pdbx_entity_src_syn.organism_common_name   ? 
_pdbx_entity_src_syn.ncbi_taxonomy_id       32630 
_pdbx_entity_src_syn.details                ? 
# 
loop_
_chem_comp.id 
_chem_comp.type 
_chem_comp.mon_nstd_flag 
_chem_comp.name 
_chem_comp.pdbx_synonyms 
_chem_comp.formula 
_chem_comp.formula_weight 
BA  non-polymer   . 'BARIUM ION'                         ? 'Ba 2'            137.327 
CD  non-polymer   . 'CADMIUM ION'                        ? 'Cd 2'            112.411 
DA  'DNA linking' y "2'-DEOXYADENOSINE-5'-MONOPHOSPHATE" ? 'C10 H14 N5 O6 P' 331.222 
DC  'DNA linking' y "2'-DEOXYCYTIDINE-5'-MONOPHOSPHATE"  ? 'C9 H14 N3 O7 P'  307.197 
DG  'DNA linking' y "2'-DEOXYGUANOSINE-5'-MONOPHOSPHATE" ? 'C10 H14 N5 O7 P' 347.221 
DT  'DNA linking' y "THYMIDINE-5'-MONOPHOSPHATE"         ? 'C10 H15 N2 O8 P' 322.208 
HOH non-polymer   . WATER                                ? 'H2 O'            18.015  
# 
loop_
_pdbx_poly_seq_scheme.asym_id 
_pdbx_poly_seq_scheme.entity_id 
_pdbx_poly_seq_scheme.seq_id 
_pdbx_poly_seq_scheme.mon_id 
_pdbx_poly_seq_scheme.ndb_seq_num 
_pdbx_poly_seq_scheme.pdb_seq_num 
_pdbx_poly_seq_scheme.auth_seq_num 
_pdbx_poly_seq_scheme.pdb_mon_id 
_pdbx_poly_seq_scheme.auth_mon_id 
_pdbx_poly_seq_scheme.pdb_strand_id 
_pdbx_poly_seq_scheme.pdb_ins_code 
_pdbx_poly_seq_scheme.hetero 
A 1 1  DG 1  1  1  DG DG A . n 
A 1 2  DC 2  2  2  DC DC A . n 
A 1 3  DC 3  3  3  DC DC A . n 
A 1 4  DG 4  4  4  DG DG A . n 
A 1 5  DA 5  5  5  DA DA A . n 
A 1 6  DC 6  6  6  DC DC A . n 
A 1 7  DG 7  7  7  DG DG A . n 
A 1 8  DG 8  8  8  DG DG A . n 
A 1 9  DG 9  9  9  DG DG A . n 
A 1 10 DT 10 10 10 DT DT A . n 
A 1 11 DT 11 11 11 DT DT A . n 
A 1 12 DC 12 12 12 DC DC A . n 
A 1 13 DA 13 13 13 DA DA A . n 
A 1 14 DC 14 14 14 DC DC A . n 
A 1 15 DA 15 15 15 DA DA A . n 
A 1 16 DG 16 16 16 DG DG A . n 
A 1 17 DT 17 17 17 DT DT A . n 
A 1 18 DC 18 18 18 DC DC A . n 
A 1 19 DC 19 19 19 DC DC A . n 
A 1 20 DG 20 20 20 DG DG A . n 
A 1 21 DT 21 21 21 DT DT A . n 
A 1 22 DC 22 22 22 DC DC A . n 
A 1 23 DG 23 23 23 DG DG A . n 
A 1 24 DG 24 24 24 DG DG A . n 
A 1 25 DC 25 25 25 DC DC A . n 
# 
loop_
_pdbx_nonpoly_scheme.asym_id 
_pdbx_nonpoly_scheme.entity_id 
_pdbx_nonpoly_scheme.mon_id 
_pdbx_nonpoly_scheme.ndb_seq_num 
_pdbx_nonpoly_scheme.pdb_seq_num 
_pdbx_nonpoly_scheme.auth_seq_num 
_pdbx_nonpoly_scheme.pdb_mon_id 
_pdbx_nonpoly_scheme.auth_mon_id 
_pdbx_nonpoly_scheme.pdb_strand_id 
_pdbx_nonpoly_scheme.pdb_ins_code 
B 2 CD  1 101 1 CD  CD  A . 
C 2 CD  1 102 2 CD  CD  A . 
D 3 BA  1 103 1 BA  BA  A . 
E 3 BA  1 104 2 BA  BA  A . 
F 3 BA  1 105 3 BA  BA  A . 
G 4 HOH 1 201 1 HOH HOH A . 
G 4 HOH 2 202 2 HOH HOH A . 
G 4 HOH 3 203 4 HOH HOH A . 
G 4 HOH 4 204 5 HOH HOH A . 
G 4 HOH 5 205 3 HOH HOH A . 
# 
loop_
_software.citation_id 
_software.classification 
_software.compiler_name 
_software.compiler_version 
_software.contact_author 
_software.contact_author_email 
_software.date 
_software.description 
_software.dependencies 
_software.hardware 
_software.language 
_software.location 
_software.mods 
_software.name 
_software.os 
_software.os_version 
_software.type 
_software.version 
_software.pdbx_ordinal 
? 'data scaling'    ? ? ? ? ? ? ? ? ? ? ? HKL-2000    ? ? ? .           1 
? refinement        ? ? ? ? ? ? ? ? ? ? ? PHENIX      ? ? ? 1.19.1_4122 2 
? 'data extraction' ? ? ? ? ? ? ? ? ? ? ? PDB_EXTRACT ? ? ? 3.27        3 
? 'data reduction'  ? ? ? ? ? ? ? ? ? ? ? HKL-2000    ? ? ? .           4 
? phasing           ? ? ? ? ? ? ? ? ? ? ? PHASER      ? ? ? .           5 
# 
_cell.angle_alpha                  90.000 
_cell.angle_alpha_esd              ? 
_cell.angle_beta                   90.000 
_cell.angle_beta_esd               ? 
_cell.angle_gamma                  90.000 
_cell.angle_gamma_esd              ? 
_cell.entry_id                     8GZM 
_cell.details                      ? 
_cell.formula_units_Z              ? 
_cell.length_a                     46.388 
_cell.length_a_esd                 ? 
_cell.length_b                     46.388 
_cell.length_b_esd                 ? 
_cell.length_c                     107.301 
_cell.length_c_esd                 ? 
_cell.volume                       ? 
_cell.volume_esd                   ? 
_cell.Z_PDB                        8 
_cell.reciprocal_angle_alpha       ? 
_cell.reciprocal_angle_beta        ? 
_cell.reciprocal_angle_gamma       ? 
_cell.reciprocal_angle_alpha_esd   ? 
_cell.reciprocal_angle_beta_esd    ? 
_cell.reciprocal_angle_gamma_esd   ? 
_cell.reciprocal_length_a          ? 
_cell.reciprocal_length_b          ? 
_cell.reciprocal_length_c          ? 
_cell.reciprocal_length_a_esd      ? 
_cell.reciprocal_length_b_esd      ? 
_cell.reciprocal_length_c_esd      ? 
_cell.pdbx_unique_axis             ? 
_cell.pdbx_esd_method              ? 
# 
_symmetry.entry_id                         8GZM 
_symmetry.cell_setting                     ? 
_symmetry.Int_Tables_number                96 
_symmetry.space_group_name_Hall            ? 
_symmetry.space_group_name_H-M             'P 43 21 2' 
_symmetry.pdbx_full_space_group_name_H-M   ? 
# 
_exptl.absorpt_coefficient_mu     ? 
_exptl.absorpt_correction_T_max   ? 
_exptl.absorpt_correction_T_min   ? 
_exptl.absorpt_correction_type    ? 
_exptl.absorpt_process_details    ? 
_exptl.entry_id                   8GZM 
_exptl.crystals_number            1 
_exptl.details                    ? 
_exptl.method                     'X-RAY DIFFRACTION' 
_exptl.method_details             ? 
# 
_exptl_crystal.colour                       ? 
_exptl_crystal.density_diffrn               ? 
_exptl_crystal.density_Matthews             3.76 
_exptl_crystal.density_method               ? 
_exptl_crystal.density_percent_sol          67.28 
_exptl_crystal.description                  Rod-like 
_exptl_crystal.F_000                        ? 
_exptl_crystal.id                           1 
_exptl_crystal.preparation                  ? 
_exptl_crystal.size_max                     ? 
_exptl_crystal.size_mid                     ? 
_exptl_crystal.size_min                     ? 
_exptl_crystal.size_rad                     ? 
_exptl_crystal.colour_lustre                ? 
_exptl_crystal.colour_modifier              ? 
_exptl_crystal.colour_primary               ? 
_exptl_crystal.density_meas                 ? 
_exptl_crystal.density_meas_esd             ? 
_exptl_crystal.density_meas_gt              ? 
_exptl_crystal.density_meas_lt              ? 
_exptl_crystal.density_meas_temp            ? 
_exptl_crystal.density_meas_temp_esd        ? 
_exptl_crystal.density_meas_temp_gt         ? 
_exptl_crystal.density_meas_temp_lt         ? 
_exptl_crystal.pdbx_crystal_image_url       ? 
_exptl_crystal.pdbx_crystal_image_format    ? 
_exptl_crystal.pdbx_mosaicity               ? 
_exptl_crystal.pdbx_mosaicity_esd           ? 
_exptl_crystal.pdbx_mosaic_method           ? 
_exptl_crystal.pdbx_mosaic_block_size       ? 
_exptl_crystal.pdbx_mosaic_block_size_esd   ? 
# 
_exptl_crystal_grow.apparatus       ? 
_exptl_crystal_grow.atmosphere      ? 
_exptl_crystal_grow.crystal_id      1 
_exptl_crystal_grow.details         ? 
_exptl_crystal_grow.method          'VAPOR DIFFUSION, HANGING DROP' 
_exptl_crystal_grow.method_ref      ? 
_exptl_crystal_grow.pH              6.0 
_exptl_crystal_grow.pressure        ? 
_exptl_crystal_grow.pressure_esd    ? 
_exptl_crystal_grow.seeding         ? 
_exptl_crystal_grow.seeding_ref     ? 
_exptl_crystal_grow.temp            291 
_exptl_crystal_grow.temp_details    ? 
_exptl_crystal_grow.temp_esd        ? 
_exptl_crystal_grow.time            ? 
_exptl_crystal_grow.pdbx_details    '10% MPD' 
_exptl_crystal_grow.pdbx_pH_range   ? 
# 
_diffrn.ambient_environment              ? 
_diffrn.ambient_temp                     100 
_diffrn.ambient_temp_details             ? 
_diffrn.ambient_temp_esd                 ? 
_diffrn.crystal_id                       1 
_diffrn.crystal_support                  ? 
_diffrn.crystal_treatment                ? 
_diffrn.details                          ? 
_diffrn.id                               1 
_diffrn.ambient_pressure                 ? 
_diffrn.ambient_pressure_esd             ? 
_diffrn.ambient_pressure_gt              ? 
_diffrn.ambient_pressure_lt              ? 
_diffrn.ambient_temp_gt                  ? 
_diffrn.ambient_temp_lt                  ? 
_diffrn.pdbx_serial_crystal_experiment   N 
# 
_diffrn_detector.details                      ? 
_diffrn_detector.detector                     CCD 
_diffrn_detector.diffrn_id                    1 
_diffrn_detector.type                         'MARMOSAIC 325 mm CCD' 
_diffrn_detector.area_resol_mean              ? 
_diffrn_detector.dtime                        ? 
_diffrn_detector.pdbx_frames_total            ? 
_diffrn_detector.pdbx_collection_time_total   ? 
_diffrn_detector.pdbx_collection_date         2019-06-08 
_diffrn_detector.pdbx_frequency               ? 
# 
_diffrn_radiation.collimation                      ? 
_diffrn_radiation.diffrn_id                        1 
_diffrn_radiation.filter_edge                      ? 
_diffrn_radiation.inhomogeneity                    ? 
_diffrn_radiation.monochromator                    ? 
_diffrn_radiation.polarisn_norm                    ? 
_diffrn_radiation.polarisn_ratio                   ? 
_diffrn_radiation.probe                            ? 
_diffrn_radiation.type                             ? 
_diffrn_radiation.xray_symbol                      ? 
_diffrn_radiation.wavelength_id                    1 
_diffrn_radiation.pdbx_monochromatic_or_laue_m_l   M 
_diffrn_radiation.pdbx_wavelength_list             ? 
_diffrn_radiation.pdbx_wavelength                  ? 
_diffrn_radiation.pdbx_diffrn_protocol             'SINGLE WAVELENGTH' 
_diffrn_radiation.pdbx_analyzer                    ? 
_diffrn_radiation.pdbx_scattering_type             x-ray 
# 
_diffrn_radiation_wavelength.id           1 
_diffrn_radiation_wavelength.wavelength   0.979 
_diffrn_radiation_wavelength.wt           1.0 
# 
_diffrn_source.current                     ? 
_diffrn_source.details                     ? 
_diffrn_source.diffrn_id                   1 
_diffrn_source.power                       ? 
_diffrn_source.size                        ? 
_diffrn_source.source                      SYNCHROTRON 
_diffrn_source.target                      ? 
_diffrn_source.type                        'SSRF BEAMLINE BL18U1' 
_diffrn_source.voltage                     ? 
_diffrn_source.take-off_angle              ? 
_diffrn_source.pdbx_wavelength_list        0.979 
_diffrn_source.pdbx_wavelength             ? 
_diffrn_source.pdbx_synchrotron_beamline   BL18U1 
_diffrn_source.pdbx_synchrotron_site       SSRF 
# 
_reflns.B_iso_Wilson_estimate                          50.030 
_reflns.entry_id                                       8GZM 
_reflns.data_reduction_details                         ? 
_reflns.data_reduction_method                          ? 
_reflns.d_resolution_high                              2.550 
_reflns.d_resolution_low                               30.000 
_reflns.details                                        ? 
_reflns.limit_h_max                                    ? 
_reflns.limit_h_min                                    ? 
_reflns.limit_k_max                                    ? 
_reflns.limit_k_min                                    ? 
_reflns.limit_l_max                                    ? 
_reflns.limit_l_min                                    ? 
_reflns.number_all                                     ? 
_reflns.number_obs                                     4194 
_reflns.observed_criterion                             ? 
_reflns.observed_criterion_F_max                       ? 
_reflns.observed_criterion_F_min                       ? 
_reflns.observed_criterion_I_max                       ? 
_reflns.observed_criterion_I_min                       ? 
_reflns.observed_criterion_sigma_F                     ? 
_reflns.observed_criterion_sigma_I                     ? 
_reflns.percent_possible_obs                           99.100 
_reflns.R_free_details                                 ? 
_reflns.Rmerge_F_all                                   ? 
_reflns.Rmerge_F_obs                                   ? 
_reflns.Friedel_coverage                               ? 
_reflns.number_gt                                      ? 
_reflns.threshold_expression                           ? 
_reflns.pdbx_redundancy                                22.400 
_reflns.pdbx_Rmerge_I_obs                              0.077 
_reflns.pdbx_Rmerge_I_all                              ? 
_reflns.pdbx_Rsym_value                                ? 
_reflns.pdbx_netI_over_av_sigmaI                       ? 
_reflns.pdbx_netI_over_sigmaI                          14.200 
_reflns.pdbx_res_netI_over_av_sigmaI_2                 ? 
_reflns.pdbx_res_netI_over_sigmaI_2                    ? 
_reflns.pdbx_chi_squared                               1.117 
_reflns.pdbx_scaling_rejects                           ? 
_reflns.pdbx_d_res_high_opt                            ? 
_reflns.pdbx_d_res_low_opt                             ? 
_reflns.pdbx_d_res_opt_method                          ? 
_reflns.phase_calculation_details                      ? 
_reflns.pdbx_Rrim_I_all                                0.080 
_reflns.pdbx_Rpim_I_all                                0.018 
_reflns.pdbx_d_opt                                     ? 
_reflns.pdbx_number_measured_all                       94083 
_reflns.pdbx_diffrn_id                                 1 
_reflns.pdbx_ordinal                                   1 
_reflns.pdbx_CC_half                                   ? 
_reflns.pdbx_CC_star                                   ? 
_reflns.pdbx_R_split                                   ? 
_reflns.pdbx_aniso_diffraction_limit_axis_1_ortho[1]   ? 
_reflns.pdbx_aniso_diffraction_limit_axis_1_ortho[2]   ? 
_reflns.pdbx_aniso_diffraction_limit_axis_1_ortho[3]   ? 
_reflns.pdbx_aniso_diffraction_limit_axis_2_ortho[1]   ? 
_reflns.pdbx_aniso_diffraction_limit_axis_2_ortho[2]   ? 
_reflns.pdbx_aniso_diffraction_limit_axis_2_ortho[3]   ? 
_reflns.pdbx_aniso_diffraction_limit_axis_3_ortho[1]   ? 
_reflns.pdbx_aniso_diffraction_limit_axis_3_ortho[2]   ? 
_reflns.pdbx_aniso_diffraction_limit_axis_3_ortho[3]   ? 
_reflns.pdbx_aniso_diffraction_limit_1                 ? 
_reflns.pdbx_aniso_diffraction_limit_2                 ? 
_reflns.pdbx_aniso_diffraction_limit_3                 ? 
_reflns.pdbx_aniso_B_tensor_eigenvector_1_ortho[1]     ? 
_reflns.pdbx_aniso_B_tensor_eigenvector_1_ortho[2]     ? 
_reflns.pdbx_aniso_B_tensor_eigenvector_1_ortho[3]     ? 
_reflns.pdbx_aniso_B_tensor_eigenvector_2_ortho[1]     ? 
_reflns.pdbx_aniso_B_tensor_eigenvector_2_ortho[2]     ? 
_reflns.pdbx_aniso_B_tensor_eigenvector_2_ortho[3]     ? 
_reflns.pdbx_aniso_B_tensor_eigenvector_3_ortho[1]     ? 
_reflns.pdbx_aniso_B_tensor_eigenvector_3_ortho[2]     ? 
_reflns.pdbx_aniso_B_tensor_eigenvector_3_ortho[3]     ? 
_reflns.pdbx_aniso_B_tensor_eigenvalue_1               ? 
_reflns.pdbx_aniso_B_tensor_eigenvalue_2               ? 
_reflns.pdbx_aniso_B_tensor_eigenvalue_3               ? 
_reflns.pdbx_orthogonalization_convention              ? 
_reflns.pdbx_percent_possible_ellipsoidal              ? 
_reflns.pdbx_percent_possible_spherical                ? 
_reflns.pdbx_percent_possible_ellipsoidal_anomalous    ? 
_reflns.pdbx_percent_possible_spherical_anomalous      ? 
_reflns.pdbx_redundancy_anomalous                      ? 
_reflns.pdbx_CC_half_anomalous                         ? 
_reflns.pdbx_absDiff_over_sigma_anomalous              ? 
_reflns.pdbx_percent_possible_anomalous                ? 
_reflns.pdbx_observed_signal_threshold                 ? 
_reflns.pdbx_signal_type                               ? 
_reflns.pdbx_signal_details                            ? 
_reflns.pdbx_signal_software_id                        ? 
_reflns.pdbx_CC_split_method                           ? 
# 
loop_
_reflns_shell.d_res_high 
_reflns_shell.d_res_low 
_reflns_shell.meanI_over_sigI_all 
_reflns_shell.meanI_over_sigI_obs 
_reflns_shell.number_measured_all 
_reflns_shell.number_measured_obs 
_reflns_shell.number_possible 
_reflns_shell.number_unique_all 
_reflns_shell.number_unique_obs 
_reflns_shell.percent_possible_all 
_reflns_shell.percent_possible_obs 
_reflns_shell.Rmerge_F_all 
_reflns_shell.Rmerge_F_obs 
_reflns_shell.Rmerge_I_all 
_reflns_shell.Rmerge_I_obs 
_reflns_shell.meanI_over_sigI_gt 
_reflns_shell.meanI_over_uI_all 
_reflns_shell.meanI_over_uI_gt 
_reflns_shell.number_measured_gt 
_reflns_shell.number_unique_gt 
_reflns_shell.percent_possible_gt 
_reflns_shell.Rmerge_F_gt 
_reflns_shell.Rmerge_I_gt 
_reflns_shell.pdbx_redundancy 
_reflns_shell.pdbx_Rsym_value 
_reflns_shell.pdbx_chi_squared 
_reflns_shell.pdbx_netI_over_sigmaI_all 
_reflns_shell.pdbx_netI_over_sigmaI_obs 
_reflns_shell.pdbx_Rrim_I_all 
_reflns_shell.pdbx_Rpim_I_all 
_reflns_shell.pdbx_rejects 
_reflns_shell.pdbx_ordinal 
_reflns_shell.pdbx_diffrn_id 
_reflns_shell.pdbx_CC_half 
_reflns_shell.pdbx_CC_star 
_reflns_shell.pdbx_R_split 
_reflns_shell.pdbx_percent_possible_ellipsoidal 
_reflns_shell.pdbx_percent_possible_spherical 
_reflns_shell.pdbx_percent_possible_ellipsoidal_anomalous 
_reflns_shell.pdbx_percent_possible_spherical_anomalous 
_reflns_shell.pdbx_redundancy_anomalous 
_reflns_shell.pdbx_CC_half_anomalous 
_reflns_shell.pdbx_absDiff_over_sigma_anomalous 
_reflns_shell.pdbx_percent_possible_anomalous 
2.550 2.640  ? ? ? ? ? ? 391 100.000 ? ? ? ? 0.668 ? ? ? ? ? ? ? ? 21.200 ? 0.908 ? ? 0.744 0.698 ? 1  1 0.843 ? ? ? ? ? ? ? ? ? ? 
2.640 2.750  ? ? ? ? ? ? 424 100.000 ? ? ? ? 0.603 ? ? ? ? ? ? ? ? 22.400 ? 0.969 ? ? 0.649 0.427 ? 2  1 0.927 ? ? ? ? ? ? ? ? ? ? 
2.750 2.870  ? ? ? ? ? ? 396 100.000 ? ? ? ? 0.568 ? ? ? ? ? ? ? ? 25.800 ? 0.908 ? ? 0.491 0.232 ? 3  1 0.977 ? ? ? ? ? ? ? ? ? ? 
2.870 3.020  ? ? ? ? ? ? 409 100.000 ? ? ? ? 0.424 ? ? ? ? ? ? ? ? 24.600 ? 0.967 ? ? 0.535 0.107 ? 4  1 0.989 ? ? ? ? ? ? ? ? ? ? 
3.020 3.210  ? ? ? ? ? ? 406 100.000 ? ? ? ? 0.208 ? ? ? ? ? ? ? ? 24.300 ? 1.016 ? ? 0.212 0.042 ? 5  1 0.997 ? ? ? ? ? ? ? ? ? ? 
3.210 3.460  ? ? ? ? ? ? 423 99.800  ? ? ? ? 0.108 ? ? ? ? ? ? ? ? 23.000 ? 0.983 ? ? 0.111 0.024 ? 6  1 0.993 ? ? ? ? ? ? ? ? ? ? 
3.460 3.810  ? ? ? ? ? ? 423 100.000 ? ? ? ? 0.090 ? ? ? ? ? ? ? ? 23.800 ? 1.078 ? ? 0.092 0.019 ? 7  1 0.998 ? ? ? ? ? ? ? ? ? ? 
3.810 4.360  ? ? ? ? ? ? 423 100.000 ? ? ? ? 0.069 ? ? ? ? ? ? ? ? 21.600 ? 1.279 ? ? 0.070 0.016 ? 8  1 0.997 ? ? ? ? ? ? ? ? ? ? 
4.360 5.480  ? ? ? ? ? ? 439 98.200  ? ? ? ? 0.059 ? ? ? ? ? ? ? ? 20.800 ? 1.479 ? ? 0.061 0.014 ? 9  1 0.989 ? ? ? ? ? ? ? ? ? ? 
5.480 30.000 ? ? ? ? ? ? 460 93.900  ? ? ? ? 0.055 ? ? ? ? ? ? ? ? 17.400 ? 1.720 ? ? 0.057 0.015 ? 10 1 0.986 ? ? ? ? ? ? ? ? ? ? 
# 
_refine.aniso_B[1][1]                            ? 
_refine.aniso_B[1][2]                            ? 
_refine.aniso_B[1][3]                            ? 
_refine.aniso_B[2][2]                            ? 
_refine.aniso_B[2][3]                            ? 
_refine.aniso_B[3][3]                            ? 
_refine.B_iso_max                                156.880 
_refine.B_iso_mean                               54.2886 
_refine.B_iso_min                                20.240 
_refine.correlation_coeff_Fo_to_Fc               ? 
_refine.correlation_coeff_Fo_to_Fc_free          ? 
_refine.details                                  ? 
_refine.diff_density_max                         ? 
_refine.diff_density_max_esd                     ? 
_refine.diff_density_min                         ? 
_refine.diff_density_min_esd                     ? 
_refine.diff_density_rms                         ? 
_refine.diff_density_rms_esd                     ? 
_refine.entry_id                                 8GZM 
_refine.pdbx_refine_id                           'X-RAY DIFFRACTION' 
_refine.ls_abs_structure_details                 ? 
_refine.ls_abs_structure_Flack                   ? 
_refine.ls_abs_structure_Flack_esd               ? 
_refine.ls_abs_structure_Rogers                  ? 
_refine.ls_abs_structure_Rogers_esd              ? 
_refine.ls_d_res_high                            2.5500 
_refine.ls_d_res_low                             22.6700 
_refine.ls_extinction_coef                       ? 
_refine.ls_extinction_coef_esd                   ? 
_refine.ls_extinction_expression                 ? 
_refine.ls_extinction_method                     ? 
_refine.ls_goodness_of_fit_all                   ? 
_refine.ls_goodness_of_fit_all_esd               ? 
_refine.ls_goodness_of_fit_obs                   ? 
_refine.ls_goodness_of_fit_obs_esd               ? 
_refine.ls_hydrogen_treatment                    ? 
_refine.ls_matrix_type                           ? 
_refine.ls_number_constraints                    ? 
_refine.ls_number_parameters                     ? 
_refine.ls_number_reflns_all                     ? 
_refine.ls_number_reflns_obs                     3810 
_refine.ls_number_reflns_R_free                  206 
_refine.ls_number_reflns_R_work                  3604 
_refine.ls_number_restraints                     ? 
_refine.ls_percent_reflns_obs                    90.9300 
_refine.ls_percent_reflns_R_free                 5.4100 
_refine.ls_R_factor_all                          ? 
_refine.ls_R_factor_obs                          0.1969 
_refine.ls_R_factor_R_free                       0.2052 
_refine.ls_R_factor_R_free_error                 ? 
_refine.ls_R_factor_R_free_error_details         ? 
_refine.ls_R_factor_R_work                       0.1936 
_refine.ls_R_Fsqd_factor_obs                     ? 
_refine.ls_R_I_factor_obs                        ? 
_refine.ls_redundancy_reflns_all                 ? 
_refine.ls_redundancy_reflns_obs                 ? 
_refine.ls_restrained_S_all                      ? 
_refine.ls_restrained_S_obs                      ? 
_refine.ls_shift_over_esd_max                    ? 
_refine.ls_shift_over_esd_mean                   ? 
_refine.ls_structure_factor_coef                 ? 
_refine.ls_weighting_details                     ? 
_refine.ls_weighting_scheme                      ? 
_refine.ls_wR_factor_all                         ? 
_refine.ls_wR_factor_obs                         ? 
_refine.ls_wR_factor_R_free                      ? 
_refine.ls_wR_factor_R_work                      ? 
_refine.occupancy_max                            ? 
_refine.occupancy_min                            ? 
_refine.solvent_model_details                    'FLAT BULK SOLVENT MODEL' 
_refine.solvent_model_param_bsol                 ? 
_refine.solvent_model_param_ksol                 ? 
_refine.pdbx_R_complete                          ? 
_refine.ls_R_factor_gt                           ? 
_refine.ls_goodness_of_fit_gt                    ? 
_refine.ls_goodness_of_fit_ref                   ? 
_refine.ls_shift_over_su_max                     ? 
_refine.ls_shift_over_su_max_lt                  ? 
_refine.ls_shift_over_su_mean                    ? 
_refine.ls_shift_over_su_mean_lt                 ? 
_refine.pdbx_ls_sigma_I                          ? 
_refine.pdbx_ls_sigma_F                          1.340 
_refine.pdbx_ls_sigma_Fsqd                       ? 
_refine.pdbx_data_cutoff_high_absF               ? 
_refine.pdbx_data_cutoff_high_rms_absF           ? 
_refine.pdbx_data_cutoff_low_absF                ? 
_refine.pdbx_isotropic_thermal_model             ? 
_refine.pdbx_ls_cross_valid_method               THROUGHOUT 
_refine.pdbx_method_to_determine_struct          'MOLECULAR REPLACEMENT' 
_refine.pdbx_starting_model                      8GZJ 
_refine.pdbx_stereochemistry_target_values       ML 
_refine.pdbx_R_Free_selection_details            ? 
_refine.pdbx_stereochem_target_val_spec_case     ? 
_refine.pdbx_overall_ESU_R                       ? 
_refine.pdbx_overall_ESU_R_Free                  ? 
_refine.pdbx_solvent_vdw_probe_radii             1.1100 
_refine.pdbx_solvent_ion_probe_radii             ? 
_refine.pdbx_solvent_shrinkage_radii             0.9000 
_refine.pdbx_real_space_R                        ? 
_refine.pdbx_density_correlation                 ? 
_refine.pdbx_pd_number_of_powder_patterns        ? 
_refine.pdbx_pd_number_of_points                 ? 
_refine.pdbx_pd_meas_number_of_points            ? 
_refine.pdbx_pd_proc_ls_prof_R_factor            ? 
_refine.pdbx_pd_proc_ls_prof_wR_factor           ? 
_refine.pdbx_pd_Marquardt_correlation_coeff      ? 
_refine.pdbx_pd_Fsqrd_R_factor                   ? 
_refine.pdbx_pd_ls_matrix_band_width             ? 
_refine.pdbx_overall_phase_error                 20.0800 
_refine.pdbx_overall_SU_R_free_Cruickshank_DPI   ? 
_refine.pdbx_overall_SU_R_free_Blow_DPI          ? 
_refine.pdbx_overall_SU_R_Blow_DPI               ? 
_refine.pdbx_TLS_residual_ADP_flag               ? 
_refine.pdbx_diffrn_id                           1 
_refine.overall_SU_B                             ? 
_refine.overall_SU_ML                            0.1400 
_refine.overall_SU_R_Cruickshank_DPI             ? 
_refine.overall_SU_R_free                        ? 
_refine.overall_FOM_free_R_set                   ? 
_refine.overall_FOM_work_R_set                   ? 
_refine.pdbx_average_fsc_overall                 ? 
_refine.pdbx_average_fsc_work                    ? 
_refine.pdbx_average_fsc_free                    ? 
# 
_refine_hist.pdbx_refine_id                   'X-RAY DIFFRACTION' 
_refine_hist.cycle_id                         final 
_refine_hist.details                          ? 
_refine_hist.d_res_high                       2.5500 
_refine_hist.d_res_low                        22.6700 
_refine_hist.number_atoms_solvent             5 
_refine_hist.number_atoms_total               519 
_refine_hist.number_reflns_all                ? 
_refine_hist.number_reflns_obs                ? 
_refine_hist.number_reflns_R_free             ? 
_refine_hist.number_reflns_R_work             ? 
_refine_hist.R_factor_all                     ? 
_refine_hist.R_factor_obs                     ? 
_refine_hist.R_factor_R_free                  ? 
_refine_hist.R_factor_R_work                  ? 
_refine_hist.pdbx_number_residues_total       25 
_refine_hist.pdbx_B_iso_mean_ligand           101.48 
_refine_hist.pdbx_B_iso_mean_solvent          32.55 
_refine_hist.pdbx_number_atoms_protein        0 
_refine_hist.pdbx_number_atoms_nucleic_acid   509 
_refine_hist.pdbx_number_atoms_ligand         5 
_refine_hist.pdbx_number_atoms_lipid          ? 
_refine_hist.pdbx_number_atoms_carb           ? 
_refine_hist.pdbx_pseudo_atom_details         ? 
# 
_refine_ls_shell.pdbx_refine_id                   'X-RAY DIFFRACTION' 
_refine_ls_shell.d_res_high                       2.5500 
_refine_ls_shell.d_res_low                        22.6700 
_refine_ls_shell.number_reflns_all                3810 
_refine_ls_shell.number_reflns_obs                ? 
_refine_ls_shell.number_reflns_R_free             206 
_refine_ls_shell.number_reflns_R_work             3604 
_refine_ls_shell.percent_reflns_obs               91.0000 
_refine_ls_shell.percent_reflns_R_free            ? 
_refine_ls_shell.R_factor_all                     ? 
_refine_ls_shell.R_factor_obs                     ? 
_refine_ls_shell.R_factor_R_free                  0.2022 
_refine_ls_shell.R_factor_R_free_error            0.0000 
_refine_ls_shell.R_factor_R_work                  0.1966 
_refine_ls_shell.redundancy_reflns_all            ? 
_refine_ls_shell.redundancy_reflns_obs            ? 
_refine_ls_shell.wR_factor_all                    ? 
_refine_ls_shell.wR_factor_obs                    ? 
_refine_ls_shell.wR_factor_R_free                 ? 
_refine_ls_shell.wR_factor_R_work                 ? 
_refine_ls_shell.pdbx_R_complete                  ? 
_refine_ls_shell.pdbx_total_number_of_bins_used   1 
_refine_ls_shell.pdbx_phase_error                 ? 
_refine_ls_shell.pdbx_fsc_work                    ? 
_refine_ls_shell.pdbx_fsc_free                    ? 
# 
_struct.entry_id                     8GZM 
_struct.title                        'Crystal structure of Cd2+-bound DNA aptamer T22C mutant' 
_struct.pdbx_model_details           ? 
_struct.pdbx_formula_weight          ? 
_struct.pdbx_formula_weight_method   ? 
_struct.pdbx_model_type_details      ? 
_struct.pdbx_CASP_flag               N 
# 
_struct_keywords.entry_id        8GZM 
_struct_keywords.text            'DNA aptamer, Cd2+-binding, complex, DNA' 
_struct_keywords.pdbx_keywords   DNA 
# 
loop_
_struct_asym.id 
_struct_asym.pdbx_blank_PDB_chainid_flag 
_struct_asym.pdbx_modified 
_struct_asym.entity_id 
_struct_asym.details 
A N N 1 ? 
B N N 2 ? 
C N N 2 ? 
D N N 3 ? 
E N N 3 ? 
F N N 3 ? 
G N N 4 ? 
# 
_struct_ref.id                         1 
_struct_ref.db_name                    PDB 
_struct_ref.db_code                    8GZM 
_struct_ref.pdbx_db_accession          8GZM 
_struct_ref.pdbx_db_isoform            ? 
_struct_ref.entity_id                  1 
_struct_ref.pdbx_seq_one_letter_code   ? 
_struct_ref.pdbx_align_begin           1 
# 
_struct_ref_seq.align_id                      1 
_struct_ref_seq.ref_id                        1 
_struct_ref_seq.pdbx_PDB_id_code              8GZM 
_struct_ref_seq.pdbx_strand_id                A 
_struct_ref_seq.seq_align_beg                 1 
_struct_ref_seq.pdbx_seq_align_beg_ins_code   ? 
_struct_ref_seq.seq_align_end                 25 
_struct_ref_seq.pdbx_seq_align_end_ins_code   ? 
_struct_ref_seq.pdbx_db_accession             8GZM 
_struct_ref_seq.db_align_beg                  1 
_struct_ref_seq.pdbx_db_align_beg_ins_code    ? 
_struct_ref_seq.db_align_end                  25 
_struct_ref_seq.pdbx_db_align_end_ins_code    ? 
_struct_ref_seq.pdbx_auth_seq_align_beg       1 
_struct_ref_seq.pdbx_auth_seq_align_end       25 
# 
_pdbx_struct_assembly.id                   1 
_pdbx_struct_assembly.details              author_and_software_defined_assembly 
_pdbx_struct_assembly.method_details       PISA 
_pdbx_struct_assembly.oligomeric_details   monomeric 
_pdbx_struct_assembly.oligomeric_count     1 
# 
loop_
_pdbx_struct_assembly_prop.biol_id 
_pdbx_struct_assembly_prop.type 
_pdbx_struct_assembly_prop.value 
_pdbx_struct_assembly_prop.details 
1 'ABSA (A^2)' 570  ? 
1 MORE         -25  ? 
1 'SSA (A^2)'  4710 ? 
# 
_pdbx_struct_assembly_gen.assembly_id       1 
_pdbx_struct_assembly_gen.oper_expression   1 
_pdbx_struct_assembly_gen.asym_id_list      A,B,C,D,E,F,G 
# 
_pdbx_struct_assembly_auth_evidence.id                     1 
_pdbx_struct_assembly_auth_evidence.assembly_id            1 
_pdbx_struct_assembly_auth_evidence.experimental_support   'mass spectrometry' 
_pdbx_struct_assembly_auth_evidence.details                ? 
# 
_pdbx_struct_oper_list.id                   1 
_pdbx_struct_oper_list.type                 'identity operation' 
_pdbx_struct_oper_list.name                 1_555 
_pdbx_struct_oper_list.symmetry_operation   x,y,z 
_pdbx_struct_oper_list.matrix[1][1]         1.0000000000 
_pdbx_struct_oper_list.matrix[1][2]         0.0000000000 
_pdbx_struct_oper_list.matrix[1][3]         0.0000000000 
_pdbx_struct_oper_list.vector[1]            0.0000000000 
_pdbx_struct_oper_list.matrix[2][1]         0.0000000000 
_pdbx_struct_oper_list.matrix[2][2]         1.0000000000 
_pdbx_struct_oper_list.matrix[2][3]         0.0000000000 
_pdbx_struct_oper_list.vector[2]            0.0000000000 
_pdbx_struct_oper_list.matrix[3][1]         0.0000000000 
_pdbx_struct_oper_list.matrix[3][2]         0.0000000000 
_pdbx_struct_oper_list.matrix[3][3]         1.0000000000 
_pdbx_struct_oper_list.vector[3]            0.0000000000 
# 
loop_
_struct_conn.id 
_struct_conn.conn_type_id 
_struct_conn.pdbx_leaving_atom_flag 
_struct_conn.pdbx_PDB_id 
_struct_conn.ptnr1_label_asym_id 
_struct_conn.ptnr1_label_comp_id 
_struct_conn.ptnr1_label_seq_id 
_struct_conn.ptnr1_label_atom_id 
_struct_conn.pdbx_ptnr1_label_alt_id 
_struct_conn.pdbx_ptnr1_PDB_ins_code 
_struct_conn.pdbx_ptnr1_standard_comp_id 
_struct_conn.ptnr1_symmetry 
_struct_conn.ptnr2_label_asym_id 
_struct_conn.ptnr2_label_comp_id 
_struct_conn.ptnr2_label_seq_id 
_struct_conn.ptnr2_label_atom_id 
_struct_conn.pdbx_ptnr2_label_alt_id 
_struct_conn.pdbx_ptnr2_PDB_ins_code 
_struct_conn.ptnr1_auth_asym_id 
_struct_conn.ptnr1_auth_comp_id 
_struct_conn.ptnr1_auth_seq_id 
_struct_conn.ptnr2_auth_asym_id 
_struct_conn.ptnr2_auth_comp_id 
_struct_conn.ptnr2_auth_seq_id 
_struct_conn.ptnr2_symmetry 
_struct_conn.pdbx_ptnr3_label_atom_id 
_struct_conn.pdbx_ptnr3_label_seq_id 
_struct_conn.pdbx_ptnr3_label_comp_id 
_struct_conn.pdbx_ptnr3_label_asym_id 
_struct_conn.pdbx_ptnr3_label_alt_id 
_struct_conn.pdbx_ptnr3_PDB_ins_code 
_struct_conn.details 
_struct_conn.pdbx_dist_value 
_struct_conn.pdbx_value_order 
_struct_conn.pdbx_role 
metalc1  metalc ? ? A DG 9  N7 ? ? ? 1_555 B CD  .  CD ? ? A DG 9   A CD  101 1_555 ? ? ? ? ? ? ?            2.383 ? ? 
metalc2  metalc ? ? A DT 10 N3 ? ? ? 1_555 C CD  .  CD ? ? A DT 10  A CD  102 1_555 ? ? ? ? ? ? ?            2.349 ? ? 
metalc3  metalc ? ? A DC 12 O2 ? ? ? 1_555 B CD  .  CD ? ? A DC 12  A CD  101 1_555 ? ? ? ? ? ? ?            2.592 ? ? 
metalc4  metalc ? ? A DC 12 N3 ? ? ? 1_555 B CD  .  CD ? ? A DC 12  A CD  101 1_555 ? ? ? ? ? ? ?            2.478 ? ? 
metalc5  metalc ? ? A DG 16 N7 ? ? ? 1_555 B CD  .  CD ? ? A DG 16  A CD  101 1_555 ? ? ? ? ? ? ?            2.319 ? ? 
metalc6  metalc ? ? A DT 17 N3 ? ? ? 1_555 C CD  .  CD ? ? A DT 17  A CD  102 3_554 ? ? ? ? ? ? ?            2.453 ? ? 
metalc7  metalc ? ? B CD .  CD ? ? ? 1_555 G HOH .  O  ? ? A CD 101 A HOH 201 1_555 ? ? ? ? ? ? ?            2.364 ? ? 
metalc8  metalc ? ? B CD .  CD ? ? ? 1_555 G HOH .  O  ? ? A CD 101 A HOH 202 1_555 ? ? ? ? ? ? ?            2.312 ? ? 
hydrog1  hydrog ? ? A DG 1  N1 ? ? ? 1_555 A DC  25 N3 ? ? A DG 1   A DC  25  1_555 ? ? ? ? ? ? WATSON-CRICK ?     ? ? 
hydrog2  hydrog ? ? A DG 1  N2 ? ? ? 1_555 A DC  25 O2 ? ? A DG 1   A DC  25  1_555 ? ? ? ? ? ? WATSON-CRICK ?     ? ? 
hydrog3  hydrog ? ? A DG 1  O6 ? ? ? 1_555 A DC  25 N4 ? ? A DG 1   A DC  25  1_555 ? ? ? ? ? ? WATSON-CRICK ?     ? ? 
hydrog4  hydrog ? ? A DC 2  N3 ? ? ? 1_555 A DG  24 N1 ? ? A DC 2   A DG  24  1_555 ? ? ? ? ? ? WATSON-CRICK ?     ? ? 
hydrog5  hydrog ? ? A DC 2  N4 ? ? ? 1_555 A DG  24 O6 ? ? A DC 2   A DG  24  1_555 ? ? ? ? ? ? WATSON-CRICK ?     ? ? 
hydrog6  hydrog ? ? A DC 2  O2 ? ? ? 1_555 A DG  24 N2 ? ? A DC 2   A DG  24  1_555 ? ? ? ? ? ? WATSON-CRICK ?     ? ? 
hydrog7  hydrog ? ? A DC 3  N3 ? ? ? 1_555 A DG  23 N1 ? ? A DC 3   A DG  23  1_555 ? ? ? ? ? ? WATSON-CRICK ?     ? ? 
hydrog8  hydrog ? ? A DC 3  N4 ? ? ? 1_555 A DG  23 O6 ? ? A DC 3   A DG  23  1_555 ? ? ? ? ? ? WATSON-CRICK ?     ? ? 
hydrog9  hydrog ? ? A DC 3  O2 ? ? ? 1_555 A DG  23 N2 ? ? A DC 3   A DG  23  1_555 ? ? ? ? ? ? WATSON-CRICK ?     ? ? 
hydrog10 hydrog ? ? A DG 4  N1 ? ? ? 1_555 A DC  22 N3 ? ? A DG 4   A DC  22  1_555 ? ? ? ? ? ? WATSON-CRICK ?     ? ? 
hydrog11 hydrog ? ? A DG 4  N2 ? ? ? 1_555 A DC  22 O2 ? ? A DG 4   A DC  22  1_555 ? ? ? ? ? ? WATSON-CRICK ?     ? ? 
hydrog12 hydrog ? ? A DG 4  O6 ? ? ? 1_555 A DC  22 N4 ? ? A DG 4   A DC  22  1_555 ? ? ? ? ? ? WATSON-CRICK ?     ? ? 
hydrog13 hydrog ? ? A DA 5  N1 ? ? ? 1_555 A DT  21 N3 ? ? A DA 5   A DT  21  1_555 ? ? ? ? ? ? WATSON-CRICK ?     ? ? 
hydrog14 hydrog ? ? A DA 5  N6 ? ? ? 1_555 A DT  21 O4 ? ? A DA 5   A DT  21  1_555 ? ? ? ? ? ? WATSON-CRICK ?     ? ? 
hydrog15 hydrog ? ? A DC 6  N3 ? ? ? 1_555 A DG  20 N1 ? ? A DC 6   A DG  20  1_555 ? ? ? ? ? ? WATSON-CRICK ?     ? ? 
hydrog16 hydrog ? ? A DC 6  N4 ? ? ? 1_555 A DG  20 O6 ? ? A DC 6   A DG  20  1_555 ? ? ? ? ? ? WATSON-CRICK ?     ? ? 
hydrog17 hydrog ? ? A DC 6  O2 ? ? ? 1_555 A DG  20 N2 ? ? A DC 6   A DG  20  1_555 ? ? ? ? ? ? WATSON-CRICK ?     ? ? 
hydrog18 hydrog ? ? A DG 7  N1 ? ? ? 1_555 A DC  19 N3 ? ? A DG 7   A DC  19  1_555 ? ? ? ? ? ? WATSON-CRICK ?     ? ? 
hydrog19 hydrog ? ? A DG 7  N2 ? ? ? 1_555 A DC  19 O2 ? ? A DG 7   A DC  19  1_555 ? ? ? ? ? ? WATSON-CRICK ?     ? ? 
hydrog20 hydrog ? ? A DG 7  O6 ? ? ? 1_555 A DC  19 N4 ? ? A DG 7   A DC  19  1_555 ? ? ? ? ? ? WATSON-CRICK ?     ? ? 
hydrog21 hydrog ? ? A DG 8  N1 ? ? ? 1_555 A DC  18 N3 ? ? A DG 8   A DC  18  1_555 ? ? ? ? ? ? WATSON-CRICK ?     ? ? 
hydrog22 hydrog ? ? A DG 8  N2 ? ? ? 1_555 A DC  18 O2 ? ? A DG 8   A DC  18  1_555 ? ? ? ? ? ? WATSON-CRICK ?     ? ? 
hydrog23 hydrog ? ? A DG 8  O6 ? ? ? 1_555 A DC  18 N4 ? ? A DG 8   A DC  18  1_555 ? ? ? ? ? ? WATSON-CRICK ?     ? ? 
hydrog24 hydrog ? ? A DT 11 N3 ? ? ? 1_555 A DA  15 N1 ? ? A DT 11  A DA  15  1_555 ? ? ? ? ? ? WATSON-CRICK ?     ? ? 
hydrog25 hydrog ? ? A DT 11 O4 ? ? ? 1_555 A DA  15 N6 ? ? A DT 11  A DA  15  1_555 ? ? ? ? ? ? WATSON-CRICK ?     ? ? 
hydrog26 hydrog ? ? A DC 12 N4 ? ? ? 1_555 A DG  16 O6 ? ? A DC 12  A DG  16  1_555 ? ? ? ? ? ? 'DC-DG PAIR' ?     ? ? 
# 
loop_
_struct_conn_type.id 
_struct_conn_type.criteria 
_struct_conn_type.reference 
metalc ? ? 
hydrog ? ? 
# 
loop_
_pdbx_struct_conn_angle.id 
_pdbx_struct_conn_angle.ptnr1_label_atom_id 
_pdbx_struct_conn_angle.ptnr1_label_alt_id 
_pdbx_struct_conn_angle.ptnr1_label_asym_id 
_pdbx_struct_conn_angle.ptnr1_label_comp_id 
_pdbx_struct_conn_angle.ptnr1_label_seq_id 
_pdbx_struct_conn_angle.ptnr1_auth_atom_id 
_pdbx_struct_conn_angle.ptnr1_auth_asym_id 
_pdbx_struct_conn_angle.ptnr1_auth_comp_id 
_pdbx_struct_conn_angle.ptnr1_auth_seq_id 
_pdbx_struct_conn_angle.ptnr1_PDB_ins_code 
_pdbx_struct_conn_angle.ptnr1_symmetry 
_pdbx_struct_conn_angle.ptnr2_label_atom_id 
_pdbx_struct_conn_angle.ptnr2_label_alt_id 
_pdbx_struct_conn_angle.ptnr2_label_asym_id 
_pdbx_struct_conn_angle.ptnr2_label_comp_id 
_pdbx_struct_conn_angle.ptnr2_label_seq_id 
_pdbx_struct_conn_angle.ptnr2_auth_atom_id 
_pdbx_struct_conn_angle.ptnr2_auth_asym_id 
_pdbx_struct_conn_angle.ptnr2_auth_comp_id 
_pdbx_struct_conn_angle.ptnr2_auth_seq_id 
_pdbx_struct_conn_angle.ptnr2_PDB_ins_code 
_pdbx_struct_conn_angle.ptnr2_symmetry 
_pdbx_struct_conn_angle.ptnr3_label_atom_id 
_pdbx_struct_conn_angle.ptnr3_label_alt_id 
_pdbx_struct_conn_angle.ptnr3_label_asym_id 
_pdbx_struct_conn_angle.ptnr3_label_comp_id 
_pdbx_struct_conn_angle.ptnr3_label_seq_id 
_pdbx_struct_conn_angle.ptnr3_auth_atom_id 
_pdbx_struct_conn_angle.ptnr3_auth_asym_id 
_pdbx_struct_conn_angle.ptnr3_auth_comp_id 
_pdbx_struct_conn_angle.ptnr3_auth_seq_id 
_pdbx_struct_conn_angle.ptnr3_PDB_ins_code 
_pdbx_struct_conn_angle.ptnr3_symmetry 
_pdbx_struct_conn_angle.value 
_pdbx_struct_conn_angle.value_esd 
1  N7 ? A DG  9  ? A DG  9   ? 1_555 CD ? B CD . ? A CD 101 ? 1_555 O2 ? A DC  12 ? A DC  12  ? 1_555 85.2  ? 
2  N7 ? A DG  9  ? A DG  9   ? 1_555 CD ? B CD . ? A CD 101 ? 1_555 N3 ? A DC  12 ? A DC  12  ? 1_555 81.3  ? 
3  O2 ? A DC  12 ? A DC  12  ? 1_555 CD ? B CD . ? A CD 101 ? 1_555 N3 ? A DC  12 ? A DC  12  ? 1_555 53.1  ? 
4  N7 ? A DG  9  ? A DG  9   ? 1_555 CD ? B CD . ? A CD 101 ? 1_555 N7 ? A DG  16 ? A DG  16  ? 1_555 93.6  ? 
5  O2 ? A DC  12 ? A DC  12  ? 1_555 CD ? B CD . ? A CD 101 ? 1_555 N7 ? A DG  16 ? A DG  16  ? 1_555 176.0 ? 
6  N3 ? A DC  12 ? A DC  12  ? 1_555 CD ? B CD . ? A CD 101 ? 1_555 N7 ? A DG  16 ? A DG  16  ? 1_555 123.0 ? 
7  N7 ? A DG  9  ? A DG  9   ? 1_555 CD ? B CD . ? A CD 101 ? 1_555 O  ? G HOH .  ? A HOH 201 ? 1_555 92.1  ? 
8  O2 ? A DC  12 ? A DC  12  ? 1_555 CD ? B CD . ? A CD 101 ? 1_555 O  ? G HOH .  ? A HOH 201 ? 1_555 92.4  ? 
9  N3 ? A DC  12 ? A DC  12  ? 1_555 CD ? B CD . ? A CD 101 ? 1_555 O  ? G HOH .  ? A HOH 201 ? 1_555 145.1 ? 
10 N7 ? A DG  16 ? A DG  16  ? 1_555 CD ? B CD . ? A CD 101 ? 1_555 O  ? G HOH .  ? A HOH 201 ? 1_555 91.5  ? 
11 N7 ? A DG  9  ? A DG  9   ? 1_555 CD ? B CD . ? A CD 101 ? 1_555 O  ? G HOH .  ? A HOH 202 ? 1_555 148.5 ? 
12 O2 ? A DC  12 ? A DC  12  ? 1_555 CD ? B CD . ? A CD 101 ? 1_555 O  ? G HOH .  ? A HOH 202 ? 1_555 75.0  ? 
13 N3 ? A DC  12 ? A DC  12  ? 1_555 CD ? B CD . ? A CD 101 ? 1_555 O  ? G HOH .  ? A HOH 202 ? 1_555 67.2  ? 
14 N7 ? A DG  16 ? A DG  16  ? 1_555 CD ? B CD . ? A CD 101 ? 1_555 O  ? G HOH .  ? A HOH 202 ? 1_555 104.5 ? 
15 O  ? G HOH .  ? A HOH 201 ? 1_555 CD ? B CD . ? A CD 101 ? 1_555 O  ? G HOH .  ? A HOH 202 ? 1_555 112.6 ? 
16 N3 ? A DT  10 ? A DT  10  ? 1_555 CD ? C CD . ? A CD 102 ? 1_555 N3 ? A DT  17 ? A DT  17  ? 1_555 47.5  ? 
# 
loop_
_pdbx_validate_rmsd_bond.id 
_pdbx_validate_rmsd_bond.PDB_model_num 
_pdbx_validate_rmsd_bond.auth_atom_id_1 
_pdbx_validate_rmsd_bond.auth_asym_id_1 
_pdbx_validate_rmsd_bond.auth_comp_id_1 
_pdbx_validate_rmsd_bond.auth_seq_id_1 
_pdbx_validate_rmsd_bond.PDB_ins_code_1 
_pdbx_validate_rmsd_bond.label_alt_id_1 
_pdbx_validate_rmsd_bond.auth_atom_id_2 
_pdbx_validate_rmsd_bond.auth_asym_id_2 
_pdbx_validate_rmsd_bond.auth_comp_id_2 
_pdbx_validate_rmsd_bond.auth_seq_id_2 
_pdbx_validate_rmsd_bond.PDB_ins_code_2 
_pdbx_validate_rmsd_bond.label_alt_id_2 
_pdbx_validate_rmsd_bond.bond_value 
_pdbx_validate_rmsd_bond.bond_target_value 
_pdbx_validate_rmsd_bond.bond_deviation 
_pdbx_validate_rmsd_bond.bond_standard_deviation 
_pdbx_validate_rmsd_bond.linker_flag 
1 1 "O3'" A DC 2  ? ? "C3'" A DC 2  ? ? 1.383 1.419 -0.036 0.006 N 
2 1 "O3'" A DA 5  ? ? "C3'" A DA 5  ? ? 1.376 1.419 -0.043 0.006 N 
3 1 "O3'" A DG 8  ? ? "C3'" A DG 8  ? ? 1.381 1.419 -0.038 0.006 N 
4 1 "O3'" A DT 21 ? ? "C3'" A DT 21 ? ? 1.377 1.419 -0.042 0.006 N 
5 1 "O3'" A DT 21 ? ? P     A DC 22 ? ? 1.526 1.607 -0.081 0.012 Y 
# 
loop_
_pdbx_validate_rmsd_angle.id 
_pdbx_validate_rmsd_angle.PDB_model_num 
_pdbx_validate_rmsd_angle.auth_atom_id_1 
_pdbx_validate_rmsd_angle.auth_asym_id_1 
_pdbx_validate_rmsd_angle.auth_comp_id_1 
_pdbx_validate_rmsd_angle.auth_seq_id_1 
_pdbx_validate_rmsd_angle.PDB_ins_code_1 
_pdbx_validate_rmsd_angle.label_alt_id_1 
_pdbx_validate_rmsd_angle.auth_atom_id_2 
_pdbx_validate_rmsd_angle.auth_asym_id_2 
_pdbx_validate_rmsd_angle.auth_comp_id_2 
_pdbx_validate_rmsd_angle.auth_seq_id_2 
_pdbx_validate_rmsd_angle.PDB_ins_code_2 
_pdbx_validate_rmsd_angle.label_alt_id_2 
_pdbx_validate_rmsd_angle.auth_atom_id_3 
_pdbx_validate_rmsd_angle.auth_asym_id_3 
_pdbx_validate_rmsd_angle.auth_comp_id_3 
_pdbx_validate_rmsd_angle.auth_seq_id_3 
_pdbx_validate_rmsd_angle.PDB_ins_code_3 
_pdbx_validate_rmsd_angle.label_alt_id_3 
_pdbx_validate_rmsd_angle.angle_value 
_pdbx_validate_rmsd_angle.angle_target_value 
_pdbx_validate_rmsd_angle.angle_deviation 
_pdbx_validate_rmsd_angle.angle_standard_deviation 
_pdbx_validate_rmsd_angle.linker_flag 
1 1 "C3'" A DG 4 ? ? "C2'" A DG 4 ? ? "C1'" A DG 4 ? ? 97.19  102.40 -5.21 0.80 N 
2 1 "O4'" A DG 4 ? ? "C1'" A DG 4 ? ? N9    A DG 4 ? ? 110.96 108.30 2.66  0.30 N 
# 
_pdbx_refine_tls.id               1 
_pdbx_refine_tls.pdbx_refine_id   'X-RAY DIFFRACTION' 
_pdbx_refine_tls.details          ? 
_pdbx_refine_tls.method           refined 
_pdbx_refine_tls.origin_x         -0.0170 
_pdbx_refine_tls.origin_y         -0.0119 
_pdbx_refine_tls.origin_z         -0.0834 
_pdbx_refine_tls.T[1][1]          0.4593 
_pdbx_refine_tls.T[1][1]_esd      ? 
_pdbx_refine_tls.T[1][2]          0.1062 
_pdbx_refine_tls.T[1][2]_esd      ? 
_pdbx_refine_tls.T[1][3]          0.0293 
_pdbx_refine_tls.T[1][3]_esd      ? 
_pdbx_refine_tls.T[2][2]          0.3632 
_pdbx_refine_tls.T[2][2]_esd      ? 
_pdbx_refine_tls.T[2][3]          -0.0549 
_pdbx_refine_tls.T[2][3]_esd      ? 
_pdbx_refine_tls.T[3][3]          0.2607 
_pdbx_refine_tls.T[3][3]_esd      ? 
_pdbx_refine_tls.L[1][1]          5.1496 
_pdbx_refine_tls.L[1][1]_esd      ? 
_pdbx_refine_tls.L[1][2]          -0.8487 
_pdbx_refine_tls.L[1][2]_esd      ? 
_pdbx_refine_tls.L[1][3]          0.1553 
_pdbx_refine_tls.L[1][3]_esd      ? 
_pdbx_refine_tls.L[2][2]          1.7720 
_pdbx_refine_tls.L[2][2]_esd      ? 
_pdbx_refine_tls.L[2][3]          0.0750 
_pdbx_refine_tls.L[2][3]_esd      ? 
_pdbx_refine_tls.L[3][3]          5.0993 
_pdbx_refine_tls.L[3][3]_esd      ? 
_pdbx_refine_tls.S[1][1]          -0.5240 
_pdbx_refine_tls.S[1][1]_esd      ? 
_pdbx_refine_tls.S[1][2]          0.2383 
_pdbx_refine_tls.S[1][2]_esd      ? 
_pdbx_refine_tls.S[1][3]          -0.1132 
_pdbx_refine_tls.S[1][3]_esd      ? 
_pdbx_refine_tls.S[2][1]          0.5426 
_pdbx_refine_tls.S[2][1]_esd      ? 
_pdbx_refine_tls.S[2][2]          0.2244 
_pdbx_refine_tls.S[2][2]_esd      ? 
_pdbx_refine_tls.S[2][3]          -0.1116 
_pdbx_refine_tls.S[2][3]_esd      ? 
_pdbx_refine_tls.S[3][1]          0.2407 
_pdbx_refine_tls.S[3][1]_esd      ? 
_pdbx_refine_tls.S[3][2]          0.5212 
_pdbx_refine_tls.S[3][2]_esd      ? 
_pdbx_refine_tls.S[3][3]          0.3058 
_pdbx_refine_tls.S[3][3]_esd      ? 
# 
_pdbx_refine_tls_group.id                  1 
_pdbx_refine_tls_group.pdbx_refine_id      'X-RAY DIFFRACTION' 
_pdbx_refine_tls_group.refine_tls_id       1 
_pdbx_refine_tls_group.beg_label_asym_id   ? 
_pdbx_refine_tls_group.beg_label_seq_id    ? 
_pdbx_refine_tls_group.beg_auth_asym_id    A 
_pdbx_refine_tls_group.beg_auth_seq_id     1 
_pdbx_refine_tls_group.beg_PDB_ins_code    ? 
_pdbx_refine_tls_group.end_label_asym_id   ? 
_pdbx_refine_tls_group.end_label_seq_id    ? 
_pdbx_refine_tls_group.end_auth_asym_id    A 
_pdbx_refine_tls_group.end_auth_seq_id     25 
_pdbx_refine_tls_group.end_PDB_ins_code    ? 
_pdbx_refine_tls_group.selection           ? 
_pdbx_refine_tls_group.selection_details   '(chain A and resseq 1:25)' 
# 
_pdbx_entry_details.entry_id                 8GZM 
_pdbx_entry_details.has_ligand_of_interest   Y 
_pdbx_entry_details.compound_details         ? 
_pdbx_entry_details.source_details           ? 
_pdbx_entry_details.nonpolymer_details       ? 
_pdbx_entry_details.sequence_details         ? 
# 
loop_
_chem_comp_atom.comp_id 
_chem_comp_atom.atom_id 
_chem_comp_atom.type_symbol 
_chem_comp_atom.pdbx_aromatic_flag 
_chem_comp_atom.pdbx_stereo_config 
_chem_comp_atom.pdbx_ordinal 
BA  BA     BA N N 1   
CD  CD     CD N N 2   
DA  OP3    O  N N 3   
DA  P      P  N N 4   
DA  OP1    O  N N 5   
DA  OP2    O  N N 6   
DA  "O5'"  O  N N 7   
DA  "C5'"  C  N N 8   
DA  "C4'"  C  N R 9   
DA  "O4'"  O  N N 10  
DA  "C3'"  C  N S 11  
DA  "O3'"  O  N N 12  
DA  "C2'"  C  N N 13  
DA  "C1'"  C  N R 14  
DA  N9     N  Y N 15  
DA  C8     C  Y N 16  
DA  N7     N  Y N 17  
DA  C5     C  Y N 18  
DA  C6     C  Y N 19  
DA  N6     N  N N 20  
DA  N1     N  Y N 21  
DA  C2     C  Y N 22  
DA  N3     N  Y N 23  
DA  C4     C  Y N 24  
DA  HOP3   H  N N 25  
DA  HOP2   H  N N 26  
DA  "H5'"  H  N N 27  
DA  "H5''" H  N N 28  
DA  "H4'"  H  N N 29  
DA  "H3'"  H  N N 30  
DA  "HO3'" H  N N 31  
DA  "H2'"  H  N N 32  
DA  "H2''" H  N N 33  
DA  "H1'"  H  N N 34  
DA  H8     H  N N 35  
DA  H61    H  N N 36  
DA  H62    H  N N 37  
DA  H2     H  N N 38  
DC  OP3    O  N N 39  
DC  P      P  N N 40  
DC  OP1    O  N N 41  
DC  OP2    O  N N 42  
DC  "O5'"  O  N N 43  
DC  "C5'"  C  N N 44  
DC  "C4'"  C  N R 45  
DC  "O4'"  O  N N 46  
DC  "C3'"  C  N S 47  
DC  "O3'"  O  N N 48  
DC  "C2'"  C  N N 49  
DC  "C1'"  C  N R 50  
DC  N1     N  N N 51  
DC  C2     C  N N 52  
DC  O2     O  N N 53  
DC  N3     N  N N 54  
DC  C4     C  N N 55  
DC  N4     N  N N 56  
DC  C5     C  N N 57  
DC  C6     C  N N 58  
DC  HOP3   H  N N 59  
DC  HOP2   H  N N 60  
DC  "H5'"  H  N N 61  
DC  "H5''" H  N N 62  
DC  "H4'"  H  N N 63  
DC  "H3'"  H  N N 64  
DC  "HO3'" H  N N 65  
DC  "H2'"  H  N N 66  
DC  "H2''" H  N N 67  
DC  "H1'"  H  N N 68  
DC  H41    H  N N 69  
DC  H42    H  N N 70  
DC  H5     H  N N 71  
DC  H6     H  N N 72  
DG  OP3    O  N N 73  
DG  P      P  N N 74  
DG  OP1    O  N N 75  
DG  OP2    O  N N 76  
DG  "O5'"  O  N N 77  
DG  "C5'"  C  N N 78  
DG  "C4'"  C  N R 79  
DG  "O4'"  O  N N 80  
DG  "C3'"  C  N S 81  
DG  "O3'"  O  N N 82  
DG  "C2'"  C  N N 83  
DG  "C1'"  C  N R 84  
DG  N9     N  Y N 85  
DG  C8     C  Y N 86  
DG  N7     N  Y N 87  
DG  C5     C  Y N 88  
DG  C6     C  N N 89  
DG  O6     O  N N 90  
DG  N1     N  N N 91  
DG  C2     C  N N 92  
DG  N2     N  N N 93  
DG  N3     N  N N 94  
DG  C4     C  Y N 95  
DG  HOP3   H  N N 96  
DG  HOP2   H  N N 97  
DG  "H5'"  H  N N 98  
DG  "H5''" H  N N 99  
DG  "H4'"  H  N N 100 
DG  "H3'"  H  N N 101 
DG  "HO3'" H  N N 102 
DG  "H2'"  H  N N 103 
DG  "H2''" H  N N 104 
DG  "H1'"  H  N N 105 
DG  H8     H  N N 106 
DG  H1     H  N N 107 
DG  H21    H  N N 108 
DG  H22    H  N N 109 
DT  OP3    O  N N 110 
DT  P      P  N N 111 
DT  OP1    O  N N 112 
DT  OP2    O  N N 113 
DT  "O5'"  O  N N 114 
DT  "C5'"  C  N N 115 
DT  "C4'"  C  N R 116 
DT  "O4'"  O  N N 117 
DT  "C3'"  C  N S 118 
DT  "O3'"  O  N N 119 
DT  "C2'"  C  N N 120 
DT  "C1'"  C  N R 121 
DT  N1     N  N N 122 
DT  C2     C  N N 123 
DT  O2     O  N N 124 
DT  N3     N  N N 125 
DT  C4     C  N N 126 
DT  O4     O  N N 127 
DT  C5     C  N N 128 
DT  C7     C  N N 129 
DT  C6     C  N N 130 
DT  HOP3   H  N N 131 
DT  HOP2   H  N N 132 
DT  "H5'"  H  N N 133 
DT  "H5''" H  N N 134 
DT  "H4'"  H  N N 135 
DT  "H3'"  H  N N 136 
DT  "HO3'" H  N N 137 
DT  "H2'"  H  N N 138 
DT  "H2''" H  N N 139 
DT  "H1'"  H  N N 140 
DT  H3     H  N N 141 
DT  H71    H  N N 142 
DT  H72    H  N N 143 
DT  H73    H  N N 144 
DT  H6     H  N N 145 
HOH O      O  N N 146 
HOH H1     H  N N 147 
HOH H2     H  N N 148 
# 
loop_
_chem_comp_bond.comp_id 
_chem_comp_bond.atom_id_1 
_chem_comp_bond.atom_id_2 
_chem_comp_bond.value_order 
_chem_comp_bond.pdbx_aromatic_flag 
_chem_comp_bond.pdbx_stereo_config 
_chem_comp_bond.pdbx_ordinal 
DA  OP3   P      sing N N 1   
DA  OP3   HOP3   sing N N 2   
DA  P     OP1    doub N N 3   
DA  P     OP2    sing N N 4   
DA  P     "O5'"  sing N N 5   
DA  OP2   HOP2   sing N N 6   
DA  "O5'" "C5'"  sing N N 7   
DA  "C5'" "C4'"  sing N N 8   
DA  "C5'" "H5'"  sing N N 9   
DA  "C5'" "H5''" sing N N 10  
DA  "C4'" "O4'"  sing N N 11  
DA  "C4'" "C3'"  sing N N 12  
DA  "C4'" "H4'"  sing N N 13  
DA  "O4'" "C1'"  sing N N 14  
DA  "C3'" "O3'"  sing N N 15  
DA  "C3'" "C2'"  sing N N 16  
DA  "C3'" "H3'"  sing N N 17  
DA  "O3'" "HO3'" sing N N 18  
DA  "C2'" "C1'"  sing N N 19  
DA  "C2'" "H2'"  sing N N 20  
DA  "C2'" "H2''" sing N N 21  
DA  "C1'" N9     sing N N 22  
DA  "C1'" "H1'"  sing N N 23  
DA  N9    C8     sing Y N 24  
DA  N9    C4     sing Y N 25  
DA  C8    N7     doub Y N 26  
DA  C8    H8     sing N N 27  
DA  N7    C5     sing Y N 28  
DA  C5    C6     sing Y N 29  
DA  C5    C4     doub Y N 30  
DA  C6    N6     sing N N 31  
DA  C6    N1     doub Y N 32  
DA  N6    H61    sing N N 33  
DA  N6    H62    sing N N 34  
DA  N1    C2     sing Y N 35  
DA  C2    N3     doub Y N 36  
DA  C2    H2     sing N N 37  
DA  N3    C4     sing Y N 38  
DC  OP3   P      sing N N 39  
DC  OP3   HOP3   sing N N 40  
DC  P     OP1    doub N N 41  
DC  P     OP2    sing N N 42  
DC  P     "O5'"  sing N N 43  
DC  OP2   HOP2   sing N N 44  
DC  "O5'" "C5'"  sing N N 45  
DC  "C5'" "C4'"  sing N N 46  
DC  "C5'" "H5'"  sing N N 47  
DC  "C5'" "H5''" sing N N 48  
DC  "C4'" "O4'"  sing N N 49  
DC  "C4'" "C3'"  sing N N 50  
DC  "C4'" "H4'"  sing N N 51  
DC  "O4'" "C1'"  sing N N 52  
DC  "C3'" "O3'"  sing N N 53  
DC  "C3'" "C2'"  sing N N 54  
DC  "C3'" "H3'"  sing N N 55  
DC  "O3'" "HO3'" sing N N 56  
DC  "C2'" "C1'"  sing N N 57  
DC  "C2'" "H2'"  sing N N 58  
DC  "C2'" "H2''" sing N N 59  
DC  "C1'" N1     sing N N 60  
DC  "C1'" "H1'"  sing N N 61  
DC  N1    C2     sing N N 62  
DC  N1    C6     sing N N 63  
DC  C2    O2     doub N N 64  
DC  C2    N3     sing N N 65  
DC  N3    C4     doub N N 66  
DC  C4    N4     sing N N 67  
DC  C4    C5     sing N N 68  
DC  N4    H41    sing N N 69  
DC  N4    H42    sing N N 70  
DC  C5    C6     doub N N 71  
DC  C5    H5     sing N N 72  
DC  C6    H6     sing N N 73  
DG  OP3   P      sing N N 74  
DG  OP3   HOP3   sing N N 75  
DG  P     OP1    doub N N 76  
DG  P     OP2    sing N N 77  
DG  P     "O5'"  sing N N 78  
DG  OP2   HOP2   sing N N 79  
DG  "O5'" "C5'"  sing N N 80  
DG  "C5'" "C4'"  sing N N 81  
DG  "C5'" "H5'"  sing N N 82  
DG  "C5'" "H5''" sing N N 83  
DG  "C4'" "O4'"  sing N N 84  
DG  "C4'" "C3'"  sing N N 85  
DG  "C4'" "H4'"  sing N N 86  
DG  "O4'" "C1'"  sing N N 87  
DG  "C3'" "O3'"  sing N N 88  
DG  "C3'" "C2'"  sing N N 89  
DG  "C3'" "H3'"  sing N N 90  
DG  "O3'" "HO3'" sing N N 91  
DG  "C2'" "C1'"  sing N N 92  
DG  "C2'" "H2'"  sing N N 93  
DG  "C2'" "H2''" sing N N 94  
DG  "C1'" N9     sing N N 95  
DG  "C1'" "H1'"  sing N N 96  
DG  N9    C8     sing Y N 97  
DG  N9    C4     sing Y N 98  
DG  C8    N7     doub Y N 99  
DG  C8    H8     sing N N 100 
DG  N7    C5     sing Y N 101 
DG  C5    C6     sing N N 102 
DG  C5    C4     doub Y N 103 
DG  C6    O6     doub N N 104 
DG  C6    N1     sing N N 105 
DG  N1    C2     sing N N 106 
DG  N1    H1     sing N N 107 
DG  C2    N2     sing N N 108 
DG  C2    N3     doub N N 109 
DG  N2    H21    sing N N 110 
DG  N2    H22    sing N N 111 
DG  N3    C4     sing N N 112 
DT  OP3   P      sing N N 113 
DT  OP3   HOP3   sing N N 114 
DT  P     OP1    doub N N 115 
DT  P     OP2    sing N N 116 
DT  P     "O5'"  sing N N 117 
DT  OP2   HOP2   sing N N 118 
DT  "O5'" "C5'"  sing N N 119 
DT  "C5'" "C4'"  sing N N 120 
DT  "C5'" "H5'"  sing N N 121 
DT  "C5'" "H5''" sing N N 122 
DT  "C4'" "O4'"  sing N N 123 
DT  "C4'" "C3'"  sing N N 124 
DT  "C4'" "H4'"  sing N N 125 
DT  "O4'" "C1'"  sing N N 126 
DT  "C3'" "O3'"  sing N N 127 
DT  "C3'" "C2'"  sing N N 128 
DT  "C3'" "H3'"  sing N N 129 
DT  "O3'" "HO3'" sing N N 130 
DT  "C2'" "C1'"  sing N N 131 
DT  "C2'" "H2'"  sing N N 132 
DT  "C2'" "H2''" sing N N 133 
DT  "C1'" N1     sing N N 134 
DT  "C1'" "H1'"  sing N N 135 
DT  N1    C2     sing N N 136 
DT  N1    C6     sing N N 137 
DT  C2    O2     doub N N 138 
DT  C2    N3     sing N N 139 
DT  N3    C4     sing N N 140 
DT  N3    H3     sing N N 141 
DT  C4    O4     doub N N 142 
DT  C4    C5     sing N N 143 
DT  C5    C7     sing N N 144 
DT  C5    C6     doub N N 145 
DT  C7    H71    sing N N 146 
DT  C7    H72    sing N N 147 
DT  C7    H73    sing N N 148 
DT  C6    H6     sing N N 149 
HOH O     H1     sing N N 150 
HOH O     H2     sing N N 151 
# 
loop_
_ndb_struct_conf_na.entry_id 
_ndb_struct_conf_na.feature 
8GZM 'double helix'        
8GZM 'b-form double helix' 
8GZM 'parallel strands'    
# 
loop_
_ndb_struct_na_base_pair.model_number 
_ndb_struct_na_base_pair.i_label_asym_id 
_ndb_struct_na_base_pair.i_label_comp_id 
_ndb_struct_na_base_pair.i_label_seq_id 
_ndb_struct_na_base_pair.i_symmetry 
_ndb_struct_na_base_pair.j_label_asym_id 
_ndb_struct_na_base_pair.j_label_comp_id 
_ndb_struct_na_base_pair.j_label_seq_id 
_ndb_struct_na_base_pair.j_symmetry 
_ndb_struct_na_base_pair.shear 
_ndb_struct_na_base_pair.stretch 
_ndb_struct_na_base_pair.stagger 
_ndb_struct_na_base_pair.buckle 
_ndb_struct_na_base_pair.propeller 
_ndb_struct_na_base_pair.opening 
_ndb_struct_na_base_pair.pair_number 
_ndb_struct_na_base_pair.pair_name 
_ndb_struct_na_base_pair.i_auth_asym_id 
_ndb_struct_na_base_pair.i_auth_seq_id 
_ndb_struct_na_base_pair.i_PDB_ins_code 
_ndb_struct_na_base_pair.j_auth_asym_id 
_ndb_struct_na_base_pair.j_auth_seq_id 
_ndb_struct_na_base_pair.j_PDB_ins_code 
_ndb_struct_na_base_pair.hbond_type_28 
_ndb_struct_na_base_pair.hbond_type_12 
1 A DG 1  1_555 A DC 25 1_555 -0.059 -0.092 -0.063 -18.858 -4.910  3.145   1  A_DG1:DC25_A  A 1  ? A 25 ? 19 1 
1 A DC 2  1_555 A DG 24 1_555 0.050  -0.120 0.085  -7.529  -4.970  -2.176  2  A_DC2:DG24_A  A 2  ? A 24 ? 19 1 
1 A DC 3  1_555 A DG 23 1_555 0.187  -0.118 0.260  -7.432  -9.790  -1.177  3  A_DC3:DG23_A  A 3  ? A 23 ? 19 1 
1 A DG 4  1_555 A DC 22 1_555 -0.631 -0.269 0.060  3.865   -4.582  -1.567  4  A_DG4:DC22_A  A 4  ? A 22 ? 19 1 
1 A DA 5  1_555 A DT 21 1_555 0.084  0.010  0.327  6.139   -18.138 -4.771  5  A_DA5:DT21_A  A 5  ? A 21 ? 20 1 
1 A DC 6  1_555 A DG 20 1_555 0.129  -0.154 0.392  -1.062  -14.035 -0.398  6  A_DC6:DG20_A  A 6  ? A 20 ? 19 1 
1 A DG 7  1_555 A DC 19 1_555 -0.528 -0.147 0.118  10.098  4.390   -1.734  7  A_DG7:DC19_A  A 7  ? A 19 ? 19 1 
1 A DG 8  1_555 A DC 18 1_555 -0.326 0.114  0.508  22.492  -5.661  3.151   8  A_DG8:DC18_A  A 8  ? A 18 ? 19 1 
1 A DC 12 1_555 A DG 16 1_555 0.386  3.587  -0.621 34.816  38.968  -82.156 9  A_DC12:DG16_A A 12 ? A 16 ? ?  ? 
1 A DT 11 1_555 A DA 15 1_555 -0.405 0.091  0.405  -26.041 -17.135 3.011   10 A_DT11:DA15_A A 11 ? A 15 ? 20 1 
# 
loop_
_ndb_struct_na_base_pair_step.model_number 
_ndb_struct_na_base_pair_step.i_label_asym_id_1 
_ndb_struct_na_base_pair_step.i_label_comp_id_1 
_ndb_struct_na_base_pair_step.i_label_seq_id_1 
_ndb_struct_na_base_pair_step.i_symmetry_1 
_ndb_struct_na_base_pair_step.j_label_asym_id_1 
_ndb_struct_na_base_pair_step.j_label_comp_id_1 
_ndb_struct_na_base_pair_step.j_label_seq_id_1 
_ndb_struct_na_base_pair_step.j_symmetry_1 
_ndb_struct_na_base_pair_step.i_label_asym_id_2 
_ndb_struct_na_base_pair_step.i_label_comp_id_2 
_ndb_struct_na_base_pair_step.i_label_seq_id_2 
_ndb_struct_na_base_pair_step.i_symmetry_2 
_ndb_struct_na_base_pair_step.j_label_asym_id_2 
_ndb_struct_na_base_pair_step.j_label_comp_id_2 
_ndb_struct_na_base_pair_step.j_label_seq_id_2 
_ndb_struct_na_base_pair_step.j_symmetry_2 
_ndb_struct_na_base_pair_step.shift 
_ndb_struct_na_base_pair_step.slide 
_ndb_struct_na_base_pair_step.rise 
_ndb_struct_na_base_pair_step.tilt 
_ndb_struct_na_base_pair_step.roll 
_ndb_struct_na_base_pair_step.twist 
_ndb_struct_na_base_pair_step.x_displacement 
_ndb_struct_na_base_pair_step.y_displacement 
_ndb_struct_na_base_pair_step.helical_rise 
_ndb_struct_na_base_pair_step.inclination 
_ndb_struct_na_base_pair_step.tip 
_ndb_struct_na_base_pair_step.helical_twist 
_ndb_struct_na_base_pair_step.step_number 
_ndb_struct_na_base_pair_step.step_name 
_ndb_struct_na_base_pair_step.i_auth_asym_id_1 
_ndb_struct_na_base_pair_step.i_auth_seq_id_1 
_ndb_struct_na_base_pair_step.i_PDB_ins_code_1 
_ndb_struct_na_base_pair_step.j_auth_asym_id_1 
_ndb_struct_na_base_pair_step.j_auth_seq_id_1 
_ndb_struct_na_base_pair_step.j_PDB_ins_code_1 
_ndb_struct_na_base_pair_step.i_auth_asym_id_2 
_ndb_struct_na_base_pair_step.i_auth_seq_id_2 
_ndb_struct_na_base_pair_step.i_PDB_ins_code_2 
_ndb_struct_na_base_pair_step.j_auth_asym_id_2 
_ndb_struct_na_base_pair_step.j_auth_seq_id_2 
_ndb_struct_na_base_pair_step.j_PDB_ins_code_2 
1 A DG 1  1_555 A DC 25 1_555 A DC 2  1_555 A DG 24 1_555 -0.907 -0.464 2.925 1.400   5.706   34.308  -1.539 1.703  2.776 9.586  
-2.351  34.792  1 AA_DG1DC2:DG24DC25_AA   A 1  ? A 25 ? A 2  ? A 24 ? 
1 A DC 2  1_555 A DG 24 1_555 A DC 3  1_555 A DG 23 1_555 -0.237 -0.311 3.289 -0.995  5.214   34.076  -1.334 0.246  3.213 8.831  
1.685   34.475  2 AA_DC2DC3:DG23DG24_AA   A 2  ? A 24 ? A 3  ? A 23 ? 
1 A DC 3  1_555 A DG 23 1_555 A DG 4  1_555 A DC 22 1_555 0.439  0.895  3.093 2.104   2.783   30.517  1.164  -0.431 3.182 5.265  
-3.982  30.711  3 AA_DC3DG4:DC22DG23_AA   A 3  ? A 23 ? A 4  ? A 22 ? 
1 A DG 4  1_555 A DC 22 1_555 A DA 5  1_555 A DT 21 1_555 -0.868 0.858  3.309 -3.610  -1.756  42.592  1.355  0.822  3.332 -2.410 
4.957   42.772  4 AA_DG4DA5:DT21DC22_AA   A 4  ? A 22 ? A 5  ? A 21 ? 
1 A DA 5  1_555 A DT 21 1_555 A DC 6  1_555 A DG 20 1_555 0.474  -0.421 3.496 1.312   -0.141  34.730  -0.681 -0.579 3.512 -0.236 
-2.196  34.754  5 AA_DA5DC6:DG20DT21_AA   A 5  ? A 21 ? A 6  ? A 20 ? 
1 A DC 6  1_555 A DG 20 1_555 A DG 7  1_555 A DC 19 1_555 1.037  1.076  3.097 5.808   0.750   34.539  1.678  -0.871 3.245 1.253  
-9.696  35.017  6 AA_DC6DG7:DC19DG20_AA   A 6  ? A 20 ? A 7  ? A 19 ? 
1 A DG 7  1_555 A DC 19 1_555 A DG 8  1_555 A DC 18 1_555 -0.366 0.673  3.056 -3.051  2.901   31.978  0.722  0.144  3.124 5.237  
5.508   32.247  7 AA_DG7DG8:DC18DC19_AA   A 7  ? A 19 ? A 8  ? A 18 ? 
1 A DG 8  1_555 A DC 18 1_555 A DC 12 1_555 A DG 16 1_555 1.092  3.673  4.805 -10.247 14.056  128.465 1.875  -0.721 4.961 7.790  
5.679   129.100 8 AA_DG8DC12:DG16DC18_AA  A 8  ? A 18 ? A 12 ? A 16 ? 
1 A DC 12 1_555 A DG 16 1_555 A DT 11 1_555 A DA 15 1_555 -0.298 0.056  6.603 -31.845 -36.205 -87.118 1.261  -1.341 6.006 24.779 
-21.795 -97.179 9 AA_DC12DT11:DA15DG16_AA A 12 ? A 16 ? A 11 ? A 15 ? 
# 
_pdbx_audit_support.funding_organization   'National Natural Science Foundation of China (NSFC)' 
_pdbx_audit_support.country                China 
_pdbx_audit_support.grant_number           32171197 
_pdbx_audit_support.ordinal                1 
# 
loop_
_pdbx_entity_instance_feature.ordinal 
_pdbx_entity_instance_feature.comp_id 
_pdbx_entity_instance_feature.asym_id 
_pdbx_entity_instance_feature.seq_num 
_pdbx_entity_instance_feature.auth_comp_id 
_pdbx_entity_instance_feature.auth_asym_id 
_pdbx_entity_instance_feature.auth_seq_num 
_pdbx_entity_instance_feature.feature_type 
_pdbx_entity_instance_feature.details 
1 BA ? ? BA ? ? 'SUBJECT OF INVESTIGATION' ? 
2 CD ? ? CD ? ? 'SUBJECT OF INVESTIGATION' ? 
# 
_atom_sites.entry_id                    8GZM 
_atom_sites.Cartn_transf_matrix[1][1]   ? 
_atom_sites.Cartn_transf_matrix[1][2]   ? 
_atom_sites.Cartn_transf_matrix[1][3]   ? 
_atom_sites.Cartn_transf_matrix[2][1]   ? 
_atom_sites.Cartn_transf_matrix[2][2]   ? 
_atom_sites.Cartn_transf_matrix[2][3]   ? 
_atom_sites.Cartn_transf_matrix[3][1]   ? 
_atom_sites.Cartn_transf_matrix[3][2]   ? 
_atom_sites.Cartn_transf_matrix[3][3]   ? 
_atom_sites.Cartn_transf_vector[1]      ? 
_atom_sites.Cartn_transf_vector[2]      ? 
_atom_sites.Cartn_transf_vector[3]      ? 
_atom_sites.fract_transf_matrix[1][1]   0.00571906 
_atom_sites.fract_transf_matrix[1][2]   0.01909807 
_atom_sites.fract_transf_matrix[1][3]   0.00820123 
_atom_sites.fract_transf_matrix[2][1]   -0.01349754 
_atom_sites.fract_transf_matrix[2][2]   -0.00305574 
_atom_sites.fract_transf_matrix[2][3]   0.01652825 
_atom_sites.fract_transf_matrix[3][1]   0.00683337 
_atom_sites.fract_transf_matrix[3][2]   -0.00411590 
_atom_sites.fract_transf_matrix[3][3]   0.00481942 
_atom_sites.fract_transf_vector[1]      -0.084907 
_atom_sites.fract_transf_vector[2]      0.437137 
_atom_sites.fract_transf_vector[3]      -0.079333 
_atom_sites.solution_primary            ? 
_atom_sites.solution_secondary          ? 
_atom_sites.solution_hydrogens          ? 
_atom_sites.special_details             ? 
# 
loop_
_atom_type.symbol 
BA 
C  
CD 
N  
O  
P  
# 
loop_
_atom_site.group_PDB 
_atom_site.id 
_atom_site.type_symbol 
_atom_site.label_atom_id 
_atom_site.label_alt_id 
_atom_site.label_comp_id 
_atom_site.label_asym_id 
_atom_site.label_entity_id 
_atom_site.label_seq_id 
_atom_site.pdbx_PDB_ins_code 
_atom_site.Cartn_x 
_atom_site.Cartn_y 
_atom_site.Cartn_z 
_atom_site.occupancy 
_atom_site.B_iso_or_equiv 
_atom_site.pdbx_formal_charge 
_atom_site.auth_seq_id 
_atom_site.auth_comp_id 
_atom_site.auth_asym_id 
_atom_site.auth_atom_id 
_atom_site.pdbx_PDB_model_num 
ATOM   1   O  "O5'" . DG  A 1 1  ? 13.417  -7.148  -13.653 1.00 64.53  ? 1   DG  A "O5'" 1 
ATOM   2   C  "C5'" . DG  A 1 1  ? 12.937  -7.829  -14.807 1.00 59.72  ? 1   DG  A "C5'" 1 
ATOM   3   C  "C4'" . DG  A 1 1  ? 11.975  -8.927  -14.405 1.00 59.03  ? 1   DG  A "C4'" 1 
ATOM   4   O  "O4'" . DG  A 1 1  ? 12.588  -9.730  -13.391 1.00 60.21  ? 1   DG  A "O4'" 1 
ATOM   5   C  "C3'" . DG  A 1 1  ? 10.687  -8.458  -13.758 1.00 55.20  ? 1   DG  A "C3'" 1 
ATOM   6   O  "O3'" . DG  A 1 1  ? 9.731   -8.162  -14.758 1.00 64.05  ? 1   DG  A "O3'" 1 
ATOM   7   C  "C2'" . DG  A 1 1  ? 10.264  -9.689  -12.960 1.00 55.58  ? 1   DG  A "C2'" 1 
ATOM   8   C  "C1'" . DG  A 1 1  ? 11.582  -10.403 -12.689 1.00 58.78  ? 1   DG  A "C1'" 1 
ATOM   9   N  N9    . DG  A 1 1  ? 11.943  -10.443 -11.289 1.00 58.01  ? 1   DG  A N9    1 
ATOM   10  C  C8    . DG  A 1 1  ? 12.937  -9.726  -10.649 1.00 57.94  ? 1   DG  A C8    1 
ATOM   11  N  N7    . DG  A 1 1  ? 13.033  -9.996  -9.370  1.00 58.73  ? 1   DG  A N7    1 
ATOM   12  C  C5    . DG  A 1 1  ? 12.027  -10.950 -9.160  1.00 66.94  ? 1   DG  A C5    1 
ATOM   13  C  C6    . DG  A 1 1  ? 11.638  -11.638 -7.980  1.00 69.21  ? 1   DG  A C6    1 
ATOM   14  O  O6    . DG  A 1 1  ? 12.117  -11.531 -6.821  1.00 64.31  ? 1   DG  A O6    1 
ATOM   15  N  N1    . DG  A 1 1  ? 10.572  -12.529 -8.240  1.00 57.49  ? 1   DG  A N1    1 
ATOM   16  C  C2    . DG  A 1 1  ? 9.972   -12.714 -9.471  1.00 57.83  ? 1   DG  A C2    1 
ATOM   17  N  N2    . DG  A 1 1  ? 8.977   -13.610 -9.539  1.00 58.52  ? 1   DG  A N2    1 
ATOM   18  N  N3    . DG  A 1 1  ? 10.325  -12.072 -10.554 1.00 57.87  ? 1   DG  A N3    1 
ATOM   19  C  C4    . DG  A 1 1  ? 11.351  -11.218 -10.335 1.00 57.59  ? 1   DG  A C4    1 
ATOM   20  P  P     . DC  A 1 2  ? 8.454   -7.232  -14.454 1.00 59.46  ? 2   DC  A P     1 
ATOM   21  O  OP1   . DC  A 1 2  ? 8.146   -6.673  -15.795 1.00 61.54  ? 2   DC  A OP1   1 
ATOM   22  O  OP2   . DC  A 1 2  ? 8.711   -6.414  -13.244 1.00 54.85  ? 2   DC  A OP2   1 
ATOM   23  O  "O5'" . DC  A 1 2  ? 7.278   -8.231  -14.034 1.00 50.86  ? 2   DC  A "O5'" 1 
ATOM   24  C  "C5'" . DC  A 1 2  ? 7.082   -9.414  -14.772 1.00 53.54  ? 2   DC  A "C5'" 1 
ATOM   25  C  "C4'" . DC  A 1 2  ? 6.085   -10.291 -14.073 1.00 53.02  ? 2   DC  A "C4'" 1 
ATOM   26  O  "O4'" . DC  A 1 2  ? 6.704   -10.890 -12.893 1.00 56.25  ? 2   DC  A "O4'" 1 
ATOM   27  C  "C3'" . DC  A 1 2  ? 4.892   -9.519  -13.575 1.00 53.40  ? 2   DC  A "C3'" 1 
ATOM   28  O  "O3'" . DC  A 1 2  ? 3.740   -10.271 -13.706 1.00 57.87  ? 2   DC  A "O3'" 1 
ATOM   29  C  "C2'" . DC  A 1 2  ? 5.230   -9.276  -12.118 1.00 56.79  ? 2   DC  A "C2'" 1 
ATOM   30  C  "C1'" . DC  A 1 2  ? 5.982   -10.535 -11.741 1.00 54.32  ? 2   DC  A "C1'" 1 
ATOM   31  N  N1    . DC  A 1 2  ? 6.921   -10.264 -10.637 1.00 50.23  ? 2   DC  A N1    1 
ATOM   32  C  C2    . DC  A 1 2  ? 6.817   -10.955 -9.419  1.00 50.45  ? 2   DC  A C2    1 
ATOM   33  O  O2    . DC  A 1 2  ? 5.975   -11.859 -9.293  1.00 51.28  ? 2   DC  A O2    1 
ATOM   34  N  N3    . DC  A 1 2  ? 7.671   -10.625 -8.419  1.00 50.16  ? 2   DC  A N3    1 
ATOM   35  C  C4    . DC  A 1 2  ? 8.576   -9.654  -8.603  1.00 49.70  ? 2   DC  A C4    1 
ATOM   36  N  N4    . DC  A 1 2  ? 9.411   -9.370  -7.607  1.00 50.11  ? 2   DC  A N4    1 
ATOM   37  C  C5    . DC  A 1 2  ? 8.669   -8.936  -9.816  1.00 52.39  ? 2   DC  A C5    1 
ATOM   38  C  C6    . DC  A 1 2  ? 7.820   -9.258  -10.789 1.00 52.83  ? 2   DC  A C6    1 
ATOM   39  P  P     . DC  A 1 3  ? 2.341   -9.586  -13.360 1.00 63.69  ? 3   DC  A P     1 
ATOM   40  O  OP1   . DC  A 1 3  ? 1.734   -9.543  -14.690 1.00 49.45  ? 3   DC  A OP1   1 
ATOM   41  O  OP2   . DC  A 1 3  ? 2.506   -8.344  -12.543 1.00 56.35  ? 3   DC  A OP2   1 
ATOM   42  O  "O5'" . DC  A 1 3  ? 1.601   -10.654 -12.411 1.00 60.75  ? 3   DC  A "O5'" 1 
ATOM   43  C  "C5'" . DC  A 1 3  ? 2.354   -11.679 -11.763 1.00 50.78  ? 3   DC  A "C5'" 1 
ATOM   44  C  "C4'" . DC  A 1 3  ? 1.630   -12.176 -10.530 1.00 52.66  ? 3   DC  A "C4'" 1 
ATOM   45  O  "O4'" . DC  A 1 3  ? 2.485   -11.999 -9.366  1.00 56.54  ? 3   DC  A "O4'" 1 
ATOM   46  C  "C3'" . DC  A 1 3  ? 0.377   -11.403 -10.188 1.00 57.48  ? 3   DC  A "C3'" 1 
ATOM   47  O  "O3'" . DC  A 1 3  ? -0.439  -12.178 -9.301  1.00 60.29  ? 3   DC  A "O3'" 1 
ATOM   48  C  "C2'" . DC  A 1 3  ? 0.975   -10.213 -9.466  1.00 60.75  ? 3   DC  A "C2'" 1 
ATOM   49  C  "C1'" . DC  A 1 3  ? 1.989   -10.929 -8.584  1.00 47.71  ? 3   DC  A "C1'" 1 
ATOM   50  N  N1    . DC  A 1 3  ? 3.129   -10.073 -8.171  1.00 53.42  ? 3   DC  A N1    1 
ATOM   51  C  C2    . DC  A 1 3  ? 3.672   -10.225 -6.894  1.00 50.91  ? 3   DC  A C2    1 
ATOM   52  O  O2    . DC  A 1 3  ? 3.198   -11.096 -6.147  1.00 46.24  ? 3   DC  A O2    1 
ATOM   53  N  N3    . DC  A 1 3  ? 4.714   -9.428  -6.520  1.00 48.73  ? 3   DC  A N3    1 
ATOM   54  C  C4    . DC  A 1 3  ? 5.196   -8.513  -7.375  1.00 55.64  ? 3   DC  A C4    1 
ATOM   55  N  N4    . DC  A 1 3  ? 6.224   -7.756  -6.977  1.00 43.59  ? 3   DC  A N4    1 
ATOM   56  C  C5    . DC  A 1 3  ? 4.642   -8.340  -8.680  1.00 54.99  ? 3   DC  A C5    1 
ATOM   57  C  C6    . DC  A 1 3  ? 3.622   -9.131  -9.031  1.00 53.92  ? 3   DC  A C6    1 
ATOM   58  P  P     . DG  A 1 4  ? -2.032  -11.950 -9.264  1.00 74.38  ? 4   DG  A P     1 
ATOM   59  O  OP1   . DG  A 1 4  ? -2.666  -13.249 -9.592  1.00 57.60  ? 4   DG  A OP1   1 
ATOM   60  O  OP2   . DG  A 1 4  ? -2.348  -10.673 -9.962  1.00 49.18  ? 4   DG  A OP2   1 
ATOM   61  O  "O5'" . DG  A 1 4  ? -2.363  -11.606 -7.750  1.00 63.95  ? 4   DG  A "O5'" 1 
ATOM   62  C  "C5'" . DG  A 1 4  ? -2.115  -12.524 -6.722  1.00 53.34  ? 4   DG  A "C5'" 1 
ATOM   63  C  "C4'" . DG  A 1 4  ? -2.064  -11.779 -5.412  1.00 65.53  ? 4   DG  A "C4'" 1 
ATOM   64  O  "O4'" . DG  A 1 4  ? -0.810  -11.027 -5.341  1.00 59.41  ? 4   DG  A "O4'" 1 
ATOM   65  C  "C3'" . DG  A 1 4  ? -3.158  -10.710 -5.252  1.00 73.81  ? 4   DG  A "C3'" 1 
ATOM   66  O  "O3'" . DG  A 1 4  ? -3.424  -10.505 -3.887  1.00 73.38  ? 4   DG  A "O3'" 1 
ATOM   67  C  "C2'" . DG  A 1 4  ? -2.453  -9.483  -5.791  1.00 64.22  ? 4   DG  A "C2'" 1 
ATOM   68  C  "C1'" . DG  A 1 4  ? -1.144  -9.688  -5.073  1.00 55.07  ? 4   DG  A "C1'" 1 
ATOM   69  N  N9    . DG  A 1 4  ? -0.098  -8.801  -5.504  1.00 48.51  ? 4   DG  A N9    1 
ATOM   70  C  C8    . DG  A 1 4  ? -0.053  -8.083  -6.671  1.00 53.78  ? 4   DG  A C8    1 
ATOM   71  N  N7    . DG  A 1 4  ? 1.005   -7.336  -6.774  1.00 57.84  ? 4   DG  A N7    1 
ATOM   72  C  C5    . DG  A 1 4  ? 1.702   -7.567  -5.591  1.00 56.42  ? 4   DG  A C5    1 
ATOM   73  C  C6    . DG  A 1 4  ? 2.924   -7.025  -5.137  1.00 54.96  ? 4   DG  A C6    1 
ATOM   74  O  O6    . DG  A 1 4  ? 3.662   -6.207  -5.727  1.00 51.48  ? 4   DG  A O6    1 
ATOM   75  N  N1    . DG  A 1 4  ? 3.263   -7.513  -3.861  1.00 42.21  ? 4   DG  A N1    1 
ATOM   76  C  C2    . DG  A 1 4  ? 2.509   -8.430  -3.142  1.00 51.74  ? 4   DG  A C2    1 
ATOM   77  N  N2    . DG  A 1 4  ? 2.988   -8.804  -1.944  1.00 55.96  ? 4   DG  A N2    1 
ATOM   78  N  N3    . DG  A 1 4  ? 1.367   -8.945  -3.570  1.00 51.19  ? 4   DG  A N3    1 
ATOM   79  C  C4    . DG  A 1 4  ? 1.024   -8.461  -4.794  1.00 53.18  ? 4   DG  A C4    1 
ATOM   80  P  P     . DA  A 1 5  ? -4.561  -11.339 -3.153  1.00 78.32  ? 5   DA  A P     1 
ATOM   81  O  OP1   . DA  A 1 5  ? -5.013  -12.350 -4.141  1.00 74.91  ? 5   DA  A OP1   1 
ATOM   82  O  OP2   . DA  A 1 5  ? -5.462  -10.342 -2.533  1.00 65.04  ? 5   DA  A OP2   1 
ATOM   83  O  "O5'" . DA  A 1 5  ? -3.775  -12.094 -1.986  1.00 69.42  ? 5   DA  A "O5'" 1 
ATOM   84  C  "C5'" . DA  A 1 5  ? -4.178  -11.915 -0.668  1.00 67.98  ? 5   DA  A "C5'" 1 
ATOM   85  C  "C4'" . DA  A 1 5  ? -3.100  -11.246 0.171   1.00 63.49  ? 5   DA  A "C4'" 1 
ATOM   86  O  "O4'" . DA  A 1 5  ? -2.239  -10.414 -0.634  1.00 62.29  ? 5   DA  A "O4'" 1 
ATOM   87  C  "C3'" . DA  A 1 5  ? -3.654  -10.349 1.263   1.00 76.26  ? 5   DA  A "C3'" 1 
ATOM   88  O  "O3'" . DA  A 1 5  ? -3.122  -10.745 2.469   1.00 67.46  ? 5   DA  A "O3'" 1 
ATOM   89  C  "C2'" . DA  A 1 5  ? -3.224  -8.920  0.877   1.00 58.86  ? 5   DA  A "C2'" 1 
ATOM   90  C  "C1'" . DA  A 1 5  ? -1.995  -9.185  0.027   1.00 60.59  ? 5   DA  A "C1'" 1 
ATOM   91  N  N9    . DA  A 1 5  ? -1.755  -8.187  -1.006  1.00 59.47  ? 5   DA  A N9    1 
ATOM   92  C  C8    . DA  A 1 5  ? -2.553  -7.918  -2.091  1.00 56.86  ? 5   DA  A C8    1 
ATOM   93  N  N7    . DA  A 1 5  ? -2.075  -6.988  -2.889  1.00 49.44  ? 5   DA  A N7    1 
ATOM   94  C  C5    . DA  A 1 5  ? -0.866  -6.636  -2.303  1.00 54.18  ? 5   DA  A C5    1 
ATOM   95  C  C6    . DA  A 1 5  ? 0.140   -5.710  -2.672  1.00 45.29  ? 5   DA  A C6    1 
ATOM   96  N  N6    . DA  A 1 5  ? 0.073   -4.946  -3.771  1.00 42.29  ? 5   DA  A N6    1 
ATOM   97  N  N1    . DA  A 1 5  ? 1.219   -5.599  -1.861  1.00 41.56  ? 5   DA  A N1    1 
ATOM   98  C  C2    . DA  A 1 5  ? 1.293   -6.375  -0.764  1.00 46.65  ? 5   DA  A C2    1 
ATOM   99  N  N3    . DA  A 1 5  ? 0.419   -7.290  -0.317  1.00 60.91  ? 5   DA  A N3    1 
ATOM   100 C  C4    . DA  A 1 5  ? -0.650  -7.372  -1.141  1.00 63.50  ? 5   DA  A C4    1 
ATOM   101 P  P     . DC  A 1 6  ? -3.819  -10.236 3.801   1.00 77.79  ? 6   DC  A P     1 
ATOM   102 O  OP1   . DC  A 1 6  ? -3.412  -11.206 4.833   1.00 71.90  ? 6   DC  A OP1   1 
ATOM   103 O  OP2   . DC  A 1 6  ? -5.228  -9.884  3.489   1.00 72.62  ? 6   DC  A OP2   1 
ATOM   104 O  "O5'" . DC  A 1 6  ? -3.059  -8.885  4.104   1.00 74.28  ? 6   DC  A "O5'" 1 
ATOM   105 C  "C5'" . DC  A 1 6  ? -1.690  -8.940  4.376   1.00 60.73  ? 6   DC  A "C5'" 1 
ATOM   106 C  "C4'" . DC  A 1 6  ? -1.084  -7.556  4.322   1.00 58.23  ? 6   DC  A "C4'" 1 
ATOM   107 O  "O4'" . DC  A 1 6  ? -1.222  -6.999  3.012   1.00 54.79  ? 6   DC  A "O4'" 1 
ATOM   108 C  "C3'" . DC  A 1 6  ? -1.707  -6.539  5.269   1.00 50.08  ? 6   DC  A "C3'" 1 
ATOM   109 O  "O3'" . DC  A 1 6  ? -0.799  -6.356  6.337   1.00 39.92  ? 6   DC  A "O3'" 1 
ATOM   110 C  "C2'" . DC  A 1 6  ? -1.888  -5.261  4.395   1.00 45.31  ? 6   DC  A "C2'" 1 
ATOM   111 C  "C1'" . DC  A 1 6  ? -1.107  -5.615  3.130   1.00 44.00  ? 6   DC  A "C1'" 1 
ATOM   112 N  N1    . DC  A 1 6  ? -1.623  -5.031  1.860   1.00 47.86  ? 6   DC  A N1    1 
ATOM   113 C  C2    . DC  A 1 6  ? -0.841  -4.118  1.155   1.00 44.95  ? 6   DC  A C2    1 
ATOM   114 O  O2    . DC  A 1 6  ? 0.242   -3.763  1.640   1.00 44.64  ? 6   DC  A O2    1 
ATOM   115 N  N3    . DC  A 1 6  ? -1.299  -3.642  -0.034  1.00 45.06  ? 6   DC  A N3    1 
ATOM   116 C  C4    . DC  A 1 6  ? -2.485  -4.058  -0.504  1.00 46.53  ? 6   DC  A C4    1 
ATOM   117 N  N4    . DC  A 1 6  ? -2.921  -3.558  -1.662  1.00 37.50  ? 6   DC  A N4    1 
ATOM   118 C  C5    . DC  A 1 6  ? -3.275  -5.003  0.199   1.00 43.27  ? 6   DC  A C5    1 
ATOM   119 C  C6    . DC  A 1 6  ? -2.801  -5.472  1.352   1.00 45.17  ? 6   DC  A C6    1 
ATOM   120 P  P     . DG  A 1 7  ? -1.222  -5.622  7.687   1.00 59.92  ? 7   DG  A P     1 
ATOM   121 O  OP1   . DG  A 1 7  ? -0.172  -5.985  8.671   1.00 47.30  ? 7   DG  A OP1   1 
ATOM   122 O  OP2   . DG  A 1 7  ? -2.655  -5.841  8.005   1.00 65.50  ? 7   DG  A OP2   1 
ATOM   123 O  "O5'" . DG  A 1 7  ? -1.064  -4.098  7.298   1.00 52.35  ? 7   DG  A "O5'" 1 
ATOM   124 C  "C5'" . DG  A 1 7  ? 0.215   -3.542  7.208   1.00 43.58  ? 7   DG  A "C5'" 1 
ATOM   125 C  "C4'" . DG  A 1 7  ? 0.115   -2.086  6.871   1.00 36.27  ? 7   DG  A "C4'" 1 
ATOM   126 O  "O4'" . DG  A 1 7  ? -0.403  -1.978  5.515   1.00 39.12  ? 7   DG  A "O4'" 1 
ATOM   127 C  "C3'" . DG  A 1 7  ? -0.859  -1.294  7.738   1.00 36.25  ? 7   DG  A "C3'" 1 
ATOM   128 O  "O3'" . DG  A 1 7  ? -0.434  0.031   7.800   1.00 35.94  ? 7   DG  A "O3'" 1 
ATOM   129 C  "C2'" . DG  A 1 7  ? -2.122  -1.372  6.904   1.00 35.78  ? 7   DG  A "C2'" 1 
ATOM   130 C  "C1'" . DG  A 1 7  ? -1.508  -1.128  5.539   1.00 40.97  ? 7   DG  A "C1'" 1 
ATOM   131 N  N9    . DG  A 1 7  ? -2.377  -1.447  4.421   1.00 47.27  ? 7   DG  A N9    1 
ATOM   132 C  C8    . DG  A 1 7  ? -3.488  -2.239  4.464   1.00 40.51  ? 7   DG  A C8    1 
ATOM   133 N  N7    . DG  A 1 7  ? -4.078  -2.359  3.319   1.00 43.61  ? 7   DG  A N7    1 
ATOM   134 C  C5    . DG  A 1 7  ? -3.314  -1.586  2.445   1.00 44.18  ? 7   DG  A C5    1 
ATOM   135 C  C6    . DG  A 1 7  ? -3.490  -1.329  1.057   1.00 39.71  ? 7   DG  A C6    1 
ATOM   136 O  O6    . DG  A 1 7  ? -4.379  -1.753  0.311   1.00 38.50  ? 7   DG  A O6    1 
ATOM   137 N  N1    . DG  A 1 7  ? -2.491  -0.503  0.542   1.00 32.57  ? 7   DG  A N1    1 
ATOM   138 C  C2    . DG  A 1 7  ? -1.465  0.019   1.271   1.00 33.19  ? 7   DG  A C2    1 
ATOM   139 N  N2    . DG  A 1 7  ? -0.613  0.792   0.595   1.00 48.63  ? 7   DG  A N2    1 
ATOM   140 N  N3    . DG  A 1 7  ? -1.286  -0.200  2.583   1.00 42.11  ? 7   DG  A N3    1 
ATOM   141 C  C4    . DG  A 1 7  ? -2.257  -1.014  3.101   1.00 41.96  ? 7   DG  A C4    1 
ATOM   142 P  P     . DG  A 1 8  ? 0.126   0.654   9.159   1.00 40.20  ? 8   DG  A P     1 
ATOM   143 O  OP1   . DG  A 1 8  ? 1.393   -0.093  9.392   1.00 42.70  ? 8   DG  A OP1   1 
ATOM   144 O  OP2   . DG  A 1 8  ? -0.939  0.697   10.195  1.00 38.44  ? 8   DG  A OP2   1 
ATOM   145 O  "O5'" . DG  A 1 8  ? 0.453   2.172   8.764   1.00 46.41  ? 8   DG  A "O5'" 1 
ATOM   146 C  "C5'" . DG  A 1 8  ? 1.561   2.453   7.918   1.00 37.04  ? 8   DG  A "C5'" 1 
ATOM   147 C  "C4'" . DG  A 1 8  ? 1.207   3.474   6.870   1.00 35.67  ? 8   DG  A "C4'" 1 
ATOM   148 O  "O4'" . DG  A 1 8  ? 0.275   2.886   5.935   1.00 35.88  ? 8   DG  A "O4'" 1 
ATOM   149 C  "C3'" . DG  A 1 8  ? 0.524   4.733   7.386   1.00 38.07  ? 8   DG  A "C3'" 1 
ATOM   150 O  "O3'" . DG  A 1 8  ? 0.978   5.800   6.636   1.00 36.30  ? 8   DG  A "O3'" 1 
ATOM   151 C  "C2'" . DG  A 1 8  ? -0.948  4.461   7.075   1.00 34.84  ? 8   DG  A "C2'" 1 
ATOM   152 C  "C1'" . DG  A 1 8  ? -0.798  3.763   5.742   1.00 33.36  ? 8   DG  A "C1'" 1 
ATOM   153 N  N9    . DG  A 1 8  ? -1.943  2.978   5.336   1.00 32.30  ? 8   DG  A N9    1 
ATOM   154 C  C8    . DG  A 1 8  ? -2.732  2.197   6.123   1.00 32.71  ? 8   DG  A C8    1 
ATOM   155 N  N7    . DG  A 1 8  ? -3.681  1.590   5.471   1.00 35.26  ? 8   DG  A N7    1 
ATOM   156 C  C5    . DG  A 1 8  ? -3.497  1.992   4.160   1.00 39.76  ? 8   DG  A C5    1 
ATOM   157 C  C6    . DG  A 1 8  ? -4.227  1.677   2.995   1.00 38.42  ? 8   DG  A C6    1 
ATOM   158 O  O6    . DG  A 1 8  ? -5.202  0.934   2.871   1.00 40.46  ? 8   DG  A O6    1 
ATOM   159 N  N1    . DG  A 1 8  ? -3.717  2.316   1.884   1.00 39.60  ? 8   DG  A N1    1 
ATOM   160 C  C2    . DG  A 1 8  ? -2.641  3.142   1.880   1.00 29.68  ? 8   DG  A C2    1 
ATOM   161 N  N2    . DG  A 1 8  ? -2.296  3.642   0.688   1.00 29.39  ? 8   DG  A N2    1 
ATOM   162 N  N3    . DG  A 1 8  ? -1.937  3.443   2.956   1.00 37.75  ? 8   DG  A N3    1 
ATOM   163 C  C4    . DG  A 1 8  ? -2.426  2.838   4.061   1.00 43.08  ? 8   DG  A C4    1 
ATOM   164 P  P     . DG  A 1 9  ? 1.841   6.966   7.306   1.00 42.65  ? 9   DG  A P     1 
ATOM   165 O  OP1   . DG  A 1 9  ? 2.300   7.769   6.138   1.00 46.89  ? 9   DG  A OP1   1 
ATOM   166 O  OP2   . DG  A 1 9  ? 2.793   6.340   8.246   1.00 47.22  ? 9   DG  A OP2   1 
ATOM   167 O  "O5'" . DG  A 1 9  ? 0.779   7.842   8.126   1.00 42.29  ? 9   DG  A "O5'" 1 
ATOM   168 C  "C5'" . DG  A 1 9  ? -0.400  8.345   7.476   1.00 40.96  ? 9   DG  A "C5'" 1 
ATOM   169 C  "C4'" . DG  A 1 9  ? -1.208  9.201   8.435   1.00 49.37  ? 9   DG  A "C4'" 1 
ATOM   170 O  "O4'" . DG  A 1 9  ? -2.188  9.990   7.707   1.00 47.60  ? 9   DG  A "O4'" 1 
ATOM   171 C  "C3'" . DG  A 1 9  ? -2.029  8.422   9.439   1.00 44.91  ? 9   DG  A "C3'" 1 
ATOM   172 O  "O3'" . DG  A 1 9  ? -2.381  9.289   10.534  1.00 46.10  ? 9   DG  A "O3'" 1 
ATOM   173 C  "C2'" . DG  A 1 9  ? -3.247  8.072   8.598   1.00 51.77  ? 9   DG  A "C2'" 1 
ATOM   174 C  "C1'" . DG  A 1 9  ? -3.474  9.382   7.825   1.00 44.06  ? 9   DG  A "C1'" 1 
ATOM   175 N  N9    . DG  A 1 9  ? -3.995  9.154   6.485   1.00 46.13  ? 9   DG  A N9    1 
ATOM   176 C  C8    . DG  A 1 9  ? -3.327  9.358   5.297   1.00 53.20  ? 9   DG  A C8    1 
ATOM   177 N  N7    . DG  A 1 9  ? -4.030  9.062   4.242   1.00 37.08  ? 9   DG  A N7    1 
ATOM   178 C  C5    . DG  A 1 9  ? -5.223  8.603   4.747   1.00 43.95  ? 9   DG  A C5    1 
ATOM   179 C  C6    . DG  A 1 9  ? -6.354  8.120   4.066   1.00 47.06  ? 9   DG  A C6    1 
ATOM   180 O  O6    . DG  A 1 9  ? -6.503  7.980   2.843   1.00 40.42  ? 9   DG  A O6    1 
ATOM   181 N  N1    . DG  A 1 9  ? -7.374  7.769   4.958   1.00 41.35  ? 9   DG  A N1    1 
ATOM   182 C  C2    . DG  A 1 9  ? -7.276  7.853   6.336   1.00 38.90  ? 9   DG  A C2    1 
ATOM   183 N  N2    . DG  A 1 9  ? -8.350  7.448   7.029   1.00 41.10  ? 9   DG  A N2    1 
ATOM   184 N  N3    . DG  A 1 9  ? -6.208  8.304   6.988   1.00 36.21  ? 9   DG  A N3    1 
ATOM   185 C  C4    . DG  A 1 9  ? -5.229  8.656   6.138   1.00 41.31  ? 9   DG  A C4    1 
ATOM   186 P  P     . DT  A 1 10 ? -2.251  8.769   12.040  1.00 54.57  ? 10  DT  A P     1 
ATOM   187 O  OP1   . DT  A 1 10 ? -2.349  7.287   11.873  1.00 42.70  ? 10  DT  A OP1   1 
ATOM   188 O  OP2   . DT  A 1 10 ? -3.138  9.538   12.949  1.00 54.27  ? 10  DT  A OP2   1 
ATOM   189 O  "O5'" . DT  A 1 10 ? -0.795  9.267   12.456  1.00 56.55  ? 10  DT  A "O5'" 1 
ATOM   190 C  "C5'" . DT  A 1 10 ? -0.353  10.567  12.069  1.00 51.63  ? 10  DT  A "C5'" 1 
ATOM   191 C  "C4'" . DT  A 1 10 ? 1.156   10.671  12.199  1.00 55.37  ? 10  DT  A "C4'" 1 
ATOM   192 O  "O4'" . DT  A 1 10 ? 1.605   9.719   13.192  1.00 60.86  ? 10  DT  A "O4'" 1 
ATOM   193 C  "C3'" . DT  A 1 10 ? 1.939   10.316  10.940  1.00 55.77  ? 10  DT  A "C3'" 1 
ATOM   194 O  "O3'" . DT  A 1 10 ? 3.168   10.982  10.935  1.00 49.57  ? 10  DT  A "O3'" 1 
ATOM   195 C  "C2'" . DT  A 1 10 ? 2.161   8.835   11.112  1.00 45.99  ? 10  DT  A "C2'" 1 
ATOM   196 C  "C1'" . DT  A 1 10 ? 2.469   8.788   12.588  1.00 48.57  ? 10  DT  A "C1'" 1 
ATOM   197 N  N1    . DT  A 1 10 ? 2.203   7.485   13.149  1.00 56.83  ? 10  DT  A N1    1 
ATOM   198 C  C2    . DT  A 1 10 ? 3.184   6.549   13.110  1.00 53.37  ? 10  DT  A C2    1 
ATOM   199 O  O2    . DT  A 1 10 ? 4.300   6.758   12.658  1.00 57.88  ? 10  DT  A O2    1 
ATOM   200 N  N3    . DT  A 1 10 ? 2.831   5.351   13.633  1.00 51.35  ? 10  DT  A N3    1 
ATOM   201 C  C4    . DT  A 1 10 ? 1.627   4.966   14.178  1.00 53.81  ? 10  DT  A C4    1 
ATOM   202 O  O4    . DT  A 1 10 ? 1.432   3.831   14.630  1.00 47.75  ? 10  DT  A O4    1 
ATOM   203 C  C5    . DT  A 1 10 ? 0.624   5.983   14.183  1.00 53.33  ? 10  DT  A C5    1 
ATOM   204 C  C7    . DT  A 1 10 ? -0.728  5.686   14.751  1.00 49.37  ? 10  DT  A C7    1 
ATOM   205 C  C6    . DT  A 1 10 ? 0.951   7.193   13.669  1.00 59.44  ? 10  DT  A C6    1 
ATOM   206 P  P     . DT  A 1 11 ? 3.335   12.348  10.119  1.00 64.07  ? 11  DT  A P     1 
ATOM   207 O  OP1   . DT  A 1 11 ? 4.787   12.593  9.926   1.00 61.88  ? 11  DT  A OP1   1 
ATOM   208 O  OP2   . DT  A 1 11 ? 2.497   13.382  10.778  1.00 55.17  ? 11  DT  A OP2   1 
ATOM   209 O  "O5'" . DT  A 1 11 ? 2.692   12.002  8.703   1.00 54.30  ? 11  DT  A "O5'" 1 
ATOM   210 C  "C5'" . DT  A 1 11 ? 3.250   10.968  7.871   1.00 57.61  ? 11  DT  A "C5'" 1 
ATOM   211 C  "C4'" . DT  A 1 11 ? 2.693   11.065  6.470   1.00 56.18  ? 11  DT  A "C4'" 1 
ATOM   212 O  "O4'" . DT  A 1 11 ? 1.252   10.927  6.511   1.00 49.43  ? 11  DT  A "O4'" 1 
ATOM   213 C  "C3'" . DT  A 1 11 ? 2.970   12.391  5.758   1.00 61.47  ? 11  DT  A "C3'" 1 
ATOM   214 O  "O3'" . DT  A 1 11 ? 3.235   12.161  4.371   1.00 75.23  ? 11  DT  A "O3'" 1 
ATOM   215 C  "C2'" . DT  A 1 11 ? 1.674   13.159  5.932   1.00 51.55  ? 11  DT  A "C2'" 1 
ATOM   216 C  "C1'" . DT  A 1 11 ? 0.638   12.049  5.898   1.00 52.06  ? 11  DT  A "C1'" 1 
ATOM   217 N  N1    . DT  A 1 11 ? -0.598  12.350  6.642   1.00 48.92  ? 11  DT  A N1    1 
ATOM   218 C  C2    . DT  A 1 11 ? -1.790  12.341  5.953   1.00 54.74  ? 11  DT  A C2    1 
ATOM   219 O  O2    . DT  A 1 11 ? -1.869  12.097  4.761   1.00 53.85  ? 11  DT  A O2    1 
ATOM   220 N  N3    . DT  A 1 11 ? -2.893  12.631  6.718   1.00 48.65  ? 11  DT  A N3    1 
ATOM   221 C  C4    . DT  A 1 11 ? -2.920  12.922  8.069   1.00 52.61  ? 11  DT  A C4    1 
ATOM   222 O  O4    . DT  A 1 11 ? -3.989  13.162  8.622   1.00 45.14  ? 11  DT  A O4    1 
ATOM   223 C  C5    . DT  A 1 11 ? -1.633  12.913  8.727   1.00 55.17  ? 11  DT  A C5    1 
ATOM   224 C  C7    . DT  A 1 11 ? -1.563  13.215  10.190  1.00 48.72  ? 11  DT  A C7    1 
ATOM   225 C  C6    . DT  A 1 11 ? -0.551  12.631  7.990   1.00 53.27  ? 11  DT  A C6    1 
ATOM   226 P  P     . DC  A 1 12 ? 3.824   13.340  3.463   1.00 77.50  ? 12  DC  A P     1 
ATOM   227 O  OP1   . DC  A 1 12 ? 4.881   12.765  2.592   1.00 55.12  ? 12  DC  A OP1   1 
ATOM   228 O  OP2   . DC  A 1 12 ? 4.145   14.487  4.348   1.00 65.32  ? 12  DC  A OP2   1 
ATOM   229 O  "O5'" . DC  A 1 12 ? 2.584   13.740  2.545   1.00 68.94  ? 12  DC  A "O5'" 1 
ATOM   230 C  "C5'" . DC  A 1 12 ? 2.726   13.855  1.117   1.00 67.21  ? 12  DC  A "C5'" 1 
ATOM   231 C  "C4'" . DC  A 1 12 ? 1.372   13.790  0.451   1.00 49.38  ? 12  DC  A "C4'" 1 
ATOM   232 O  "O4'" . DC  A 1 12 ? 0.937   12.412  0.381   1.00 48.77  ? 12  DC  A "O4'" 1 
ATOM   233 C  "C3'" . DC  A 1 12 ? 0.263   14.541  1.187   1.00 70.74  ? 12  DC  A "C3'" 1 
ATOM   234 O  "O3'" . DC  A 1 12 ? -0.670  15.098  0.255   1.00 86.44  ? 12  DC  A "O3'" 1 
ATOM   235 C  "C2'" . DC  A 1 12 ? -0.392  13.457  2.021   1.00 57.32  ? 12  DC  A "C2'" 1 
ATOM   236 C  "C1'" . DC  A 1 12 ? -0.257  12.230  1.132   1.00 55.87  ? 12  DC  A "C1'" 1 
ATOM   237 N  N1    . DC  A 1 12 ? -0.134  10.964  1.869   1.00 49.52  ? 12  DC  A N1    1 
ATOM   238 C  C2    . DC  A 1 12 ? -1.293  10.239  2.160   1.00 36.08  ? 12  DC  A C2    1 
ATOM   239 O  O2    . DC  A 1 12 ? -2.387  10.686  1.787   1.00 35.78  ? 12  DC  A O2    1 
ATOM   240 N  N3    . DC  A 1 12 ? -1.191  9.073   2.838   1.00 35.10  ? 12  DC  A N3    1 
ATOM   241 C  C4    . DC  A 1 12 ? 0.008   8.628   3.221   1.00 49.95  ? 12  DC  A C4    1 
ATOM   242 N  N4    . DC  A 1 12 ? 0.062   7.472   3.888   1.00 35.12  ? 12  DC  A N4    1 
ATOM   243 C  C5    . DC  A 1 12 ? 1.205   9.347   2.939   1.00 51.98  ? 12  DC  A C5    1 
ATOM   244 C  C6    . DC  A 1 12 ? 1.089   10.500  2.267   1.00 50.58  ? 12  DC  A C6    1 
ATOM   245 P  P     . DA  A 1 13 ? -1.421  16.468  0.600   1.00 76.75  ? 13  DA  A P     1 
ATOM   246 O  OP1   . DA  A 1 13 ? -2.156  16.910  -0.612  1.00 75.87  ? 13  DA  A OP1   1 
ATOM   247 O  OP2   . DA  A 1 13 ? -0.439  17.380  1.239   1.00 87.32  ? 13  DA  A OP2   1 
ATOM   248 O  "O5'" . DA  A 1 13 ? -2.483  16.026  1.702   1.00 57.10  ? 13  DA  A "O5'" 1 
ATOM   249 C  "C5'" . DA  A 1 13 ? -3.662  15.285  1.337   1.00 67.53  ? 13  DA  A "C5'" 1 
ATOM   250 C  "C4'" . DA  A 1 13 ? -4.625  15.230  2.502   1.00 56.87  ? 13  DA  A "C4'" 1 
ATOM   251 O  "O4'" . DA  A 1 13 ? -3.906  14.857  3.701   1.00 63.71  ? 13  DA  A "O4'" 1 
ATOM   252 C  "C3'" . DA  A 1 13 ? -5.311  16.557  2.824   1.00 73.12  ? 13  DA  A "C3'" 1 
ATOM   253 O  "O3'" . DA  A 1 13 ? -6.631  16.325  3.323   1.00 71.55  ? 13  DA  A "O3'" 1 
ATOM   254 C  "C2'" . DA  A 1 13 ? -4.425  17.146  3.905   1.00 73.69  ? 13  DA  A "C2'" 1 
ATOM   255 C  "C1'" . DA  A 1 13 ? -3.952  15.910  4.654   1.00 71.41  ? 13  DA  A "C1'" 1 
ATOM   256 N  N9    . DA  A 1 13 ? -2.619  16.040  5.241   1.00 70.54  ? 13  DA  A N9    1 
ATOM   257 C  C8    . DA  A 1 13 ? -1.412  16.072  4.587   1.00 67.34  ? 13  DA  A C8    1 
ATOM   258 N  N7    . DA  A 1 13 ? -0.382  16.198  5.387   1.00 61.59  ? 13  DA  A N7    1 
ATOM   259 C  C5    . DA  A 1 13 ? -0.946  16.253  6.653   1.00 61.93  ? 13  DA  A C5    1 
ATOM   260 C  C6    . DA  A 1 13 ? -0.385  16.383  7.935   1.00 60.73  ? 13  DA  A C6    1 
ATOM   261 N  N6    . DA  A 1 13 ? 0.927   16.486  8.162   1.00 54.08  ? 13  DA  A N6    1 
ATOM   262 N  N1    . DA  A 1 13 ? -1.227  16.404  8.990   1.00 63.54  ? 13  DA  A N1    1 
ATOM   263 C  C2    . DA  A 1 13 ? -2.542  16.301  8.762   1.00 57.52  ? 13  DA  A C2    1 
ATOM   264 N  N3    . DA  A 1 13 ? -3.190  16.175  7.605   1.00 57.52  ? 13  DA  A N3    1 
ATOM   265 C  C4    . DA  A 1 13 ? -2.325  16.157  6.578   1.00 65.22  ? 13  DA  A C4    1 
ATOM   266 P  P     . DC  A 1 14 ? -7.902  16.801  2.476   1.00 83.81  ? 14  DC  A P     1 
ATOM   267 O  OP1   . DC  A 1 14 ? -7.845  16.118  1.156   1.00 75.20  ? 14  DC  A OP1   1 
ATOM   268 O  OP2   . DC  A 1 14 ? -7.961  18.284  2.552   1.00 66.37  ? 14  DC  A OP2   1 
ATOM   269 O  "O5'" . DC  A 1 14 ? -9.119  16.236  3.326   1.00 65.21  ? 14  DC  A "O5'" 1 
ATOM   270 C  "C5'" . DC  A 1 14 ? -10.205 15.690  2.648   1.00 63.57  ? 14  DC  A "C5'" 1 
ATOM   271 C  "C4'" . DC  A 1 14 ? -10.706 14.471  3.361   1.00 62.13  ? 14  DC  A "C4'" 1 
ATOM   272 O  "O4'" . DC  A 1 14 ? -9.752  14.063  4.383   1.00 80.24  ? 14  DC  A "O4'" 1 
ATOM   273 C  "C3'" . DC  A 1 14 ? -12.040 14.662  4.054   1.00 71.07  ? 14  DC  A "C3'" 1 
ATOM   274 O  "O3'" . DC  A 1 14 ? -12.853 13.516  3.813   1.00 61.92  ? 14  DC  A "O3'" 1 
ATOM   275 C  "C2'" . DC  A 1 14 ? -11.667 14.858  5.548   1.00 63.35  ? 14  DC  A "C2'" 1 
ATOM   276 C  "C1'" . DC  A 1 14 ? -10.361 14.065  5.672   1.00 78.20  ? 14  DC  A "C1'" 1 
ATOM   277 N  N1    . DC  A 1 14 ? -9.333  14.624  6.688   1.00 92.48  ? 14  DC  A N1    1 
ATOM   278 C  C2    . DC  A 1 14 ? -9.364  14.226  8.061   1.00 88.06  ? 14  DC  A C2    1 
ATOM   279 O  O2    . DC  A 1 14 ? -10.253 13.449  8.463   1.00 83.64  ? 14  DC  A O2    1 
ATOM   280 N  N3    . DC  A 1 14 ? -8.413  14.727  8.915   1.00 82.44  ? 14  DC  A N3    1 
ATOM   281 C  C4    . DC  A 1 14 ? -7.462  15.567  8.461   1.00 78.93  ? 14  DC  A C4    1 
ATOM   282 N  N4    . DC  A 1 14 ? -6.558  16.032  9.340   1.00 64.33  ? 14  DC  A N4    1 
ATOM   283 C  C5    . DC  A 1 14 ? -7.403  15.966  7.084   1.00 87.48  ? 14  DC  A C5    1 
ATOM   284 C  C6    . DC  A 1 14 ? -8.340  15.475  6.242   1.00 87.36  ? 14  DC  A C6    1 
ATOM   285 P  P     . DA  A 1 15 ? -13.389 13.185  2.326   1.00 81.86  ? 15  DA  A P     1 
ATOM   286 O  OP1   . DA  A 1 15 ? -13.706 14.429  1.593   1.00 74.07  ? 15  DA  A OP1   1 
ATOM   287 O  OP2   . DA  A 1 15 ? -14.351 12.063  2.470   1.00 54.86  ? 15  DA  A OP2   1 
ATOM   288 O  "O5'" . DA  A 1 15 ? -12.133 12.594  1.551   1.00 82.24  ? 15  DA  A "O5'" 1 
ATOM   289 C  "C5'" . DA  A 1 15 ? -11.990 11.188  1.371   1.00 62.49  ? 15  DA  A "C5'" 1 
ATOM   290 C  "C4'" . DA  A 1 15 ? -10.634 10.901  0.777   1.00 46.46  ? 15  DA  A "C4'" 1 
ATOM   291 O  "O4'" . DA  A 1 15 ? -9.612  11.390  1.683   1.00 56.65  ? 15  DA  A "O4'" 1 
ATOM   292 C  "C3'" . DA  A 1 15 ? -10.312 9.449   0.578   1.00 39.59  ? 15  DA  A "C3'" 1 
ATOM   293 O  "O3'" . DA  A 1 15 ? -9.305  9.351   -0.384  1.00 35.11  ? 15  DA  A "O3'" 1 
ATOM   294 C  "C2'" . DA  A 1 15 ? -9.780  9.089   1.961   1.00 42.52  ? 15  DA  A "C2'" 1 
ATOM   295 C  "C1'" . DA  A 1 15 ? -8.913  10.304  2.226   1.00 38.26  ? 15  DA  A "C1'" 1 
ATOM   296 N  N9    . DA  A 1 15 ? -8.662  10.579  3.629   1.00 44.39  ? 15  DA  A N9    1 
ATOM   297 C  C8    . DA  A 1 15 ? -9.490  10.326  4.695   1.00 50.17  ? 15  DA  A C8    1 
ATOM   298 N  N7    . DA  A 1 15 ? -8.986  10.695  5.857   1.00 48.24  ? 15  DA  A N7    1 
ATOM   299 C  C5    . DA  A 1 15 ? -7.735  11.217  5.521   1.00 52.50  ? 15  DA  A C5    1 
ATOM   300 C  C6    . DA  A 1 15 ? -6.693  11.774  6.293   1.00 48.70  ? 15  DA  A C6    1 
ATOM   301 N  N6    . DA  A 1 15 ? -6.749  11.910  7.621   1.00 54.51  ? 15  DA  A N6    1 
ATOM   302 N  N1    . DA  A 1 15 ? -5.591  12.199  5.642   1.00 48.66  ? 15  DA  A N1    1 
ATOM   303 C  C2    . DA  A 1 15 ? -5.540  12.078  4.312   1.00 44.84  ? 15  DA  A C2    1 
ATOM   304 N  N3    . DA  A 1 15 ? -6.450  11.577  3.482   1.00 41.23  ? 15  DA  A N3    1 
ATOM   305 C  C4    . DA  A 1 15 ? -7.534  11.161  4.155   1.00 47.01  ? 15  DA  A C4    1 
ATOM   306 P  P     . DG  A 1 16 ? -9.522  8.494   -1.643  1.00 41.75  ? 16  DG  A P     1 
ATOM   307 O  OP1   . DG  A 1 16 ? -8.417  8.739   -2.523  1.00 38.97  ? 16  DG  A OP1   1 
ATOM   308 O  OP2   . DG  A 1 16 ? -10.872 8.692   -2.085  1.00 45.13  ? 16  DG  A OP2   1 
ATOM   309 O  "O5'" . DG  A 1 16 ? -9.466  7.004   -1.125  1.00 45.24  ? 16  DG  A "O5'" 1 
ATOM   310 C  "C5'" . DG  A 1 16 ? -8.248  6.442   -0.626  1.00 37.32  ? 16  DG  A "C5'" 1 
ATOM   311 C  "C4'" . DG  A 1 16 ? -8.384  4.965   -0.351  1.00 35.68  ? 16  DG  A "C4'" 1 
ATOM   312 O  "O4'" . DG  A 1 16 ? -7.120  4.484   0.133   1.00 34.24  ? 16  DG  A "O4'" 1 
ATOM   313 C  "C3'" . DG  A 1 16 ? -9.383  4.591   0.731   1.00 35.99  ? 16  DG  A "C3'" 1 
ATOM   314 O  "O3'" . DG  A 1 16 ? -9.777  3.239   0.544   1.00 41.11  ? 16  DG  A "O3'" 1 
ATOM   315 C  "C2'" . DG  A 1 16 ? -8.547  4.713   1.982   1.00 34.42  ? 16  DG  A "C2'" 1 
ATOM   316 C  "C1'" . DG  A 1 16 ? -7.182  4.244   1.514   1.00 44.41  ? 16  DG  A "C1'" 1 
ATOM   317 N  N9    . DG  A 1 16 ? -6.047  4.913   2.143   1.00 46.26  ? 16  DG  A N9    1 
ATOM   318 C  C8    . DG  A 1 16 ? -5.097  5.707   1.554   1.00 37.81  ? 16  DG  A C8    1 
ATOM   319 N  N7    . DG  A 1 16 ? -4.225  6.177   2.402   1.00 30.97  ? 16  DG  A N7    1 
ATOM   320 C  C5    . DG  A 1 16 ? -4.574  5.588   3.608   1.00 44.10  ? 16  DG  A C5    1 
ATOM   321 C  C6    . DG  A 1 16 ? -3.986  5.705   4.894   1.00 42.11  ? 16  DG  A C6    1 
ATOM   322 O  O6    . DG  A 1 16 ? -2.974  6.316   5.223   1.00 40.82  ? 16  DG  A O6    1 
ATOM   323 N  N1    . DG  A 1 16 ? -4.702  4.998   5.849   1.00 47.50  ? 16  DG  A N1    1 
ATOM   324 C  C2    . DG  A 1 16 ? -5.824  4.260   5.600   1.00 39.48  ? 16  DG  A C2    1 
ATOM   325 N  N2    . DG  A 1 16 ? -6.357  3.638   6.650   1.00 38.36  ? 16  DG  A N2    1 
ATOM   326 N  N3    . DG  A 1 16 ? -6.377  4.133   4.409   1.00 36.79  ? 16  DG  A N3    1 
ATOM   327 C  C4    . DG  A 1 16 ? -5.710  4.825   3.466   1.00 43.94  ? 16  DG  A C4    1 
ATOM   328 P  P     . DT  A 1 17 ? -11.226 2.774   0.797   1.00 38.91  ? 17  DT  A P     1 
ATOM   329 O  OP1   . DT  A 1 17 ? -11.853 3.721   1.767   1.00 31.68  ? 17  DT  A OP1   1 
ATOM   330 O  OP2   . DT  A 1 17 ? -11.157 1.316   1.040   1.00 44.91  ? 17  DT  A OP2   1 
ATOM   331 O  "O5'" . DT  A 1 17 ? -11.900 2.968   -0.621  1.00 41.10  ? 17  DT  A "O5'" 1 
ATOM   332 C  "C5'" . DT  A 1 17 ? -11.409 2.260   -1.739  1.00 50.34  ? 17  DT  A "C5'" 1 
ATOM   333 C  "C4'" . DT  A 1 17 ? -11.866 2.931   -3.025  1.00 46.67  ? 17  DT  A "C4'" 1 
ATOM   334 O  "O4'" . DT  A 1 17 ? -13.290 3.210   -2.939  1.00 38.94  ? 17  DT  A "O4'" 1 
ATOM   335 C  "C3'" . DT  A 1 17 ? -11.210 4.282   -3.289  1.00 40.24  ? 17  DT  A "C3'" 1 
ATOM   336 O  "O3'" . DT  A 1 17 ? -11.151 4.545   -4.672  1.00 30.43  ? 17  DT  A "O3'" 1 
ATOM   337 C  "C2'" . DT  A 1 17 ? -12.165 5.246   -2.591  1.00 33.13  ? 17  DT  A "C2'" 1 
ATOM   338 C  "C1'" . DT  A 1 17 ? -13.494 4.609   -2.947  1.00 34.10  ? 17  DT  A "C1'" 1 
ATOM   339 N  N1    . DT  A 1 17 ? -14.588 4.915   -2.018  1.00 46.13  ? 17  DT  A N1    1 
ATOM   340 C  C2    . DT  A 1 17 ? -15.785 5.234   -2.551  1.00 49.76  ? 17  DT  A C2    1 
ATOM   341 O  O2    . DT  A 1 17 ? -15.979 5.286   -3.746  1.00 50.33  ? 17  DT  A O2    1 
ATOM   342 N  N3    . DT  A 1 17 ? -16.758 5.486   -1.653  1.00 41.53  ? 17  DT  A N3    1 
ATOM   343 C  C4    . DT  A 1 17 ? -16.689 5.456   -0.298  1.00 46.95  ? 17  DT  A C4    1 
ATOM   344 O  O4    . DT  A 1 17 ? -17.661 5.717   0.409   1.00 59.03  ? 17  DT  A O4    1 
ATOM   345 C  C5    . DT  A 1 17 ? -15.404 5.115   0.234   1.00 52.03  ? 17  DT  A C5    1 
ATOM   346 C  C7    . DT  A 1 17 ? -15.210 5.051   1.722   1.00 40.88  ? 17  DT  A C7    1 
ATOM   347 C  C6    . DT  A 1 17 ? -14.409 4.857   -0.649  1.00 48.59  ? 17  DT  A C6    1 
ATOM   348 P  P     . DC  A 1 18 ? -10.109 3.873   -5.613  1.00 39.15  ? 18  DC  A P     1 
ATOM   349 O  OP1   . DC  A 1 18 ? -10.587 3.965   -6.949  1.00 34.08  ? 18  DC  A OP1   1 
ATOM   350 O  OP2   . DC  A 1 18 ? -9.728  2.602   -5.082  1.00 58.86  ? 18  DC  A OP2   1 
ATOM   351 O  "O5'" . DC  A 1 18 ? -8.889  4.866   -5.646  1.00 44.13  ? 18  DC  A "O5'" 1 
ATOM   352 C  "C5'" . DC  A 1 18 ? -8.497  5.617   -4.526  1.00 34.86  ? 18  DC  A "C5'" 1 
ATOM   353 C  "C4'" . DC  A 1 18 ? -7.018  5.903   -4.586  1.00 44.72  ? 18  DC  A "C4'" 1 
ATOM   354 O  "O4'" . DC  A 1 18 ? -6.444  5.393   -3.375  1.00 44.34  ? 18  DC  A "O4'" 1 
ATOM   355 C  "C3'" . DC  A 1 18 ? -6.223  5.249   -5.708  1.00 39.49  ? 18  DC  A "C3'" 1 
ATOM   356 O  "O3'" . DC  A 1 18 ? -5.024  6.004   -5.923  1.00 46.20  ? 18  DC  A "O3'" 1 
ATOM   357 C  "C2'" . DC  A 1 18 ? -5.855  3.916   -5.093  1.00 47.91  ? 18  DC  A "C2'" 1 
ATOM   358 C  "C1'" . DC  A 1 18 ? -5.616  4.288   -3.644  1.00 47.10  ? 18  DC  A "C1'" 1 
ATOM   359 N  N1    . DC  A 1 18 ? -5.954  3.252   -2.678  1.00 51.63  ? 18  DC  A N1    1 
ATOM   360 C  C2    . DC  A 1 18 ? -5.103  3.039   -1.604  1.00 47.77  ? 18  DC  A C2    1 
ATOM   361 O  O2    . DC  A 1 18 ? -4.080  3.718   -1.515  1.00 36.74  ? 18  DC  A O2    1 
ATOM   362 N  N3    . DC  A 1 18 ? -5.410  2.095   -0.695  1.00 48.60  ? 18  DC  A N3    1 
ATOM   363 C  C4    . DC  A 1 18 ? -6.526  1.384   -0.828  1.00 41.78  ? 18  DC  A C4    1 
ATOM   364 N  N4    . DC  A 1 18 ? -6.798  0.474   0.100   1.00 39.11  ? 18  DC  A N4    1 
ATOM   365 C  C5    . DC  A 1 18 ? -7.417  1.583   -1.913  1.00 44.48  ? 18  DC  A C5    1 
ATOM   366 C  C6    . DC  A 1 18 ? -7.100  2.523   -2.804  1.00 45.75  ? 18  DC  A C6    1 
ATOM   367 P  P     . DC  A 1 19 ? -4.190  5.880   -7.249  1.00 47.18  ? 19  DC  A P     1 
ATOM   368 O  OP1   . DC  A 1 19 ? -3.737  7.241   -7.624  1.00 49.82  ? 19  DC  A OP1   1 
ATOM   369 O  OP2   . DC  A 1 19 ? -4.962  5.030   -8.181  1.00 46.01  ? 19  DC  A OP2   1 
ATOM   370 O  "O5'" . DC  A 1 19 ? -2.869  5.111   -6.795  1.00 38.02  ? 19  DC  A "O5'" 1 
ATOM   371 C  "C5'" . DC  A 1 19 ? -2.061  5.662   -5.790  1.00 35.38  ? 19  DC  A "C5'" 1 
ATOM   372 C  "C4'" . DC  A 1 19 ? -1.135  4.612   -5.231  1.00 41.74  ? 19  DC  A "C4'" 1 
ATOM   373 O  "O4'" . DC  A 1 19 ? -1.861  3.749   -4.328  1.00 40.55  ? 19  DC  A "O4'" 1 
ATOM   374 C  "C3'" . DC  A 1 19 ? -0.523  3.671   -6.285  1.00 47.99  ? 19  DC  A "C3'" 1 
ATOM   375 O  "O3'" . DC  A 1 19 ? 0.803   3.440   -5.956  1.00 51.36  ? 19  DC  A "O3'" 1 
ATOM   376 C  "C2'" . DC  A 1 19 ? -1.331  2.397   -6.110  1.00 37.89  ? 19  DC  A "C2'" 1 
ATOM   377 C  "C1'" . DC  A 1 19 ? -1.457  2.430   -4.609  1.00 45.90  ? 19  DC  A "C1'" 1 
ATOM   378 N  N1    . DC  A 1 19 ? -2.430  1.507   -4.064  1.00 38.31  ? 19  DC  A N1    1 
ATOM   379 C  C2    . DC  A 1 19 ? -2.220  0.990   -2.790  1.00 43.72  ? 19  DC  A C2    1 
ATOM   380 O  O2    . DC  A 1 19 ? -1.213  1.334   -2.157  1.00 52.71  ? 19  DC  A O2    1 
ATOM   381 N  N3    . DC  A 1 19 ? -3.132  0.140   -2.273  1.00 47.86  ? 19  DC  A N3    1 
ATOM   382 C  C4    . DC  A 1 19 ? -4.201  -0.195  -2.980  1.00 39.65  ? 19  DC  A C4    1 
ATOM   383 N  N4    . DC  A 1 19 ? -5.049  -1.041  -2.428  1.00 36.16  ? 19  DC  A N4    1 
ATOM   384 C  C5    . DC  A 1 19 ? -4.437  0.315   -4.293  1.00 40.96  ? 19  DC  A C5    1 
ATOM   385 C  C6    . DC  A 1 19 ? -3.531  1.162   -4.791  1.00 45.96  ? 19  DC  A C6    1 
ATOM   386 P  P     . DG  A 1 20 ? 1.970   4.189   -6.758  1.00 58.54  ? 20  DG  A P     1 
ATOM   387 O  OP1   . DG  A 1 20 ? 1.670   5.640   -6.738  1.00 55.85  ? 20  DG  A OP1   1 
ATOM   388 O  OP2   . DG  A 1 20 ? 2.090   3.492   -8.052  1.00 43.60  ? 20  DG  A OP2   1 
ATOM   389 O  "O5'" . DG  A 1 20 ? 3.260   3.955   -5.828  1.00 43.42  ? 20  DG  A "O5'" 1 
ATOM   390 C  "C5'" . DG  A 1 20 ? 3.399   4.725   -4.634  1.00 36.50  ? 20  DG  A "C5'" 1 
ATOM   391 C  "C4'" . DG  A 1 20 ? 4.108   3.944   -3.539  1.00 39.69  ? 20  DG  A "C4'" 1 
ATOM   392 O  "O4'" . DG  A 1 20 ? 3.205   2.966   -2.951  1.00 57.56  ? 20  DG  A "O4'" 1 
ATOM   393 C  "C3'" . DG  A 1 20 ? 5.330   3.152   -3.969  1.00 48.14  ? 20  DG  A "C3'" 1 
ATOM   394 O  "O3'" . DG  A 1 20 ? 6.204   3.050   -2.867  1.00 48.81  ? 20  DG  A "O3'" 1 
ATOM   395 C  "C2'" . DG  A 1 20 ? 4.727   1.795   -4.287  1.00 52.29  ? 20  DG  A "C2'" 1 
ATOM   396 C  "C1'" . DG  A 1 20 ? 3.716   1.659   -3.156  1.00 48.66  ? 20  DG  A "C1'" 1 
ATOM   397 N  N9    . DG  A 1 20 ? 2.592   0.788   -3.489  1.00 46.53  ? 20  DG  A N9    1 
ATOM   398 C  C8    . DG  A 1 20 ? 1.935   0.727   -4.697  1.00 46.03  ? 20  DG  A C8    1 
ATOM   399 N  N7    . DG  A 1 20 ? 0.946   -0.119  -4.707  1.00 48.13  ? 20  DG  A N7    1 
ATOM   400 C  C5    . DG  A 1 20 ? 0.947   -0.659  -3.423  1.00 39.90  ? 20  DG  A C5    1 
ATOM   401 C  C6    . DG  A 1 20 ? 0.096   -1.631  -2.849  1.00 40.57  ? 20  DG  A C6    1 
ATOM   402 O  O6    . DG  A 1 20 ? -0.846  -2.230  -3.372  1.00 42.00  ? 20  DG  A O6    1 
ATOM   403 N  N1    . DG  A 1 20 ? 0.430   -1.897  -1.535  1.00 38.73  ? 20  DG  A N1    1 
ATOM   404 C  C2    . DG  A 1 20 ? 1.439   -1.290  -0.857  1.00 37.93  ? 20  DG  A C2    1 
ATOM   405 N  N2    . DG  A 1 20 ? 1.591   -1.680  0.395   1.00 35.20  ? 20  DG  A N2    1 
ATOM   406 N  N3    . DG  A 1 20 ? 2.247   -0.365  -1.372  1.00 39.95  ? 20  DG  A N3    1 
ATOM   407 C  C4    . DG  A 1 20 ? 1.948   -0.108  -2.661  1.00 34.88  ? 20  DG  A C4    1 
ATOM   408 P  P     . DT  A 1 21 ? 7.714   2.561   -3.063  1.00 65.27  ? 21  DT  A P     1 
ATOM   409 O  OP1   . DT  A 1 21 ? 8.552   3.596   -2.400  1.00 71.84  ? 21  DT  A OP1   1 
ATOM   410 O  OP2   . DT  A 1 21 ? 7.916   2.139   -4.472  1.00 59.58  ? 21  DT  A OP2   1 
ATOM   411 O  "O5'" . DT  A 1 21 ? 7.801   1.289   -2.128  1.00 55.73  ? 21  DT  A "O5'" 1 
ATOM   412 C  "C5'" . DT  A 1 21 ? 7.483   1.454   -0.780  1.00 48.32  ? 21  DT  A "C5'" 1 
ATOM   413 C  "C4'" . DT  A 1 21 ? 7.092   0.146   -0.145  1.00 42.45  ? 21  DT  A "C4'" 1 
ATOM   414 O  "O4'" . DT  A 1 21 ? 5.956   -0.412  -0.817  1.00 55.60  ? 21  DT  A "O4'" 1 
ATOM   415 C  "C3'" . DT  A 1 21 ? 8.160   -0.932  -0.173  1.00 53.25  ? 21  DT  A "C3'" 1 
ATOM   416 O  "O3'" . DT  A 1 21 ? 8.404   -1.322  1.125   1.00 58.46  ? 21  DT  A "O3'" 1 
ATOM   417 C  "C2'" . DT  A 1 21 ? 7.535   -2.074  -0.985  1.00 55.61  ? 21  DT  A "C2'" 1 
ATOM   418 C  "C1'" . DT  A 1 21 ? 6.066   -1.811  -0.768  1.00 58.80  ? 21  DT  A "C1'" 1 
ATOM   419 N  N1    . DT  A 1 21 ? 5.170   -2.338  -1.811  1.00 55.59  ? 21  DT  A N1    1 
ATOM   420 C  C2    . DT  A 1 21 ? 4.239   -3.286  -1.476  1.00 51.02  ? 21  DT  A C2    1 
ATOM   421 O  O2    . DT  A 1 21 ? 4.163   -3.782  -0.358  1.00 53.72  ? 21  DT  A O2    1 
ATOM   422 N  N3    . DT  A 1 21 ? 3.417   -3.662  -2.507  1.00 44.10  ? 21  DT  A N3    1 
ATOM   423 C  C4    . DT  A 1 21 ? 3.442   -3.189  -3.807  1.00 43.51  ? 21  DT  A C4    1 
ATOM   424 O  O4    . DT  A 1 21 ? 2.663   -3.592  -4.678  1.00 49.61  ? 21  DT  A O4    1 
ATOM   425 C  C5    . DT  A 1 21 ? 4.448   -2.186  -4.074  1.00 47.83  ? 21  DT  A C5    1 
ATOM   426 C  C7    . DT  A 1 21 ? 4.568   -1.580  -5.434  1.00 40.51  ? 21  DT  A C7    1 
ATOM   427 C  C6    . DT  A 1 21 ? 5.245   -1.811  -3.077  1.00 42.96  ? 21  DT  A C6    1 
ATOM   428 P  P     . DC  A 1 22 ? 9.722   -2.013  1.459   1.00 61.50  ? 22  DC  A P     1 
ATOM   429 O  OP1   . DC  A 1 22 ? 10.168  -1.510  2.737   1.00 79.31  ? 22  DC  A OP1   1 
ATOM   430 O  OP2   . DC  A 1 22 ? 10.588  -1.906  0.302   1.00 60.63  ? 22  DC  A OP2   1 
ATOM   431 O  "O5'" . DC  A 1 22 ? 9.282   -3.511  1.691   1.00 76.42  ? 22  DC  A "O5'" 1 
ATOM   432 C  "C5'" . DC  A 1 22 ? 8.021   -3.795  2.281   1.00 78.24  ? 22  DC  A "C5'" 1 
ATOM   433 C  "C4'" . DC  A 1 22 ? 7.716   -5.263  2.134   1.00 71.58  ? 22  DC  A "C4'" 1 
ATOM   434 O  "O4'" . DC  A 1 22 ? 6.880   -5.475  0.976   1.00 72.78  ? 22  DC  A "O4'" 1 
ATOM   435 C  "C3'" . DC  A 1 22 ? 8.952   -6.122  1.902   1.00 73.00  ? 22  DC  A "C3'" 1 
ATOM   436 O  "O3'" . DC  A 1 22 ? 8.735   -7.413  2.452   1.00 76.23  ? 22  DC  A "O3'" 1 
ATOM   437 C  "C2'" . DC  A 1 22 ? 8.981   -6.261  0.400   1.00 58.44  ? 22  DC  A "C2'" 1 
ATOM   438 C  "C1'" . DC  A 1 22 ? 7.512   -6.395  0.105   1.00 68.95  ? 22  DC  A "C1'" 1 
ATOM   439 N  N1    . DC  A 1 22 ? 7.178   -6.019  -1.267  1.00 63.13  ? 22  DC  A N1    1 
ATOM   440 C  C2    . DC  A 1 22 ? 6.035   -6.544  -1.858  1.00 59.14  ? 22  DC  A C2    1 
ATOM   441 O  O2    . DC  A 1 22 ? 5.321   -7.306  -1.202  1.00 62.36  ? 22  DC  A O2    1 
ATOM   442 N  N3    . DC  A 1 22 ? 5.731   -6.196  -3.125  1.00 53.85  ? 22  DC  A N3    1 
ATOM   443 C  C4    . DC  A 1 22 ? 6.530   -5.370  -3.799  1.00 61.23  ? 22  DC  A C4    1 
ATOM   444 N  N4    . DC  A 1 22 ? 6.200   -5.059  -5.048  1.00 55.14  ? 22  DC  A N4    1 
ATOM   445 C  C5    . DC  A 1 22 ? 7.707   -4.827  -3.220  1.00 70.87  ? 22  DC  A C5    1 
ATOM   446 C  C6    . DC  A 1 22 ? 7.993   -5.179  -1.966  1.00 60.24  ? 22  DC  A C6    1 
ATOM   447 P  P     . DG  A 1 23 ? 9.928   -8.179  3.075   1.00 87.51  ? 23  DG  A P     1 
ATOM   448 O  OP1   . DG  A 1 23 ? 10.190  -7.576  4.402   1.00 95.99  ? 23  DG  A OP1   1 
ATOM   449 O  OP2   . DG  A 1 23 ? 10.988  -8.309  2.027   1.00 58.03  ? 23  DG  A OP2   1 
ATOM   450 O  "O5'" . DG  A 1 23 ? 9.344   -9.650  3.294   1.00 67.41  ? 23  DG  A "O5'" 1 
ATOM   451 C  "C5'" . DG  A 1 23 ? 8.010   -9.798  3.748   1.00 53.89  ? 23  DG  A "C5'" 1 
ATOM   452 C  "C4'" . DG  A 1 23 ? 7.314   -10.931 3.014   1.00 65.39  ? 23  DG  A "C4'" 1 
ATOM   453 O  "O4'" . DG  A 1 23 ? 6.926   -10.516 1.680   1.00 70.15  ? 23  DG  A "O4'" 1 
ATOM   454 C  "C3'" . DG  A 1 23 ? 8.119   -12.219 2.849   1.00 58.60  ? 23  DG  A "C3'" 1 
ATOM   455 O  "O3'" . DG  A 1 23 ? 7.246   -13.301 3.124   1.00 68.16  ? 23  DG  A "O3'" 1 
ATOM   456 C  "C2'" . DG  A 1 23 ? 8.558   -12.176 1.378   1.00 65.62  ? 23  DG  A "C2'" 1 
ATOM   457 C  "C1'" . DG  A 1 23 ? 7.391   -11.450 0.723   1.00 63.96  ? 23  DG  A "C1'" 1 
ATOM   458 N  N9    . DG  A 1 23 ? 7.740   -10.685 -0.473  1.00 66.62  ? 23  DG  A N9    1 
ATOM   459 C  C8    . DG  A 1 23 ? 8.854   -9.898  -0.659  1.00 63.76  ? 23  DG  A C8    1 
ATOM   460 N  N7    . DG  A 1 23 ? 8.872   -9.293  -1.818  1.00 66.59  ? 23  DG  A N7    1 
ATOM   461 C  C5    . DG  A 1 23 ? 7.680   -9.682  -2.431  1.00 60.65  ? 23  DG  A C5    1 
ATOM   462 C  C6    . DG  A 1 23 ? 7.141   -9.345  -3.706  1.00 54.99  ? 23  DG  A C6    1 
ATOM   463 O  O6    . DG  A 1 23 ? 7.625   -8.612  -4.586  1.00 48.08  ? 23  DG  A O6    1 
ATOM   464 N  N1    . DG  A 1 23 ? 5.917   -9.962  -3.923  1.00 49.53  ? 23  DG  A N1    1 
ATOM   465 C  C2    . DG  A 1 23 ? 5.293   -10.797 -3.038  1.00 50.47  ? 23  DG  A C2    1 
ATOM   466 N  N2    . DG  A 1 23 ? 4.119   -11.294 -3.430  1.00 63.05  ? 23  DG  A N2    1 
ATOM   467 N  N3    . DG  A 1 23 ? 5.779   -11.126 -1.849  1.00 57.40  ? 23  DG  A N3    1 
ATOM   468 C  C4    . DG  A 1 23 ? 6.971   -10.532 -1.611  1.00 62.17  ? 23  DG  A C4    1 
ATOM   469 P  P     . DG  A 1 24 ? 7.683   -14.831 2.933   1.00 84.61  ? 24  DG  A P     1 
ATOM   470 O  OP1   . DG  A 1 24 ? 6.764   -15.557 3.838   1.00 83.14  ? 24  DG  A OP1   1 
ATOM   471 O  OP2   . DG  A 1 24 ? 9.154   -15.040 2.986   1.00 70.69  ? 24  DG  A OP2   1 
ATOM   472 O  "O5'" . DG  A 1 24 ? 7.238   -15.152 1.444   1.00 85.45  ? 24  DG  A "O5'" 1 
ATOM   473 C  "C5'" . DG  A 1 24 ? 5.875   -15.355 1.148   1.00 78.53  ? 24  DG  A "C5'" 1 
ATOM   474 C  "C4'" . DG  A 1 24 ? 5.733   -15.956 -0.230  1.00 65.10  ? 24  DG  A "C4'" 1 
ATOM   475 O  "O4'" . DG  A 1 24 ? 6.036   -14.938 -1.212  1.00 74.39  ? 24  DG  A "O4'" 1 
ATOM   476 C  "C3'" . DG  A 1 24 ? 6.679   -17.119 -0.515  1.00 64.84  ? 24  DG  A "C3'" 1 
ATOM   477 O  "O3'" . DG  A 1 24 ? 5.997   -18.109 -1.211  1.00 67.09  ? 24  DG  A "O3'" 1 
ATOM   478 C  "C2'" . DG  A 1 24 ? 7.764   -16.484 -1.377  1.00 64.04  ? 24  DG  A "C2'" 1 
ATOM   479 C  "C1'" . DG  A 1 24 ? 6.957   -15.443 -2.136  1.00 68.51  ? 24  DG  A "C1'" 1 
ATOM   480 N  N9    . DG  A 1 24 ? 7.759   -14.340 -2.654  1.00 64.55  ? 24  DG  A N9    1 
ATOM   481 C  C8    . DG  A 1 24 ? 8.873   -13.772 -2.068  1.00 63.76  ? 24  DG  A C8    1 
ATOM   482 N  N7    . DG  A 1 24 ? 9.401   -12.811 -2.772  1.00 56.56  ? 24  DG  A N7    1 
ATOM   483 C  C5    . DG  A 1 24 ? 8.574   -12.726 -3.889  1.00 63.78  ? 24  DG  A C5    1 
ATOM   484 C  C6    . DG  A 1 24 ? 8.650   -11.868 -5.007  1.00 62.46  ? 24  DG  A C6    1 
ATOM   485 O  O6    . DG  A 1 24 ? 9.488   -10.980 -5.232  1.00 63.04  ? 24  DG  A O6    1 
ATOM   486 N  N1    . DG  A 1 24 ? 7.616   -12.108 -5.917  1.00 58.75  ? 24  DG  A N1    1 
ATOM   487 C  C2    . DG  A 1 24 ? 6.644   -13.069 -5.772  1.00 61.54  ? 24  DG  A C2    1 
ATOM   488 N  N2    . DG  A 1 24 ? 5.751   -13.153 -6.770  1.00 62.40  ? 24  DG  A N2    1 
ATOM   489 N  N3    . DG  A 1 24 ? 6.563   -13.893 -4.729  1.00 55.75  ? 24  DG  A N3    1 
ATOM   490 C  C4    . DG  A 1 24 ? 7.561   -13.664 -3.832  1.00 60.37  ? 24  DG  A C4    1 
ATOM   491 P  P     . DC  A 1 25 ? 6.475   -19.636 -1.112  1.00 96.05  ? 25  DC  A P     1 
ATOM   492 O  OP1   . DC  A 1 25 ? 5.320   -20.319 -0.485  1.00 94.86  ? 25  DC  A OP1   1 
ATOM   493 O  OP2   . DC  A 1 25 ? 7.871   -19.788 -0.619  1.00 72.83  ? 25  DC  A OP2   1 
ATOM   494 O  "O5'" . DC  A 1 25 ? 6.618   -20.077 -2.622  1.00 79.82  ? 25  DC  A "O5'" 1 
ATOM   495 C  "C5'" . DC  A 1 25 ? 7.421   -19.316 -3.473  1.00 75.10  ? 25  DC  A "C5'" 1 
ATOM   496 C  "C4'" . DC  A 1 25 ? 6.706   -19.075 -4.771  1.00 69.10  ? 25  DC  A "C4'" 1 
ATOM   497 O  "O4'" . DC  A 1 25 ? 6.859   -17.695 -5.145  1.00 64.89  ? 25  DC  A "O4'" 1 
ATOM   498 C  "C3'" . DC  A 1 25 ? 7.256   -19.860 -5.928  1.00 72.74  ? 25  DC  A "C3'" 1 
ATOM   499 O  "O3'" . DC  A 1 25 ? 6.268   -19.973 -6.907  1.00 72.48  ? 25  DC  A "O3'" 1 
ATOM   500 C  "C2'" . DC  A 1 25 ? 8.393   -18.966 -6.381  1.00 71.24  ? 25  DC  A "C2'" 1 
ATOM   501 C  "C1'" . DC  A 1 25 ? 7.784   -17.583 -6.192  1.00 65.97  ? 25  DC  A "C1'" 1 
ATOM   502 N  N1    . DC  A 1 25 ? 8.771   -16.547 -5.825  1.00 63.97  ? 25  DC  A N1    1 
ATOM   503 C  C2    . DC  A 1 25 ? 8.990   -15.479 -6.678  1.00 61.60  ? 25  DC  A C2    1 
ATOM   504 O  O2    . DC  A 1 25 ? 8.350   -15.417 -7.734  1.00 61.11  ? 25  DC  A O2    1 
ATOM   505 N  N3    . DC  A 1 25 ? 9.901   -14.539 -6.332  1.00 60.26  ? 25  DC  A N3    1 
ATOM   506 C  C4    . DC  A 1 25 ? 10.576  -14.650 -5.196  1.00 61.17  ? 25  DC  A C4    1 
ATOM   507 N  N4    . DC  A 1 25 ? 11.461  -13.701 -4.902  1.00 60.15  ? 25  DC  A N4    1 
ATOM   508 C  C5    . DC  A 1 25 ? 10.360  -15.728 -4.308  1.00 63.50  ? 25  DC  A C5    1 
ATOM   509 C  C6    . DC  A 1 25 ? 9.457   -16.647 -4.659  1.00 64.86  ? 25  DC  A C6    1 
HETATM 510 CD CD    . CD  B 2 .  ? -3.422  8.325   2.059   1.00 39.18  ? 101 CD  A CD    1 
HETATM 511 CD CD    . CD  C 2 .  ? 4.428   3.659   13.951  1.00 63.82  ? 102 CD  A CD    1 
HETATM 512 BA BA    . BA  D 3 .  ? 1.316   -5.094  -9.010  1.00 122.76 ? 103 BA  A BA    1 
HETATM 513 BA BA    . BA  E 3 .  ? -6.918  -3.157  3.281   1.00 124.77 ? 104 BA  A BA    1 
HETATM 514 BA BA    . BA  F 3 .  ? 11.427  -8.588  -3.517  1.00 156.88 ? 105 BA  A BA    1 
HETATM 515 O  O     . HOH G 4 .  ? -5.492  9.020   1.153   1.00 33.89  ? 201 HOH A O     1 
HETATM 516 O  O     . HOH G 4 .  ? -1.783  8.080   0.447   1.00 30.02  ? 202 HOH A O     1 
HETATM 517 O  O     . HOH G 4 .  ? -0.825  5.018   11.201  1.00 34.52  ? 203 HOH A O     1 
HETATM 518 O  O     . HOH G 4 .  ? 1.729   5.266   10.802  1.00 44.09  ? 204 HOH A O     1 
HETATM 519 O  O     . HOH G 4 .  ? 3.823   2.644   11.105  1.00 20.24  ? 205 HOH A O     1 
# 
loop_
_atom_site_anisotrop.id 
_atom_site_anisotrop.type_symbol 
_atom_site_anisotrop.pdbx_label_atom_id 
_atom_site_anisotrop.pdbx_label_alt_id 
_atom_site_anisotrop.pdbx_label_comp_id 
_atom_site_anisotrop.pdbx_label_asym_id 
_atom_site_anisotrop.pdbx_label_seq_id 
_atom_site_anisotrop.pdbx_PDB_ins_code 
_atom_site_anisotrop.U[1][1] 
_atom_site_anisotrop.U[2][2] 
_atom_site_anisotrop.U[3][3] 
_atom_site_anisotrop.U[1][2] 
_atom_site_anisotrop.U[1][3] 
_atom_site_anisotrop.U[2][3] 
_atom_site_anisotrop.pdbx_auth_seq_id 
_atom_site_anisotrop.pdbx_auth_comp_id 
_atom_site_anisotrop.pdbx_auth_asym_id 
_atom_site_anisotrop.pdbx_auth_atom_id 
1   O "O5'" . DG A 1  ? 0.5531 1.3226 0.5761 0.2125  0.0676  -0.1782 1  DG A "O5'" 
2   C "C5'" . DG A 1  ? 0.4962 1.2596 0.5133 0.2109  0.0750  -0.1997 1  DG A "C5'" 
3   C "C4'" . DG A 1  ? 0.5283 1.1861 0.5284 0.2243  0.0870  -0.2223 1  DG A "C4'" 
4   O "O4'" . DG A 1  ? 0.5603 1.1729 0.5547 0.2587  0.0897  -0.2266 1  DG A "O4'" 
5   C "C3'" . DG A 1  ? 0.5053 1.0965 0.4955 0.2028  0.0892  -0.2144 1  DG A "C3'" 
6   O "O3'" . DG A 1  ? 0.6139 1.2160 0.6037 0.1755  0.0905  -0.2193 1  DG A "O3'" 
7   C "C2'" . DG A 1  ? 0.5499 1.0383 0.5236 0.2260  0.1007  -0.2311 1  DG A "C2'" 
8   C "C1'" . DG A 1  ? 0.5830 1.0899 0.5603 0.2624  0.0997  -0.2355 1  DG A "C1'" 
9   N N9    . DG A 1  ? 0.5885 1.0557 0.5597 0.2830  0.0963  -0.2217 1  DG A N9    
10  C C8    . DG A 1  ? 0.5655 1.0901 0.5461 0.2927  0.0835  -0.2020 1  DG A C8    
11  N N7    . DG A 1  ? 0.5976 1.0675 0.5663 0.3143  0.0816  -0.1934 1  DG A N7    
12  C C5    . DG A 1  ? 0.7418 1.1092 0.6926 0.3168  0.0955  -0.2061 1  DG A C5    
13  C C6    . DG A 1  ? 0.8082 1.0816 0.7399 0.3345  0.1007  -0.2009 1  DG A C6    
14  O O6    . DG A 1  ? 0.7534 1.0138 0.6762 0.3552  0.0923  -0.1835 1  DG A O6    
15  N N1    . DG A 1  ? 0.6899 0.8820 0.6122 0.3245  0.1173  -0.2173 1  DG A N1    
16  C C2    . DG A 1  ? 0.6889 0.8912 0.6172 0.3027  0.1263  -0.2379 1  DG A C2    
17  N N2    . DG A 1  ? 0.7277 0.8489 0.6470 0.2945  0.1424  -0.2535 1  DG A N2    
18  N N3    . DG A 1  ? 0.6558 0.9446 0.5982 0.2892  0.1195  -0.2420 1  DG A N3    
19  C C4    . DG A 1  ? 0.6225 0.9893 0.5762 0.2965  0.1049  -0.2246 1  DG A C4    
20  P P     . DC A 2  ? 0.5674 1.1394 0.5522 0.1448  0.0887  -0.2048 2  DC A P     
21  O OP1   . DC A 2  ? 0.5697 1.2065 0.5619 0.1210  0.0836  -0.2018 2  DC A OP1   
22  O OP2   . DC A 2  ? 0.5116 1.0757 0.4970 0.1445  0.0829  -0.1823 2  DC A OP2   
23  O "O5'" . DC A 2  ? 0.4978 0.9684 0.4662 0.1484  0.1010  -0.2254 2  DC A "O5'" 
24  C "C5'" . DC A 2  ? 0.5405 0.9892 0.5046 0.1575  0.1101  -0.2532 2  DC A "C5'" 
25  C "C4'" . DC A 2  ? 0.5732 0.9198 0.5217 0.1596  0.1225  -0.2662 2  DC A "C4'" 
26  O "O4'" . DC A 2  ? 0.6352 0.9260 0.5758 0.1871  0.1278  -0.2624 2  DC A "O4'" 
27  C "C3'" . DC A 2  ? 0.5890 0.9071 0.5332 0.1347  0.1208  -0.2529 2  DC A "C3'" 
28  O "O3'" . DC A 2  ? 0.6678 0.9276 0.6034 0.1249  0.1303  -0.2706 2  DC A "O3'" 
29  C "C2'" . DC A 2  ? 0.6485 0.9239 0.5851 0.1486  0.1205  -0.2352 2  DC A "C2'" 
30  C "C1'" . DC A 2  ? 0.6338 0.8658 0.5643 0.1799  0.1294  -0.2479 2  DC A "C1'" 
31  N N1    . DC A 2  ? 0.5822 0.8146 0.5119 0.2022  0.1230  -0.2302 2  DC A N1    
32  C C2    . DC A 2  ? 0.6169 0.7676 0.5326 0.2209  0.1301  -0.2264 2  DC A C2    
33  O O2    . DC A 2  ? 0.6553 0.7316 0.5615 0.2172  0.1446  -0.2388 2  DC A O2    
34  N N3    . DC A 2  ? 0.6112 0.7705 0.5244 0.2424  0.1202  -0.2082 2  DC A N3    
35  C C4    . DC A 2  ? 0.5727 0.8174 0.4983 0.2435  0.1058  -0.1965 2  DC A C4    
36  N N4    . DC A 2  ? 0.5752 0.8309 0.4978 0.2655  0.0957  -0.1804 2  DC A N4    
37  C C5    . DC A 2  ? 0.5741 0.9002 0.5165 0.2210  0.1010  -0.1991 2  DC A C5    
38  C C6    . DC A 2  ? 0.5831 0.8988 0.5257 0.2017  0.1091  -0.2148 2  DC A C6    
39  P P     . DC A 3  ? 0.7500 0.9866 0.6833 0.0980  0.1291  -0.2609 3  DC A P     
40  O OP1   . DC A 3  ? 0.5497 0.8365 0.4928 0.0790  0.1251  -0.2750 3  DC A OP1   
41  O OP2   . DC A 3  ? 0.6516 0.9038 0.5857 0.0935  0.1208  -0.2334 3  DC A OP2   
42  O "O5'" . DC A 3  ? 0.7522 0.8866 0.6693 0.1046  0.1430  -0.2706 3  DC A "O5'" 
43  C "C5'" . DC A 3  ? 0.6488 0.7267 0.5539 0.1330  0.1527  -0.2756 3  DC A "C5'" 
44  C "C4'" . DC A 3  ? 0.7087 0.6957 0.5964 0.1371  0.1623  -0.2692 3  DC A "C4'" 
45  O "O4'" . DC A 3  ? 0.7671 0.7316 0.6495 0.1585  0.1641  -0.2505 3  DC A "O4'" 
46  C "C3'" . DC A 3  ? 0.7696 0.7542 0.6601 0.1108  0.1582  -0.2592 3  DC A "C3'" 
47  O "O3'" . DC A 3  ? 0.8338 0.7423 0.7147 0.1115  0.1651  -0.2608 3  DC A "O3'" 
48  C "C2'" . DC A 3  ? 0.8013 0.8142 0.6926 0.1154  0.1505  -0.2347 3  DC A "C2'" 
49  C "C1'" . DC A 3  ? 0.6545 0.6228 0.5355 0.1464  0.1576  -0.2307 3  DC A "C1'" 
50  N N1    . DC A 3  ? 0.7074 0.7265 0.5959 0.1599  0.1437  -0.2142 3  DC A N1    
51  C C2    . DC A 3  ? 0.6911 0.6730 0.5704 0.1829  0.1413  -0.1991 3  DC A C2    
52  O O2    . DC A 3  ? 0.6571 0.5696 0.5303 0.1880  0.1509  -0.2003 3  DC A O2    
53  N N3    . DC A 3  ? 0.6473 0.6773 0.5268 0.1983  0.1256  -0.1827 3  DC A N3    
54  C C4    . DC A 3  ? 0.7020 0.8158 0.5961 0.1878  0.1148  -0.1823 3  DC A C4    
55  N N4    . DC A 3  ? 0.5315 0.6961 0.4287 0.2009  0.1009  -0.1679 3  DC A N4    
56  C C5    . DC A 3  ? 0.6762 0.8298 0.5831 0.1621  0.1174  -0.1950 3  DC A C5    
57  C C6    . DC A 3  ? 0.6805 0.7853 0.5831 0.1504  0.1305  -0.2107 3  DC A C6    
58  P P     . DG A 4  ? 1.0109 0.9113 0.9038 0.0763  0.1678  -0.2626 4  DG A P     
59  O OP1   . DG A 4  ? 0.8113 0.6683 0.7087 0.0672  0.1766  -0.2861 4  DG A OP1   
60  O OP2   . DG A 4  ? 0.6635 0.6370 0.5681 0.0562  0.1590  -0.2563 4  DG A OP2   
61  O "O5'" . DG A 4  ? 0.8973 0.7509 0.7818 0.0790  0.1712  -0.2379 4  DG A "O5'" 
62  C "C5'" . DG A 4  ? 0.7884 0.5743 0.6638 0.0962  0.1780  -0.2308 4  DG A "C5'" 
63  C "C4'" . DG A 4  ? 0.9526 0.7207 0.8166 0.1027  0.1772  -0.2009 4  DG A "C4'" 
64  O "O4'" . DG A 4  ? 0.8623 0.6719 0.7231 0.1243  0.1653  -0.1933 4  DG A "O4'" 
65  C "C3'" . DG A 4  ? 1.0507 0.8377 0.9161 0.0776  0.1780  -0.1902 4  DG A "C3'" 
66  O "O3'" . DG A 4  ? 1.0648 0.8093 0.9140 0.0835  0.1828  -0.1648 4  DG A "O3'" 
67  C "C2'" . DG A 4  ? 0.9066 0.7592 0.7743 0.0819  0.1642  -0.1882 4  DG A "C2'" 
68  C "C1'" . DG A 4  ? 0.7996 0.6366 0.6560 0.1127  0.1597  -0.1778 4  DG A "C1'" 
69  N N9    . DG A 4  ? 0.6978 0.5907 0.5546 0.1227  0.1498  -0.1767 4  DG A N9    
70  C C8    . DG A 4  ? 0.7361 0.6988 0.6083 0.1067  0.1425  -0.1856 4  DG A C8    
71  N N7    . DG A 4  ? 0.7695 0.7818 0.6463 0.1150  0.1270  -0.1732 4  DG A N7    
72  C C5    . DG A 4  ? 0.7695 0.7429 0.6311 0.1399  0.1245  -0.1588 4  DG A C5    
73  C C6    . DG A 4  ? 0.7409 0.7451 0.6022 0.1562  0.1089  -0.1433 4  DG A C6    
74  O O6    . DG A 4  ? 0.6691 0.7411 0.5458 0.1489  0.0949  -0.1380 4  DG A O6    
75  N N1    . DG A 4  ? 0.6037 0.5551 0.4450 0.1818  0.1104  -0.1321 4  DG A N1    
76  C C2    . DG A 4  ? 0.7548 0.6313 0.5798 0.1881  0.1261  -0.1316 4  DG A C2    
77  N N2    . DG A 4  ? 0.8259 0.6661 0.6340 0.2110  0.1233  -0.1145 4  DG A N2    
78  N N3    . DG A 4  ? 0.7544 0.6040 0.5866 0.1664  0.1394  -0.1435 4  DG A N3    
79  C C4    . DG A 4  ? 0.7589 0.6567 0.6049 0.1469  0.1397  -0.1600 4  DG A C4    
80  P P     . DA A 5  ? 1.1497 0.8323 0.9939 0.0696  0.2026  -0.1582 5  DA A P     
81  O OP1   . DA A 5  ? 1.1031 0.7783 0.9649 0.0519  0.2110  -0.1851 5  DA A OP1   
82  O OP2   . DA A 5  ? 0.9805 0.6722 0.8182 0.0577  0.2052  -0.1432 5  DA A OP2   
83  O "O5'" . DA A 5  ? 1.0630 0.6888 0.8858 0.0978  0.2063  -0.1372 5  DA A "O5'" 
84  C "C5'" . DA A 5  ? 1.0642 0.6541 0.8647 0.1032  0.2147  -0.1102 5  DA A "C5'" 
85  C "C4'" . DA A 5  ? 1.0096 0.6123 0.7904 0.1323  0.1990  -0.0902 5  DA A "C4'" 
86  O "O4'" . DA A 5  ? 0.9703 0.6325 0.7641 0.1371  0.1797  -0.1026 5  DA A "O4'" 
87  C "C3'" . DA A 5  ? 1.1794 0.7788 0.9391 0.1336  0.1994  -0.0689 5  DA A "C3'" 
88  O "O3'" . DA A 5  ? 1.0892 0.6531 0.8208 0.1591  0.2015  -0.0457 5  DA A "O3'" 
89  C "C2'" . DA A 5  ? 0.9373 0.5956 0.7036 0.1337  0.1775  -0.0740 5  DA A "C2'" 
90  C "C1'" . DA A 5  ? 0.9456 0.6309 0.7257 0.1450  0.1665  -0.0876 5  DA A "C1'" 
91  N N9    . DA A 5  ? 0.9068 0.6497 0.7031 0.1345  0.1540  -0.1017 5  DA A N9    
92  C C8    . DA A 5  ? 0.8579 0.6296 0.6732 0.1093  0.1579  -0.1185 5  DA A C8    
93  N N7    . DA A 5  ? 0.7432 0.5680 0.5673 0.1053  0.1453  -0.1244 5  DA A N7    
94  C C5    . DA A 5  ? 0.8040 0.6368 0.6180 0.1273  0.1310  -0.1117 5  DA A C5    
95  C C6    . DA A 5  ? 0.6698 0.5573 0.4937 0.1287  0.1103  -0.1069 5  DA A C6    
96  N N6    . DA A 5  ? 0.6066 0.5492 0.4510 0.1083  0.1015  -0.1115 5  DA A N6    
97  N N1    . DA A 5  ? 0.6267 0.5131 0.4391 0.1510  0.0991  -0.0956 5  DA A N1    
98  C C2    . DA A 5  ? 0.7163 0.5505 0.5056 0.1740  0.1077  -0.0882 5  DA A C2    
99  N N3    . DA A 5  ? 0.9193 0.6975 0.6973 0.1746  0.1270  -0.0874 5  DA A N3    
100 C C4    . DA A 5  ? 0.9461 0.7271 0.7396 0.1484  0.1376  -0.1001 5  DA A C4    
101 P P     . DC A 6  ? 1.2366 0.7809 0.9383 0.1646  0.2093  -0.0226 6  DC A P     
102 O OP1   . DC A 6  ? 1.1876 0.6828 0.8614 0.1882  0.2201  0.0001  6  DC A OP1   
103 O OP2   . DC A 6  ? 1.1657 0.7145 0.8791 0.1365  0.2236  -0.0309 6  DC A OP2   
104 O "O5'" . DC A 6  ? 1.1793 0.7700 0.8729 0.1790  0.1828  -0.0207 6  DC A "O5'" 
105 C "C5'" . DC A 6  ? 1.0074 0.6083 0.6917 0.2049  0.1669  -0.0158 6  DC A "C5'" 
106 C "C4'" . DC A 6  ? 0.9594 0.6080 0.6451 0.2089  0.1423  -0.0217 6  DC A "C4'" 
107 O "O4'" . DC A 6  ? 0.8932 0.5787 0.6096 0.1867  0.1366  -0.0414 6  DC A "O4'" 
108 C "C3'" . DC A 6  ? 0.8629 0.5130 0.5272 0.2098  0.1371  -0.0134 6  DC A "C3'" 
109 O "O3'" . DC A 6  ? 0.7440 0.3935 0.3793 0.2389  0.1242  -0.0019 6  DC A "O3'" 
110 C "C2'" . DC A 6  ? 0.7813 0.4726 0.4676 0.1903  0.1219  -0.0296 6  DC A "C2'" 
111 C "C1'" . DC A 6  ? 0.7482 0.4634 0.4604 0.1853  0.1187  -0.0433 6  DC A "C1'" 
112 N N1    . DC A 6  ? 0.7767 0.5249 0.5169 0.1587  0.1168  -0.0579 6  DC A N1    
113 C C2    . DC A 6  ? 0.7174 0.5146 0.4758 0.1513  0.0955  -0.0624 6  DC A C2    
114 O O2    . DC A 6  ? 0.7111 0.5223 0.4626 0.1660  0.0787  -0.0568 6  DC A O2    
115 N N3    . DC A 6  ? 0.6992 0.5303 0.4826 0.1273  0.0936  -0.0714 6  DC A N3    
116 C C4    . DC A 6  ? 0.7186 0.5396 0.5098 0.1120  0.1107  -0.0788 6  DC A C4    
117 N N4    . DC A 6  ? 0.5833 0.4441 0.3973 0.0908  0.1071  -0.0868 6  DC A N4    
118 C C5    . DC A 6  ? 0.6981 0.4712 0.4747 0.1165  0.1322  -0.0769 6  DC A C5    
119 C C6    . DC A 6  ? 0.7424 0.4796 0.4943 0.1391  0.1348  -0.0647 6  DC A C6    
120 P P     . DG A 7  ? 1.0114 0.6541 0.6111 0.2522  0.1197  0.0082  7  DG A P     
121 O OP1   . DG A 7  ? 0.8635 0.5009 0.4328 0.2866  0.1115  0.0210  7  DG A OP1   
122 O OP2   . DG A 7  ? 1.0926 0.7107 0.6854 0.2394  0.1426  0.0152  7  DG A OP2   
123 O "O5'" . DG A 7  ? 0.8986 0.5792 0.5112 0.2409  0.0953  -0.0089 7  DG A "O5'" 
124 C "C5'" . DG A 7  ? 0.7747 0.4879 0.3932 0.2488  0.0694  -0.0149 7  DG A "C5'" 
125 C "C4'" . DG A 7  ? 0.6677 0.4086 0.3016 0.2290  0.0478  -0.0271 7  DG A "C4'" 
126 O "O4'" . DG A 7  ? 0.6882 0.4417 0.3565 0.2022  0.0546  -0.0346 7  DG A "O4'" 
127 C "C3'" . DG A 7  ? 0.6801 0.4055 0.2916 0.2304  0.0469  -0.0283 7  DG A "C3'" 
128 O "O3'" . DG A 7  ? 0.6678 0.4131 0.2845 0.2234  0.0192  -0.0391 7  DG A "O3'" 
129 C "C2'" . DG A 7  ? 0.6698 0.3879 0.3016 0.2087  0.0660  -0.0308 7  DG A "C2'" 
130 C "C1'" . DG A 7  ? 0.7134 0.4613 0.3821 0.1889  0.0550  -0.0384 7  DG A "C1'" 
131 N N9    . DG A 7  ? 0.7831 0.5356 0.4772 0.1679  0.0712  -0.0423 7  DG A N9    
132 C C8    . DG A 7  ? 0.7058 0.4367 0.3968 0.1641  0.0969  -0.0399 7  DG A C8    
133 N N7    . DG A 7  ? 0.7305 0.4776 0.4488 0.1428  0.1049  -0.0475 7  DG A N7    
134 C C5    . DG A 7  ? 0.7193 0.5010 0.4583 0.1332  0.0842  -0.0527 7  DG A C5    
135 C C6    . DG A 7  ? 0.6414 0.4574 0.4102 0.1117  0.0818  -0.0597 7  DG A C6    
136 O O6    . DG A 7  ? 0.6183 0.4425 0.4021 0.0972  0.0963  -0.0662 7  DG A O6    
137 N N1    . DG A 7  ? 0.5362 0.3834 0.3178 0.1068  0.0597  -0.0585 7  DG A N1    
138 C C2    . DG A 7  ? 0.5483 0.3943 0.3185 0.1181  0.0410  -0.0538 7  DG A C2    
139 N N2    . DG A 7  ? 0.7256 0.6070 0.5150 0.1061  0.0220  -0.0519 7  DG A N2    
140 N N3    . DG A 7  ? 0.6805 0.4968 0.4227 0.1389  0.0409  -0.0505 7  DG A N3    
141 C C4    . DG A 7  ? 0.6944 0.4791 0.4207 0.1466  0.0637  -0.0490 7  DG A C4    
142 P P     . DG A 8  ? 0.7327 0.4789 0.3160 0.2440  -0.0018 -0.0433 8  DG A P     
143 O OP1   . DG A 8  ? 0.7600 0.5235 0.3389 0.2606  -0.0082 -0.0365 8  DG A OP1   
144 O OP2   . DG A 8  ? 0.7300 0.4517 0.2789 0.2589  0.0112  -0.0415 8  DG A OP2   
145 O "O5'" . DG A 8  ? 0.7991 0.5614 0.4028 0.2238  -0.0313 -0.0587 8  DG A "O5'" 
146 C "C5'" . DG A 8  ? 0.6593 0.4532 0.2949 0.2068  -0.0490 -0.0603 8  DG A "C5'" 
147 C "C4'" . DG A 8  ? 0.6301 0.4283 0.2971 0.1778  -0.0576 -0.0646 8  DG A "C4'" 
148 O "O4'" . DG A 8  ? 0.6292 0.4227 0.3115 0.1687  -0.0330 -0.0580 8  DG A "O4'" 
149 C "C3'" . DG A 8  ? 0.6729 0.4458 0.3281 0.1752  -0.0714 -0.0758 8  DG A "C3'" 
150 O "O3'" . DG A 8  ? 0.6374 0.4205 0.3213 0.1500  -0.0926 -0.0784 8  DG A "O3'" 
151 C "C2'" . DG A 8  ? 0.6391 0.3923 0.2925 0.1764  -0.0462 -0.0718 8  DG A "C2'" 
152 C "C1'" . DG A 8  ? 0.6017 0.3785 0.2873 0.1591  -0.0332 -0.0619 8  DG A "C1'" 
153 N N9    . DG A 8  ? 0.5902 0.3591 0.2780 0.1590  -0.0053 -0.0572 8  DG A N9    
154 C C8    . DG A 8  ? 0.6104 0.3588 0.2735 0.1756  0.0163  -0.0546 8  DG A C8    
155 N N7    . DG A 8  ? 0.6379 0.3872 0.3146 0.1662  0.0386  -0.0515 8  DG A N7    
156 C C5    . DG A 8  ? 0.6758 0.4496 0.3855 0.1446  0.0306  -0.0530 8  DG A C5    
157 C C6    . DG A 8  ? 0.6446 0.4357 0.3795 0.1270  0.0442  -0.0531 8  DG A C6    
158 O O6    . DG A 8  ? 0.6711 0.4583 0.4079 0.1243  0.0665  -0.0535 8  DG A O6    
159 N N1    . DG A 8  ? 0.6414 0.4610 0.4023 0.1097  0.0292  -0.0525 8  DG A N1    
160 C C2    . DG A 8  ? 0.5113 0.3399 0.2766 0.1062  0.0052  -0.0503 8  DG A C2    
161 N N2    . DG A 8  ? 0.4882 0.3481 0.2803 0.0866  -0.0042 -0.0457 8  DG A N2    
162 N N3    . DG A 8  ? 0.6256 0.4378 0.3709 0.1196  -0.0087 -0.0524 8  DG A N3    
163 C C4    . DG A 8  ? 0.7115 0.4972 0.4281 0.1399  0.0046  -0.0544 8  DG A C4    
164 P P     . DG A 9  ? 0.7200 0.5003 0.4001 0.1439  -0.1266 -0.0921 9  DG A P     
165 O OP1   . DG A 9  ? 0.7555 0.5510 0.4753 0.1110  -0.1403 -0.0854 9  DG A OP1   
166 O OP2   . DG A 9  ? 0.7776 0.5787 0.4377 0.1623  -0.1335 -0.0959 9  DG A OP2   
167 O "O5'" . DG A 9  ? 0.7393 0.4751 0.3925 0.1563  -0.1310 -0.1069 9  DG A "O5'" 
168 C "C5'" . DG A 9  ? 0.7265 0.4397 0.3901 0.1501  -0.1211 -0.1037 9  DG A "C5'" 
169 C "C4'" . DG A 9  ? 0.8552 0.5303 0.4904 0.1681  -0.1286 -0.1219 9  DG A "C4'" 
170 O "O4'" . DG A 9  ? 0.8344 0.4881 0.4858 0.1607  -0.1265 -0.1194 9  DG A "O4'" 
171 C "C3'" . DG A 9  ? 0.8124 0.4835 0.4104 0.1988  -0.1065 -0.1251 9  DG A "C3'" 
172 O "O3'" . DG A 9  ? 0.8419 0.4930 0.4168 0.2149  -0.1191 -0.1431 9  DG A "O3'" 
173 C "C2'" . DG A 9  ? 0.8934 0.5659 0.5076 0.1954  -0.0807 -0.1123 9  DG A "C2'" 
174 C "C1'" . DG A 9  ? 0.7938 0.4481 0.4325 0.1792  -0.0987 -0.1158 9  DG A "C1'" 
175 N N9    . DG A 9  ? 0.8035 0.4750 0.4745 0.1621  -0.0848 -0.0987 9  DG A N9    
176 C C8    . DG A 9  ? 0.8762 0.5647 0.5805 0.1350  -0.0938 -0.0857 9  DG A C8    
177 N N7    . DG A 9  ? 0.6586 0.3663 0.3841 0.1262  -0.0781 -0.0730 9  DG A N7    
178 C C5    . DG A 9  ? 0.7528 0.4562 0.4611 0.1463  -0.0572 -0.0779 9  DG A C5    
179 C C6    . DG A 9  ? 0.7811 0.5047 0.5023 0.1455  -0.0353 -0.0709 9  DG A C6    
180 O O6    . DG A 9  ? 0.6792 0.4290 0.4276 0.1280  -0.0307 -0.0599 9  DG A O6    
181 N N1    . DG A 9  ? 0.7181 0.4359 0.4173 0.1671  -0.0177 -0.0784 9  DG A N1    
182 C C2    . DG A 9  ? 0.7056 0.4017 0.3708 0.1890  -0.0203 -0.0903 9  DG A C2    
183 N N2    . DG A 9  ? 0.7313 0.4417 0.3888 0.2009  -0.0004 -0.0887 9  DG A N2    
184 N N3    . DG A 9  ? 0.6832 0.3600 0.3328 0.1919  -0.0422 -0.0988 9  DG A N3    
185 C C4    . DG A 9  ? 0.7379 0.4192 0.4122 0.1689  -0.0600 -0.0923 9  DG A C4    
186 P P     . DT A 10 ? 0.9532 0.6220 0.4984 0.2387  -0.1143 -0.1450 10 DT A P     
187 O OP1   . DT A 10 ? 0.7977 0.4860 0.3386 0.2445  -0.0867 -0.1238 10 DT A OP1   
188 O OP2   . DT A 10 ? 0.9555 0.6163 0.4903 0.2528  -0.1150 -0.1552 10 DT A OP2   
189 O "O5'" . DT A 10 ? 0.9794 0.6509 0.5183 0.2331  -0.1473 -0.1621 10 DT A "O5'" 
190 C "C5'" . DT A 10 ? 0.9192 0.5674 0.4749 0.2127  -0.1769 -0.1793 10 DT A "C5'" 
191 C "C4'" . DT A 10 ? 0.9593 0.6262 0.5182 0.1988  -0.2049 -0.1890 10 DT A "C4'" 
192 O "O4'" . DT A 10 ? 1.0252 0.7266 0.5608 0.2214  -0.1969 -0.1848 10 DT A "O4'" 
193 C "C3'" . DT A 10 ? 0.9431 0.6351 0.5405 0.1704  -0.2060 -0.1699 10 DT A "C3'" 
194 O "O3'" . DT A 10 ? 0.8534 0.5601 0.4700 0.1471  -0.2369 -0.1798 10 DT A "O3'" 
195 C "C2'" . DT A 10 ? 0.8115 0.5391 0.3969 0.1890  -0.1834 -0.1531 10 DT A "C2'" 
196 C "C1'" . DT A 10 ? 0.8568 0.5891 0.3995 0.2156  -0.1952 -0.1708 10 DT A "C1'" 
197 N N1    . DT A 10 ? 0.9633 0.7125 0.4834 0.2432  -0.1679 -0.1535 10 DT A N1    
198 C C2    . DT A 10 ? 0.9081 0.6920 0.4277 0.2495  -0.1681 -0.1418 10 DT A C2    
199 O O2    . DT A 10 ? 0.9463 0.7598 0.4932 0.2312  -0.1880 -0.1434 10 DT A O2    
200 N N3    . DT A 10 ? 0.8883 0.6764 0.3864 0.2756  -0.1412 -0.1234 10 DT A N3    
201 C C4    . DT A 10 ? 0.9326 0.6994 0.4125 0.2917  -0.1149 -0.1141 10 DT A C4    
202 O O4    . DT A 10 ? 0.8605 0.6306 0.3230 0.3120  -0.0925 -0.0947 10 DT A O4    
203 C C5    . DT A 10 ? 0.9328 0.6753 0.4181 0.2829  -0.1162 -0.1268 10 DT A C5    
204 C C7    . DT A 10 ? 0.8906 0.6221 0.3633 0.2969  -0.0902 -0.1164 10 DT A C7    
205 C C6    . DT A 10 ? 1.0074 0.7395 0.5114 0.2614  -0.1421 -0.1461 10 DT A C6    
206 P P     . DT A 11 ? 1.0370 0.7113 0.6860 0.1124  -0.2603 -0.1858 11 DT A P     
207 O OP1   . DT A 11 ? 0.9897 0.6974 0.6638 0.0846  -0.2874 -0.1899 11 DT A OP1   
208 O OP2   . DT A 11 ? 0.9523 0.5692 0.5750 0.1281  -0.2668 -0.2083 11 DT A OP2   
209 O "O5'" . DT A 11 ? 0.9008 0.5791 0.5833 0.0960  -0.2383 -0.1562 11 DT A "O5'" 
210 C "C5'" . DT A 11 ? 0.9174 0.6475 0.6241 0.0860  -0.2239 -0.1336 11 DT A "C5'" 
211 C "C4'" . DT A 11 ? 0.8895 0.6187 0.6264 0.0677  -0.2090 -0.1112 11 DT A "C4'" 
212 O "O4'" . DT A 11 ? 0.8211 0.5183 0.5388 0.0891  -0.1882 -0.1114 11 DT A "O4'" 
213 C "C3'" . DT A 11 ? 0.9539 0.6616 0.7202 0.0345  -0.2304 -0.1064 11 DT A "C3'" 
214 O "O3'" . DT A 11 ? 1.1065 0.8464 0.9057 0.0139  -0.2177 -0.0799 11 DT A "O3'" 
215 C "C2'" . DT A 11 ? 0.8559 0.5011 0.6015 0.0507  -0.2307 -0.1178 11 DT A "C2'" 
216 C "C1'" . DT A 11 ? 0.8624 0.5220 0.5937 0.0760  -0.1978 -0.1092 11 DT A "C1'" 
217 N N1    . DT A 11 ? 0.8460 0.4655 0.5473 0.1053  -0.1886 -0.1229 11 DT A N1    
218 C C2    . DT A 11 ? 0.9179 0.5346 0.6273 0.1108  -0.1686 -0.1097 11 DT A C2    
219 O O2    . DT A 11 ? 0.8886 0.5311 0.6263 0.0925  -0.1594 -0.0885 11 DT A O2    
220 N N3    . DT A 11 ? 0.8587 0.4480 0.5419 0.1393  -0.1598 -0.1233 11 DT A N3    
221 C C4    . DT A 11 ? 0.9290 0.4932 0.5766 0.1637  -0.1680 -0.1488 11 DT A C4    
222 O O4    . DT A 11 ? 0.8414 0.3994 0.4744 0.1870  -0.1554 -0.1548 11 DT A O4    
223 C C5    . DT A 11 ? 0.9637 0.5309 0.6016 0.1566  -0.1899 -0.1626 11 DT A C5    
224 C C7    . DT A 11 ? 0.8946 0.4545 0.5021 0.1790  -0.1978 -0.1854 11 DT A C7    
225 C C6    . DT A 11 ? 0.9208 0.5160 0.5871 0.1276  -0.1992 -0.1488 11 DT A C6    
226 P P     . DC A 12 ? 1.1196 0.8662 0.9587 -0.0281 -0.2357 -0.0622 12 DC A P     
227 O OP1   . DC A 12 ? 0.8075 0.6192 0.6675 -0.0438 -0.2404 -0.0571 12 DC A OP1   
228 O OP2   . DC A 12 ? 0.9897 0.6695 0.8226 -0.0355 -0.2595 -0.0752 12 DC A OP2   
229 O "O5'" . DC A 12 ? 0.9995 0.7637 0.8563 -0.0335 -0.2132 -0.0353 12 DC A "O5'" 
230 C "C5'" . DC A 12 ? 0.9822 0.7160 0.8556 -0.0522 -0.2201 -0.0177 12 DC A "C5'" 
231 C "C4'" . DC A 12 ? 0.7664 0.4827 0.6270 -0.0292 -0.1997 -0.0128 12 DC A "C4'" 
232 O "O4'" . DC A 12 ? 0.7469 0.5072 0.5989 -0.0116 -0.1745 -0.0157 12 DC A "O4'" 
233 C "C3'" . DC A 12 ? 1.0678 0.7213 0.8986 -0.0016 -0.2044 -0.0349 12 DC A "C3'" 
234 O "O3'" . DC A 12 ? 1.2814 0.8833 1.1196 -0.0083 -0.2182 -0.0261 12 DC A "O3'" 
235 C "C2'" . DC A 12 ? 0.8991 0.5689 0.7102 0.0286  -0.1764 -0.0405 12 DC A "C2'" 
236 C "C1'" . DC A 12 ? 0.8537 0.5879 0.6809 0.0180  -0.1590 -0.0273 12 DC A "C1'" 
237 N N1    . DC A 12 ? 0.7741 0.5270 0.5806 0.0389  -0.1435 -0.0417 12 DC A N1    
238 C C2    . DC A 12 ? 0.6100 0.3611 0.3997 0.0614  -0.1195 -0.0462 12 DC A C2    
239 O O2    . DC A 12 ? 0.6088 0.3488 0.4019 0.0650  -0.1125 -0.0411 12 DC A O2    
240 N N3    . DC A 12 ? 0.5997 0.3626 0.3713 0.0785  -0.1045 -0.0545 12 DC A N3    
241 C C4    . DC A 12 ? 0.7838 0.5622 0.5518 0.0780  -0.1134 -0.0588 12 DC A C4    
242 N N4    . DC A 12 ? 0.6004 0.3859 0.3481 0.0982  -0.0981 -0.0639 12 DC A N4    
243 C C5    . DC A 12 ? 0.7998 0.5889 0.5861 0.0561  -0.1387 -0.0566 12 DC A C5    
244 C C6    . DC A 12 ? 0.7804 0.5551 0.5864 0.0349  -0.1525 -0.0477 12 DC A C6    
245 P P     . DA A 13 ? 1.1529 0.7593 1.0040 -0.0063 -0.2052 0.0001  13 DA A P     
246 O OP1   . DA A 13 ? 1.1198 0.7885 0.9744 0.0003  -0.1781 0.0088  13 DA A OP1   
247 O OP2   . DA A 13 ? 1.2829 0.8744 1.1605 -0.0388 -0.2232 0.0255  13 DA A OP2   
248 O "O5'" . DA A 13 ? 0.9320 0.4787 0.7589 0.0273  -0.2066 -0.0172 13 DA A "O5'" 
249 C "C5'" . DA A 13 ? 1.0604 0.6266 0.8787 0.0534  -0.1840 -0.0161 13 DA A "C5'" 
250 C "C4'" . DA A 13 ? 0.9416 0.4911 0.7279 0.0867  -0.1757 -0.0465 13 DA A "C4'" 
251 O "O4'" . DA A 13 ? 1.0320 0.5839 0.8049 0.0818  -0.1830 -0.0646 13 DA A "O4'" 
252 C "C3'" . DA A 13 ? 1.1744 0.6607 0.9432 0.1121  -0.1886 -0.0634 13 DA A "C3'" 
253 O "O3'" . DA A 13 ? 1.1563 0.6551 0.9073 0.1453  -0.1683 -0.0748 13 DA A "O3'" 
254 C "C2'" . DA A 13 ? 1.2003 0.6486 0.9508 0.1100  -0.2097 -0.0899 13 DA A "C2'" 
255 C "C1'" . DA A 13 ? 1.1553 0.6576 0.9003 0.1040  -0.1959 -0.0928 13 DA A "C1'" 
256 N N9    . DA A 13 ? 1.1484 0.6430 0.8888 0.0885  -0.2165 -0.1072 13 DA A N9    
257 C C8    . DA A 13 ? 1.0917 0.6088 0.8583 0.0532  -0.2292 -0.0933 13 DA A C8    
258 N N7    . DA A 13 ? 1.0233 0.5359 0.7809 0.0463  -0.2477 -0.1131 13 DA A N7    
259 C C5    . DA A 13 ? 1.0502 0.5330 0.7699 0.0806  -0.2474 -0.1422 13 DA A C5    
260 C C6    . DA A 13 ? 1.0489 0.5183 0.7402 0.0932  -0.2632 -0.1738 13 DA A C6    
261 N N6    . DA A 13 ? 0.9565 0.4419 0.6564 0.0703  -0.2846 -0.1819 13 DA A N6    
262 N N1    . DA A 13 ? 1.0974 0.5577 0.7590 0.1288  -0.2517 -0.1909 13 DA A N1    
263 C C2    . DA A 13 ? 1.0217 0.4818 0.6820 0.1488  -0.2288 -0.1800 13 DA A C2    
264 N N3    . DA A 13 ? 1.0168 0.4734 0.6953 0.1423  -0.2182 -0.1586 13 DA A N3    
265 C C4    . DA A 13 ? 1.0988 0.5708 0.8083 0.1069  -0.2271 -0.1382 13 DA A C4    
266 P P     . DC A 14 ? 1.3080 0.8060 1.0703 0.1627  -0.1614 -0.0604 14 DC A P     
267 O OP1   . DC A 14 ? 1.1709 0.7267 0.9595 0.1400  -0.1479 -0.0321 14 DC A OP1   
268 O OP2   . DC A 14 ? 1.1106 0.5390 0.8722 0.1701  -0.1861 -0.0626 14 DC A OP2   
269 O "O5'" . DC A 14 ? 1.0740 0.5898 0.8138 0.1994  -0.1400 -0.0805 14 DC A "O5'" 
270 C "C5'" . DC A 14 ? 1.0328 0.5971 0.7854 0.2081  -0.1184 -0.0679 14 DC A "C5'" 
271 C "C4'" . DC A 14 ? 1.0061 0.6109 0.7438 0.2198  -0.0924 -0.0810 14 DC A "C4'" 
272 O "O4'" . DC A 14 ? 1.2486 0.8367 0.9633 0.2158  -0.0963 -0.0967 14 DC A "O4'" 
273 C "C3'" . DC A 14 ? 1.1223 0.7321 0.8459 0.2560  -0.0803 -0.0958 14 DC A "C3'" 
274 O "O3'" . DC A 14 ? 0.9836 0.6536 0.7157 0.2554  -0.0518 -0.0902 14 DC A "O3'" 
275 C "C2'" . DC A 14 ? 1.0363 0.6338 0.7369 0.2594  -0.0844 -0.1150 14 DC A "C2'" 
276 C "C1'" . DC A 14 ? 1.2278 0.8225 0.9211 0.2374  -0.0873 -0.1141 14 DC A "C1'" 
277 N N1    . DC A 14 ? 1.4241 0.9885 1.1011 0.2327  -0.1080 -0.1290 14 DC A N1    
278 C C2    . DC A 14 ? 1.3701 0.9519 1.0239 0.2448  -0.1002 -0.1418 14 DC A C2    
279 O O2    . DC A 14 ? 1.3040 0.9222 0.9517 0.2568  -0.0761 -0.1387 14 DC A O2    
280 N N3    . DC A 14 ? 1.3116 0.8697 0.9509 0.2424  -0.1206 -0.1564 14 DC A N3    
281 C C4    . DC A 14 ? 1.2771 0.7957 0.9264 0.2252  -0.1470 -0.1594 14 DC A C4    
282 N N4    . DC A 14 ? 1.1028 0.6023 0.7390 0.2222  -0.1671 -0.1766 14 DC A N4    
283 C C5    . DC A 14 ? 1.3837 0.8821 1.0581 0.2091  -0.1546 -0.1434 14 DC A C5    
284 C C6    . DC A 14 ? 1.3702 0.8927 1.0564 0.2151  -0.1349 -0.1281 14 DC A C6    
285 P P     . DA A 15 ? 1.2073 0.9287 0.9743 0.2381  -0.0428 -0.0676 15 DA A P     
286 O OP1   . DA A 15 ? 1.1106 0.8124 0.8912 0.2479  -0.0616 -0.0560 15 DA A OP1   
287 O OP2   . DA A 15 ? 0.8454 0.6225 0.6164 0.2410  -0.0137 -0.0712 15 DA A OP2   
288 O "O5'" . DA A 15 ? 1.2049 0.9347 0.9849 0.2006  -0.0473 -0.0537 15 DA A "O5'" 
289 C "C5'" . DA A 15 ? 0.9393 0.7105 0.7246 0.1825  -0.0260 -0.0526 15 DA A "C5'" 
290 C "C4'" . DA A 15 ? 0.7340 0.5036 0.5277 0.1541  -0.0355 -0.0429 15 DA A "C4'" 
291 O "O4'" . DA A 15 ? 0.8853 0.6075 0.6595 0.1567  -0.0531 -0.0516 15 DA A "O4'" 
292 C "C3'" . DA A 15 ? 0.6342 0.4379 0.4323 0.1372  -0.0159 -0.0435 15 DA A "C3'" 
293 O "O3'" . DA A 15 ? 0.5671 0.3853 0.3815 0.1132  -0.0247 -0.0318 15 DA A "O3'" 
294 C "C2'" . DA A 15 ? 0.6914 0.4635 0.4608 0.1489  -0.0139 -0.0568 15 DA A "C2'" 
295 C "C1'" . DA A 15 ? 0.6535 0.3839 0.4161 0.1499  -0.0425 -0.0577 15 DA A "C1'" 
296 N N9    . DA A 15 ? 0.7536 0.4472 0.4856 0.1691  -0.0496 -0.0746 15 DA A N9    
297 C C8    . DA A 15 ? 0.8362 0.5259 0.5441 0.1944  -0.0355 -0.0878 15 DA A C8    
298 N N7    . DA A 15 ? 0.8319 0.4897 0.5111 0.2091  -0.0476 -0.1031 15 DA A N7    
299 C C5    . DA A 15 ? 0.8890 0.5281 0.5775 0.1898  -0.0719 -0.1005 15 DA A C5    
300 C C6    . DA A 15 ? 0.8566 0.4649 0.5287 0.1897  -0.0953 -0.1137 15 DA A C6    
301 N N6    . DA A 15 ? 0.9396 0.5441 0.5876 0.2065  -0.0972 -0.1278 15 DA A N6    
302 N N1    . DA A 15 ? 0.8508 0.4545 0.5436 0.1634  -0.1154 -0.1054 15 DA A N1    
303 C C2    . DA A 15 ? 0.7837 0.4120 0.5082 0.1412  -0.1112 -0.0841 15 DA A C2    
304 N N3    . DA A 15 ? 0.7231 0.3813 0.4625 0.1410  -0.0909 -0.0716 15 DA A N3    
305 C C4    . DA A 15 ? 0.8012 0.4624 0.5225 0.1652  -0.0724 -0.0815 15 DA A C4    
306 P P     . DG A 16 ? 0.6245 0.4993 0.4624 0.0937  -0.0099 -0.0248 16 DG A P     
307 O OP1   . DG A 16 ? 0.5808 0.4681 0.4319 0.0731  -0.0233 -0.0117 16 DG A OP1   
308 O OP2   . DG A 16 ? 0.6565 0.5552 0.5030 0.1047  -0.0014 -0.0248 16 DG A OP2   
309 O "O5'" . DG A 16 ? 0.6690 0.5515 0.4986 0.0904  0.0124  -0.0370 16 DG A "O5'" 
310 C "C5'" . DG A 16 ? 0.5792 0.4422 0.3967 0.0873  0.0096  -0.0400 16 DG A "C5'" 
311 C "C4'" . DG A 16 ? 0.5579 0.4278 0.3699 0.0866  0.0339  -0.0485 16 DG A "C4'" 
312 O "O4'" . DG A 16 ? 0.5499 0.4020 0.3490 0.0885  0.0313  -0.0500 16 DG A "O4'" 
313 C "C3'" . DG A 16 ? 0.5722 0.4271 0.3680 0.1024  0.0506  -0.0549 16 DG A "C3'" 
314 O "O3'" . DG A 16 ? 0.6311 0.4990 0.4319 0.0934  0.0745  -0.0590 16 DG A "O3'" 
315 C "C2'" . DG A 16 ? 0.5749 0.3909 0.3419 0.1186  0.0413  -0.0572 16 DG A "C2'" 
316 C "C1'" . DG A 16 ? 0.6989 0.5183 0.4704 0.1075  0.0367  -0.0546 16 DG A "C1'" 
317 N N9    . DG A 16 ? 0.7339 0.5323 0.4915 0.1142  0.0153  -0.0547 16 DG A N9    
318 C C8    . DG A 16 ? 0.6199 0.4253 0.3915 0.1021  -0.0071 -0.0500 16 DG A C8    
319 N N7    . DG A 16 ? 0.5445 0.3304 0.3017 0.1087  -0.0242 -0.0534 16 DG A N7    
320 C C5    . DG A 16 ? 0.7272 0.4928 0.4555 0.1294  -0.0127 -0.0604 16 DG A C5    
321 C C6    . DG A 16 ? 0.7183 0.4631 0.4187 0.1459  -0.0235 -0.0675 16 DG A C6    
322 O O6    . DG A 16 ? 0.7041 0.4445 0.4023 0.1433  -0.0470 -0.0716 16 DG A O6    
323 N N1    . DG A 16 ? 0.7997 0.5324 0.4727 0.1659  -0.0043 -0.0696 16 DG A N1    
324 C C2    . DG A 16 ? 0.6952 0.4335 0.3713 0.1663  0.0224  -0.0651 16 DG A C2    
325 N N2    . DG A 16 ? 0.6917 0.4216 0.3441 0.1819  0.0384  -0.0624 16 DG A N2    
326 N N3    . DG A 16 ? 0.6447 0.4032 0.3499 0.1486  0.0317  -0.0614 16 DG A N3    
327 C C4    . DG A 16 ? 0.7232 0.4949 0.4516 0.1326  0.0127  -0.0595 16 DG A C4    
328 P P     . DT A 17 ? 0.5966 0.4802 0.4016 0.0942  0.0973  -0.0629 17 DT A P     
329 O OP1   . DT A 17 ? 0.5150 0.3853 0.3033 0.1165  0.0924  -0.0627 17 DT A OP1   
330 O OP2   . DT A 17 ? 0.6770 0.5506 0.4787 0.0855  0.1197  -0.0654 17 DT A OP2   
331 O "O5'" . DT A 17 ? 0.5976 0.5296 0.4342 0.0776  0.0958  -0.0644 17 DT A "O5'" 
332 C "C5'" . DT A 17 ? 0.7013 0.6562 0.5553 0.0575  0.0977  -0.0680 17 DT A "C5'" 
333 C "C4'" . DT A 17 ? 0.6311 0.6338 0.5083 0.0483  0.0871  -0.0656 17 DT A "C4'" 
334 O "O4'" . DT A 17 ? 0.5213 0.5502 0.4082 0.0531  0.0946  -0.0673 17 DT A "O4'" 
335 C "C3'" . DT A 17 ? 0.5528 0.5487 0.4274 0.0559  0.0617  -0.0520 17 DT A "C3'" 
336 O "O3'" . DT A 17 ? 0.4071 0.4479 0.3012 0.0427  0.0535  -0.0465 17 DT A "O3'" 
337 C "C2'" . DT A 17 ? 0.4689 0.4530 0.3369 0.0758  0.0575  -0.0487 17 DT A "C2'" 
338 C "C1'" . DT A 17 ? 0.4609 0.4891 0.3458 0.0695  0.0760  -0.0567 17 DT A "C1'" 
339 N N1    . DT A 17 ? 0.6164 0.6414 0.4950 0.0879  0.0845  -0.0594 17 DT A N1    
340 C C2    . DT A 17 ? 0.6398 0.7128 0.5380 0.0907  0.0869  -0.0596 17 DT A C2    
341 O O2    . DT A 17 ? 0.6257 0.7424 0.5442 0.0787  0.0814  -0.0571 17 DT A O2    
342 N N3    . DT A 17 ? 0.5365 0.6119 0.4294 0.1096  0.0962  -0.0627 17 DT A N3    
343 C C4    . DT A 17 ? 0.6264 0.6627 0.4946 0.1257  0.1037  -0.0658 17 DT A C4    
344 O O4    . DT A 17 ? 0.7760 0.8260 0.6410 0.1440  0.1130  -0.0689 17 DT A O4    
345 C C5    . DT A 17 ? 0.7154 0.7002 0.5610 0.1221  0.0997  -0.0649 17 DT A C5    
346 C C7    . DT A 17 ? 0.5982 0.5426 0.4124 0.1406  0.1062  -0.0677 17 DT A C7    
347 C C6    . DT A 17 ? 0.6703 0.6521 0.5236 0.1035  0.0901  -0.0619 17 DT A C6    
348 P P     . DC A 18 ? 0.5076 0.5707 0.4092 0.0251  0.0531  -0.0490 18 DC A P     
349 O OP1   . DC A 18 ? 0.4172 0.5397 0.3378 0.0134  0.0499  -0.0462 18 DC A OP1   
350 O OP2   . DC A 18 ? 0.7661 0.8095 0.6608 0.0217  0.0702  -0.0640 18 DC A OP2   
351 O "O5'" . DC A 18 ? 0.5794 0.6224 0.4747 0.0271  0.0318  -0.0327 18 DC A "O5'" 
352 C "C5'" . DC A 18 ? 0.4832 0.4781 0.3632 0.0407  0.0197  -0.0263 18 DC A "C5'" 
353 C "C4'" . DC A 18 ? 0.6128 0.5961 0.4902 0.0344  0.0057  -0.0189 18 DC A "C4'" 
354 O "O4'" . DC A 18 ? 0.6265 0.5726 0.4855 0.0447  0.0103  -0.0292 18 DC A "O4'" 
355 C "C3'" . DC A 18 ? 0.5262 0.5563 0.4181 0.0179  0.0092  -0.0180 18 DC A "C3'" 
356 O "O3'" . DC A 18 ? 0.6081 0.6423 0.5052 0.0090  -0.0088 -0.0027 18 DC A "O3'" 
357 C "C2'" . DC A 18 ? 0.6403 0.6570 0.5230 0.0229  0.0261  -0.0359 18 DC A "C2'" 
358 C "C1'" . DC A 18 ? 0.6544 0.6184 0.5169 0.0380  0.0189  -0.0352 18 DC A "C1'" 
359 N N1    . DC A 18 ? 0.7268 0.6622 0.5728 0.0501  0.0361  -0.0474 18 DC A N1    
360 C C2    . DC A 18 ? 0.6948 0.5982 0.5221 0.0627  0.0311  -0.0481 18 DC A C2    
361 O O2    . DC A 18 ? 0.5549 0.4579 0.3830 0.0609  0.0115  -0.0415 18 DC A O2    
362 N N3    . DC A 18 ? 0.7206 0.5962 0.5297 0.0756  0.0475  -0.0546 18 DC A N3    
363 C C4    . DC A 18 ? 0.6326 0.5098 0.4449 0.0724  0.0688  -0.0605 18 DC A C4    
364 N N4    . DC A 18 ? 0.6147 0.4619 0.4092 0.0829  0.0857  -0.0626 18 DC A N4    
365 C C5    . DC A 18 ? 0.6476 0.5603 0.4822 0.0571  0.0732  -0.0633 18 DC A C5    
366 C C6    . DC A 18 ? 0.6490 0.5909 0.4982 0.0483  0.0562  -0.0564 18 DC A C6    
367 P P     . DC A 19 ? 0.5946 0.6890 0.5089 -0.0086 -0.0102 0.0063  19 DC A P     
368 O OP1   . DC A 19 ? 0.6246 0.7209 0.5473 -0.0196 -0.0302 0.0320  19 DC A OP1   
369 O OP2   . DC A 19 ? 0.5629 0.7008 0.4842 -0.0118 0.0058  -0.0052 19 DC A OP2   
370 O "O5'" . DC A 19 ? 0.4800 0.5732 0.3912 -0.0072 -0.0081 -0.0030 19 DC A "O5'" 
371 C "C5'" . DC A 19 ? 0.4609 0.5186 0.3649 -0.0037 -0.0224 0.0016  19 DC A "C5'" 
372 C "C4'" . DC A 19 ? 0.5435 0.6010 0.4413 0.0058  -0.0154 -0.0119 19 DC A "C4'" 
373 O "O4'" . DC A 19 ? 0.5477 0.5660 0.4269 0.0235  -0.0005 -0.0278 19 DC A "O4'" 
374 C "C3'" . DC A 19 ? 0.6000 0.7128 0.5108 0.0011  -0.0039 -0.0178 19 DC A "C3'" 
375 O "O3'" . DC A 19 ? 0.6374 0.7635 0.5508 0.0046  -0.0100 -0.0180 19 DC A "O3'" 
376 C "C2'" . DC A 19 ? 0.4815 0.5763 0.3818 0.0136  0.0175  -0.0383 19 DC A "C2'" 
377 C "C1'" . DC A 19 ? 0.6093 0.6452 0.4894 0.0290  0.0152  -0.0405 19 DC A "C1'" 
378 N N1    . DC A 19 ? 0.5288 0.5311 0.3956 0.0399  0.0340  -0.0534 19 DC A N1    
379 C C2    . DC A 19 ? 0.6186 0.5777 0.4647 0.0577  0.0383  -0.0568 19 DC A C2    
380 O O2    . DC A 19 ? 0.7366 0.6902 0.5761 0.0652  0.0244  -0.0515 19 DC A O2    
381 N N3    . DC A 19 ? 0.6856 0.6133 0.5196 0.0653  0.0573  -0.0646 19 DC A N3    
382 C C4    . DC A 19 ? 0.5737 0.5139 0.4187 0.0538  0.0706  -0.0718 19 DC A C4    
383 N N4    . DC A 19 ? 0.5427 0.4529 0.3784 0.0577  0.0896  -0.0783 19 DC A N4    
384 C C5    . DC A 19 ? 0.5673 0.5554 0.4334 0.0368  0.0649  -0.0714 19 DC A C5    
385 C C6    . DC A 19 ? 0.6183 0.6350 0.4931 0.0315  0.0471  -0.0606 19 DC A C6    
386 P P     . DG A 20 ? 0.7021 0.8847 0.6374 -0.0144 -0.0240 -0.0003 20 DG A P     
387 O OP1   . DG A 20 ? 0.6727 0.8364 0.6127 -0.0309 -0.0415 0.0200  20 DG A OP1   
388 O OP2   . DG A 20 ? 0.4888 0.7321 0.4356 -0.0181 -0.0104 -0.0050 20 DG A OP2   
389 O "O5'" . DG A 20 ? 0.5115 0.6927 0.4456 -0.0048 -0.0328 -0.0043 20 DG A "O5'" 
390 C "C5'" . DG A 20 ? 0.4424 0.5779 0.3666 -0.0036 -0.0499 -0.0011 20 DG A "C5'" 
391 C "C4'" . DG A 20 ? 0.4917 0.6137 0.4025 0.0188  -0.0498 -0.0140 20 DG A "C4'" 
392 O "O4'" . DG A 20 ? 0.7410 0.8183 0.6278 0.0415  -0.0321 -0.0277 20 DG A "O4'" 
393 C "C3'" . DG A 20 ? 0.5747 0.7548 0.4997 0.0252  -0.0457 -0.0172 20 DG A "C3'" 
394 O "O3'" . DG A 20 ? 0.5877 0.7617 0.5053 0.0392  -0.0574 -0.0211 20 DG A "O3'" 
395 C "C2'" . DG A 20 ? 0.6341 0.8045 0.5481 0.0448  -0.0212 -0.0322 20 DG A "C2'" 
396 C "C1'" . DG A 20 ? 0.6213 0.7194 0.5081 0.0585  -0.0170 -0.0379 20 DG A "C1'" 
397 N N9    . DG A 20 ? 0.6054 0.6792 0.4834 0.0645  0.0049  -0.0482 20 DG A N9    
398 C C8    . DG A 20 ? 0.5861 0.6858 0.4770 0.0500  0.0146  -0.0507 20 DG A C8    
399 N N7    . DG A 20 ? 0.6253 0.6965 0.5068 0.0562  0.0328  -0.0631 20 DG A N7    
400 C C5    . DG A 20 ? 0.5453 0.5656 0.4053 0.0763  0.0371  -0.0657 20 DG A C5    
401 C C6    . DG A 20 ? 0.5752 0.5475 0.4187 0.0877  0.0559  -0.0741 20 DG A C6    
402 O O6    . DG A 20 ? 0.5946 0.5597 0.4417 0.0802  0.0721  -0.0842 20 DG A O6    
403 N N1    . DG A 20 ? 0.5722 0.5056 0.3936 0.1083  0.0547  -0.0693 20 DG A N1    
404 C C2    . DG A 20 ? 0.5608 0.5034 0.3770 0.1168  0.0357  -0.0612 20 DG A C2    
405 N N2    . DG A 20 ? 0.5467 0.4528 0.3380 0.1386  0.0369  -0.0578 20 DG A N2    
406 N N3    . DG A 20 ? 0.5653 0.5528 0.4000 0.1036  0.0168  -0.0560 20 DG A N3    
407 C C4    . DG A 20 ? 0.4821 0.5051 0.3381 0.0834  0.0196  -0.0570 20 DG A C4    
408 P P     . DT A 21 ? 0.7673 1.0090 0.7036 0.0463  -0.0613 -0.0217 21 DT A P     
409 O OP1   . DT A 21 ? 0.8429 1.0976 0.7893 0.0311  -0.0871 -0.0144 21 DT A OP1   
410 O OP2   . DT A 21 ? 0.6690 0.9690 0.6255 0.0393  -0.0475 -0.0204 21 DT A OP2   
411 O "O5'" . DT A 21 ? 0.6647 0.8762 0.5765 0.0849  -0.0505 -0.0352 21 DT A "O5'" 
412 C "C5'" . DT A 21 ? 0.5978 0.7549 0.4834 0.0978  -0.0587 -0.0375 21 DT A "C5'" 
413 C "C4'" . DT A 21 ? 0.5465 0.6616 0.4049 0.1317  -0.0402 -0.0453 21 DT A "C4'" 
414 O "O4'" . DT A 21 ? 0.7241 0.8099 0.5784 0.1288  -0.0180 -0.0500 21 DT A "O4'" 
415 C "C3'" . DT A 21 ? 0.6700 0.8206 0.5328 0.1591  -0.0348 -0.0493 21 DT A "C3'" 
416 O "O3'" . DT A 21 ? 0.7542 0.8758 0.5912 0.1867  -0.0395 -0.0484 21 DT A "O3'" 
417 C "C2'" . DT A 21 ? 0.7063 0.8392 0.5676 0.1689  -0.0082 -0.0580 21 DT A "C2'" 
418 C "C1'" . DT A 21 ? 0.7725 0.8447 0.6168 0.1560  0.0004  -0.0575 21 DT A "C1'" 
419 N N1    . DT A 21 ? 0.7323 0.7964 0.5834 0.1459  0.0203  -0.0661 21 DT A N1    
420 C C2    . DT A 21 ? 0.6999 0.7066 0.5320 0.1578  0.0402  -0.0722 21 DT A C2    
421 O O2    . DT A 21 ? 0.7570 0.7188 0.5652 0.1789  0.0441  -0.0679 21 DT A O2    
422 N N3    . DT A 21 ? 0.6085 0.6160 0.4509 0.1432  0.0556  -0.0829 21 DT A N3    
423 C C4    . DT A 21 ? 0.5753 0.6369 0.4412 0.1217  0.0529  -0.0869 21 DT A C4    
424 O O4    . DT A 21 ? 0.6497 0.7135 0.5218 0.1107  0.0661  -0.0987 21 DT A O4    
425 C C5    . DT A 21 ? 0.6052 0.7240 0.4880 0.1116  0.0330  -0.0758 21 DT A C5    
426 C C7    . DT A 21 ? 0.4834 0.6657 0.3902 0.0879  0.0295  -0.0735 21 DT A C7    
427 C C6    . DT A 21 ? 0.5467 0.6626 0.4231 0.1222  0.0179  -0.0665 21 DT A C6    
428 P P     . DC A 22 ? 0.7778 0.9413 0.6174 0.2192  -0.0436 -0.0489 22 DC A P     
429 O OP1   . DC A 22 ? 0.9976 1.1827 0.8331 0.2190  -0.0701 -0.0453 22 DC A OP1   
430 O OP2   . DC A 22 ? 0.7362 0.9603 0.6070 0.2163  -0.0360 -0.0536 22 DC A OP2   
431 O "O5'" . DC A 22 ? 1.0004 1.0972 0.8059 0.2558  -0.0227 -0.0486 22 DC A "O5'" 
432 C "C5'" . DC A 22 ? 1.0516 1.0814 0.8397 0.2482  -0.0033 -0.0494 22 DC A "C5'" 
433 C "C4'" . DC A 22 ? 0.9862 0.9736 0.7601 0.2765  0.0209  -0.0513 22 DC A "C4'" 
434 O "O4'" . DC A 22 ? 1.0007 0.9754 0.7891 0.2571  0.0394  -0.0622 22 DC A "O4'" 
435 C "C3'" . DC A 22 ? 0.9886 1.0139 0.7714 0.3089  0.0196  -0.0533 22 DC A "C3'" 
436 O "O3'" . DC A 22 ? 1.0578 1.0240 0.8147 0.3440  0.0367  -0.0483 22 DC A "O3'" 
437 C "C2'" . DC A 22 ? 0.7798 0.8464 0.5941 0.2923  0.0277  -0.0675 22 DC A "C2'" 
438 C "C1'" . DC A 22 ? 0.9359 0.9422 0.7416 0.2725  0.0471  -0.0730 22 DC A "C1'" 
439 N N1    . DC A 22 ? 0.8410 0.8849 0.6728 0.2429  0.0514  -0.0854 22 DC A N1    
440 C C2    . DC A 22 ? 0.8051 0.8076 0.6342 0.2289  0.0700  -0.0955 22 DC A C2    
441 O O2    . DC A 22 ? 0.8758 0.8099 0.6839 0.2371  0.0843  -0.0940 22 DC A O2    
442 N N3    . DC A 22 ? 0.7152 0.7637 0.5672 0.2036  0.0714  -0.1061 22 DC A N3    
443 C C4    . DC A 22 ? 0.7738 0.9025 0.6500 0.1908  0.0578  -0.1045 22 DC A C4    
444 N N4    . DC A 22 ? 0.6776 0.8468 0.5705 0.1693  0.0608  -0.1115 22 DC A N4    
445 C C5    . DC A 22 ? 0.8817 1.0483 0.7625 0.2034  0.0399  -0.0927 22 DC A C5    
446 C C6    . DC A 22 ? 0.7685 0.8927 0.6275 0.2290  0.0367  -0.0854 22 DC A C6    
447 P P     . DG A 23 ? 1.1958 1.1829 0.9463 0.3917  0.0319  -0.0426 23 DG A P     
448 O OP1   . DG A 23 ? 1.3091 1.3013 1.0369 0.4010  0.0130  -0.0279 23 DG A OP1   
449 O OP2   . DG A 23 ? 0.7867 0.8474 0.5708 0.3981  0.0277  -0.0556 23 DG A OP2   
450 O "O5'" . DG A 23 ? 0.9756 0.8801 0.7056 0.4046  0.0552  -0.0357 23 DG A "O5'" 
451 C "C5'" . DG A 23 ? 0.8345 0.6683 0.5447 0.3846  0.0696  -0.0275 23 DG A "C5'" 
452 C "C4'" . DG A 23 ? 0.9930 0.7776 0.7141 0.3700  0.0916  -0.0352 23 DG A "C4'" 
453 O "O4'" . DG A 23 ? 1.0341 0.8471 0.7842 0.3421  0.0953  -0.0576 23 DG A "O4'" 
454 C "C3'" . DG A 23 ? 0.9093 0.6830 0.6343 0.3963  0.0968  -0.0360 23 DG A "C3'" 
455 O "O3'" . DG A 23 ? 1.0595 0.7569 0.7735 0.3902  0.1160  -0.0291 23 DG A "O3'" 
456 C "C2'" . DG A 23 ? 0.9697 0.7939 0.7296 0.3878  0.0965  -0.0620 23 DG A "C2'" 
457 C "C1'" . DG A 23 ? 0.9462 0.7672 0.7170 0.3485  0.1028  -0.0736 23 DG A "C1'" 
458 N N9    . DG A 23 ? 0.9473 0.8396 0.7443 0.3349  0.0964  -0.0926 23 DG A N9    
459 C C8    . DG A 23 ? 0.8807 0.8526 0.6892 0.3480  0.0799  -0.0937 23 DG A C8    
460 N N7    . DG A 23 ? 0.8893 0.9194 0.7211 0.3279  0.0790  -0.1092 23 DG A N7    
461 C C5    . DG A 23 ? 0.8290 0.8130 0.6625 0.3016  0.0948  -0.1203 23 DG A C5    
462 C C6    . DG A 23 ? 0.7401 0.7574 0.5918 0.2731  0.1004  -0.1378 23 DG A C6    
463 O O6    . DG A 23 ? 0.6203 0.7163 0.4903 0.2636  0.0929  -0.1443 23 DG A O6    
464 N N1    . DG A 23 ? 0.6922 0.6491 0.5408 0.2533  0.1159  -0.1468 23 DG A N1    
465 C C2    . DG A 23 ? 0.7353 0.6133 0.5692 0.2578  0.1256  -0.1388 23 DG A C2    
466 N N2    . DG A 23 ? 0.9059 0.7451 0.7448 0.2344  0.1392  -0.1515 23 DG A N2    
467 N N3    . DG A 23 ? 0.8399 0.6858 0.6554 0.2830  0.1214  -0.1191 23 DG A N3    
468 C C4    . DG A 23 ? 0.8822 0.7830 0.6970 0.3048  0.1056  -0.1113 23 DG A C4    
469 P P     . DG A 24 ? 1.2795 0.9380 0.9972 0.4120  0.1267  -0.0316 24 DG A P     
470 O OP1   . DG A 24 ? 1.2946 0.8767 0.9878 0.4083  0.1421  -0.0116 24 DG A OP1   
471 O OP2   . DG A 24 ? 1.0877 0.7913 0.8070 0.4488  0.1138  -0.0305 24 DG A OP2   
472 O "O5'" . DG A 24 ? 1.2779 0.9391 1.0298 0.3877  0.1363  -0.0633 24 DG A "O5'" 
473 C "C5'" . DG A 24 ? 1.2036 0.8197 0.9606 0.3548  0.1507  -0.0709 24 DG A "C5'" 
474 C "C4'" . DG A 24 ? 1.0217 0.6426 0.8092 0.3422  0.1580  -0.1043 24 DG A "C4'" 
475 O "O4'" . DG A 24 ? 1.1075 0.8041 0.9149 0.3292  0.1492  -0.1225 24 DG A "O4'" 
476 C "C3'" . DG A 24 ? 1.0200 0.6283 0.8154 0.3729  0.1599  -0.1143 24 DG A "C3'" 
477 O "O3'" . DG A 24 ? 1.0585 0.6211 0.8696 0.3595  0.1724  -0.1375 24 DG A "O3'" 
478 C "C2'" . DG A 24 ? 0.9753 0.6689 0.7889 0.3831  0.1486  -0.1302 24 DG A "C2'" 
479 C "C1'" . DG A 24 ? 1.0151 0.7461 0.8418 0.3454  0.1485  -0.1439 24 DG A "C1'" 
480 N N9    . DG A 24 ? 0.9331 0.7505 0.7689 0.3466  0.1355  -0.1467 24 DG A N9    
481 C C8    . DG A 24 ? 0.9101 0.7747 0.7378 0.3717  0.1199  -0.1295 24 DG A C8    
482 N N7    . DG A 24 ? 0.7867 0.7323 0.6298 0.3648  0.1096  -0.1368 24 DG A N7    
483 C C5    . DG A 24 ? 0.8719 0.8218 0.7298 0.3338  0.1199  -0.1577 24 DG A C5    
484 C C6    . DG A 24 ? 0.8245 0.8489 0.6999 0.3135  0.1155  -0.1700 24 DG A C6    
485 O O6    . DG A 24 ? 0.8017 0.9063 0.6872 0.3169  0.1019  -0.1646 24 DG A O6    
486 N N1    . DG A 24 ? 0.7816 0.7867 0.6640 0.2853  0.1287  -0.1894 24 DG A N1    
487 C C2    . DG A 24 ? 0.8443 0.7713 0.7225 0.2767  0.1441  -0.1996 24 DG A C2    
488 N N2    . DG A 24 ? 0.8522 0.7795 0.7392 0.2488  0.1548  -0.2210 24 DG A N2    
489 N N3    . DG A 24 ? 0.7978 0.6562 0.6643 0.2940  0.1476  -0.1885 24 DG A N3    
490 C C4    . DG A 24 ? 0.8555 0.7283 0.7099 0.3227  0.1355  -0.1661 24 DG A C4    
491 P P     . DC A 25 ? 1.4444 0.9488 1.2561 0.3883  0.1791  -0.1417 25 DC A P     
492 O OP1   . DC A 25 ? 1.4620 0.8827 1.2595 0.3717  0.1913  -0.1283 25 DC A OP1   
493 O OP2   . DC A 25 ? 1.1454 0.6745 0.9473 0.4305  0.1704  -0.1265 25 DC A OP2   
494 O "O5'" . DC A 25 ? 1.2193 0.7495 1.0641 0.3822  0.1822  -0.1868 25 DC A "O5'" 
495 C "C5'" . DC A 25 ? 1.1257 0.7419 0.9859 0.3852  0.1759  -0.2024 25 DC A "C5'" 
496 C "C4'" . DC A 25 ? 1.0322 0.6780 0.9153 0.3521  0.1817  -0.2380 25 DC A "C4'" 
497 O "O4'" . DC A 25 ? 0.9526 0.6761 0.8367 0.3362  0.1749  -0.2328 25 DC A "O4'" 
498 C "C3'" . DC A 25 ? 1.0658 0.7275 0.9705 0.3627  0.1899  -0.2742 25 DC A "C3'" 
499 O "O3'" . DC A 25 ? 1.0570 0.7184 0.9786 0.3301  0.1977  -0.3081 25 DC A "O3'" 
500 C "C2'" . DC A 25 ? 1.0176 0.7686 0.9205 0.3753  0.1832  -0.2673 25 DC A "C2'" 
501 C "C1'" . DC A 25 ? 0.9407 0.7291 0.8367 0.3460  0.1753  -0.2504 25 DC A "C1'" 
502 N N1    . DC A 25 ? 0.8955 0.7521 0.7830 0.3612  0.1592  -0.2263 25 DC A N1    
503 C C2    . DC A 25 ? 0.8355 0.7744 0.7307 0.3450  0.1522  -0.2303 25 DC A C2    
504 O O2    . DC A 25 ? 0.8226 0.7741 0.7253 0.3196  0.1607  -0.2509 25 DC A O2    
505 N N3    . DC A 25 ? 0.7967 0.8025 0.6905 0.3575  0.1351  -0.2108 25 DC A N3    
506 C C4    . DC A 25 ? 0.8165 0.8091 0.6985 0.3859  0.1262  -0.1895 25 DC A C4    
507 N N4    . DC A 25 ? 0.7789 0.8441 0.6625 0.3958  0.1093  -0.1743 25 DC A N4    
508 C C5    . DC A 25 ? 0.8790 0.7867 0.7470 0.4042  0.1337  -0.1820 25 DC A C5    
509 C C6    . DC A 25 ? 0.9167 0.7584 0.7893 0.3907  0.1498  -0.2000 25 DC A C6    
# 
